data_7KAN
#
_entry.id   7KAN
#
_cell.length_a   1.00
_cell.length_b   1.00
_cell.length_c   1.00
_cell.angle_alpha   90.00
_cell.angle_beta   90.00
_cell.angle_gamma   90.00
#
_symmetry.space_group_name_H-M   'P 1'
#
loop_
_entity.id
_entity.type
_entity.pdbx_description
1 polymer 'Protein transport channel Sec61 complex, alpha subunit (Sec61)'
2 polymer 'Protein transport channel Sec61 complex, gamma subunit (Sss1)'
3 polymer 'Protein transport channel Sec61 complex, beta subunit (Sbh1)'
4 polymer 'Protein transport protein Sec63'
5 polymer 'Protein transport protein Sec66/Sec71'
6 polymer 'Protein transport protein Sec72'
7 non-polymer 1,2-DIACYL-SN-GLYCERO-3-PHOSPHOCHOLINE
#
loop_
_entity_poly.entity_id
_entity_poly.type
_entity_poly.pdbx_seq_one_letter_code
_entity_poly.pdbx_strand_id
1 'polypeptide(L)'
;MSGLRFLDLIKPFTPLLPEVAAPETKVPFNQKLMWTGLTLLIFLVMSQMPLYGIVSSDTSDPLYWLRMMLASNRGTLMEL
GITPIISSGMVFQLLAGTHLIDVNLDLKTDRELYQTAQKLFAIILSFGQACVHVLTGLYGQPSDLGAGICVLLIVQLVVA
GLVVILLDELLQKGYGLGSGISLFIATNICESIVWKAFSPTTINTGRGPEFEGAIIALFHLLLTWPDKQRALREAFYRQS
LPNIMNLLATLLVFAAVIYLQGFRVEIPVKSARQRGVRGSYPVRLFYTSNMPIMLQSALCSNVFLISQMLYSRFSDNLLV
RLLGVWEPREGSAQLHAASGIAYYMSPPLNFKEALLDPVHTVVYITFMLVACALFSKTWIEVSGSSPRDVAKQLKDQGLV
MAGHREQSMYKELKRVIPTAAAFGGACIGALSVASDLLGALGSGTGILLAVTIIYGYFEMAAREGDFGQGLRGLVPGNGS
;
A
2 'polypeptide(L)' MSEQVQELLDIPRDFLKDGMQFIHKCQKPDRKEFKKVCQAVAIGFVAMGAIGYIVKLVHIPINNILVAGS C
3 'polypeptide(L)'
;MASSGAESGSESKSPNPGAGSGPGSASGSSAGVIRPSSPTPPGGPRAAIRRRAAADHKESLRNARPSSTRAAGAGGSSGT
MLKLYTDESPGLRVDPVVVLVLSLCFIFSVVGLHVIAKITRKFSS
;
B
4 'polypeptide(L)'
;GGSGGSGGSGGSGGSMSSREYNYDENGQFFPFFVLTLTGLVTLPLTYSLLKPPKKVESTAPRIKSDFKPQHDDIIQNQKR
KRLRKERRVKRAIAVVVGWAIIGYMVYLIIVTRRTAPKIWDPYEILGISRSADERAIARRYKRLSLLYHPDKVRPDPSKN
ETMEMLNQRFVELTKAYKALTDEEIRNNYLQYGHPDGKQSYSIGIALPKLIIEEGSGKYVLMLYASLLGILLPYIVGRWW
YGSQRYTREKVLAASAGNMFREYEGTMIGGPIVNALSTGEEYKEMLSGPKAEEGLAKVEKKVLALDEKILSAKDREVLRK
IDNPVRRKALALLWAYLNRIDLEDPVLNEEKYEAGSIALSLTESFTAIALAFGNLIPIIGAYRISQCIVQAISPGSSPLL
QLPYFTPKVVESVEGADVKTHLSVQKYLDMPEERRRSLTVGPGLLTEDQYNSAIAVAKQLPLFAISKAFFKVAGERVVTP
SSLVQLVIKGRIIPPGSTGVPDVTEKDLEDIDPDEADVNAIIGRKGATKPSGKSGDENDGDRVQPPLAHAPYLPRDHPPR
WHIFLADAKQGKIAVPPFTFTTFDKPIFDEQGKPTFNMQTLRMQFQAPPQVGNFSFVLHMISDSYMGFDVKQEITLQVED
PSKAAVLQEEDDISEPDEDSIAGQMQALKTGVPPKKKKVVESDDDESDTEGDEEDTSETDTETDTDEEGSGTGENLYFQ
;
D
5 'polypeptide(L)'
;MDWLTLVVPFAYLGVLIGCLATFSSLYRRRKAAKAASLEPWFPPHLQRDIYHSLLHLDQQQQNEKKTRVPETVLKAALLR
RAAEDIKRVMAIREQKQALALLLQRGSVGDELWQRFLRAEKEMEDEVRDVVAEANSYAPNWGQVIFQSAREMDANATYRA
RMEEYQATVAEERAWWDKKRASIQEGFMKELDAEKERPATAASTATNTTSTTSDDDAVLVEAEKEGTSSPAPGKKKKKGK
KGS
;
E
6 'polypeptide(L)'
;MSSDLDTYTHYPLHLDPSSKAVSLATTEGQTPAQTEAVEAELQQLNALHRSLISLDPPNVPPPPLPINPKRSAQITKLKE
TANTAYKRGNHGEAVRLYSYAIEMAAGRPGWEPVNLAREELSGLYANRAQAHMAQQMWPEGWVDAKCSVESKPVGNAKGW
WRGGKCLVEMGRYDEARAWIEQALGIEGPASDGGKELAALLEEIKAGSQRRQGS
;
F
#
# COMPACT_ATOMS: atom_id res chain seq x y z
N LEU A 9 40.04 -4.75 13.42
CA LEU A 9 40.95 -5.78 12.93
C LEU A 9 40.25 -6.72 11.97
N ILE A 10 38.95 -6.51 11.80
CA ILE A 10 38.14 -7.31 10.88
C ILE A 10 37.55 -6.39 9.82
N LYS A 11 38.19 -5.23 9.64
CA LYS A 11 37.67 -4.25 8.69
C LYS A 11 37.83 -4.70 7.23
N PRO A 12 39.00 -5.14 6.77
CA PRO A 12 39.17 -5.40 5.32
C PRO A 12 38.26 -6.51 4.79
N PHE A 13 37.79 -7.42 5.64
CA PHE A 13 36.92 -8.50 5.18
C PHE A 13 35.48 -8.05 4.96
N THR A 14 35.14 -6.81 5.29
CA THR A 14 33.74 -6.39 5.20
C THR A 14 33.24 -6.28 3.76
N PRO A 15 33.90 -5.53 2.86
CA PRO A 15 33.29 -5.31 1.54
C PRO A 15 33.26 -6.53 0.65
N LEU A 16 33.91 -7.64 1.03
CA LEU A 16 34.01 -8.78 0.14
C LEU A 16 32.73 -9.62 0.08
N LEU A 17 32.02 -9.73 1.20
CA LEU A 17 30.89 -10.63 1.29
C LEU A 17 29.71 -10.17 0.44
N PRO A 18 29.07 -11.07 -0.30
CA PRO A 18 27.78 -10.72 -0.93
C PRO A 18 26.71 -10.49 0.12
N GLU A 19 25.82 -9.54 -0.15
CA GLU A 19 24.78 -9.18 0.80
C GLU A 19 23.57 -8.65 0.05
N VAL A 20 22.38 -9.12 0.43
CA VAL A 20 21.16 -8.67 -0.22
C VAL A 20 20.92 -7.21 0.10
N ALA A 21 20.54 -6.44 -0.92
CA ALA A 21 20.32 -5.01 -0.74
C ALA A 21 19.10 -4.75 0.14
N ALA A 22 19.07 -3.56 0.73
CA ALA A 22 17.97 -3.18 1.58
C ALA A 22 16.73 -2.85 0.76
N PRO A 23 15.54 -2.96 1.33
CA PRO A 23 14.33 -2.60 0.60
C PRO A 23 14.25 -1.10 0.38
N GLU A 24 13.76 -0.70 -0.81
CA GLU A 24 13.66 0.72 -1.12
C GLU A 24 12.71 1.43 -0.18
N THR A 25 11.46 0.97 -0.13
CA THR A 25 10.45 1.50 0.79
C THR A 25 9.77 0.33 1.48
N LYS A 26 8.71 0.61 2.21
CA LYS A 26 7.93 -0.47 2.81
C LYS A 26 7.22 -1.26 1.72
N VAL A 27 7.45 -2.57 1.70
CA VAL A 27 6.88 -3.44 0.67
C VAL A 27 5.48 -3.84 1.09
N PRO A 28 4.55 -4.04 0.15
CA PRO A 28 3.18 -4.41 0.52
C PRO A 28 3.10 -5.82 1.09
N PHE A 29 1.88 -6.27 1.38
CA PHE A 29 1.70 -7.59 1.96
C PHE A 29 1.61 -8.69 0.91
N ASN A 30 0.96 -8.42 -0.22
CA ASN A 30 0.85 -9.44 -1.26
C ASN A 30 2.22 -9.80 -1.84
N GLN A 31 3.04 -8.79 -2.11
CA GLN A 31 4.39 -9.06 -2.60
C GLN A 31 5.22 -9.81 -1.58
N LYS A 32 5.05 -9.48 -0.30
CA LYS A 32 5.77 -10.20 0.76
C LYS A 32 5.38 -11.66 0.80
N LEU A 33 4.06 -11.92 0.76
CA LEU A 33 3.58 -13.30 0.76
C LEU A 33 4.07 -14.06 -0.47
N MET A 34 4.12 -13.37 -1.62
CA MET A 34 4.62 -14.01 -2.83
C MET A 34 6.09 -14.38 -2.69
N TRP A 35 6.90 -13.46 -2.17
CA TRP A 35 8.31 -13.75 -1.95
C TRP A 35 8.48 -14.95 -1.03
N THR A 36 7.72 -14.97 0.08
CA THR A 36 7.85 -16.08 1.02
C THR A 36 7.46 -17.41 0.38
N GLY A 37 6.33 -17.44 -0.31
CA GLY A 37 5.91 -18.68 -0.96
C GLY A 37 6.89 -19.14 -2.01
N LEU A 38 7.48 -18.20 -2.75
CA LEU A 38 8.41 -18.57 -3.82
C LEU A 38 9.70 -19.13 -3.23
N THR A 39 10.25 -18.48 -2.20
CA THR A 39 11.42 -19.05 -1.55
C THR A 39 11.12 -20.40 -0.93
N LEU A 40 9.90 -20.60 -0.42
CA LEU A 40 9.55 -21.90 0.14
C LEU A 40 9.52 -22.97 -0.94
N LEU A 41 8.92 -22.67 -2.10
CA LEU A 41 8.90 -23.62 -3.20
C LEU A 41 10.31 -23.93 -3.67
N ILE A 42 11.18 -22.92 -3.71
CA ILE A 42 12.57 -23.15 -4.11
C ILE A 42 13.27 -24.06 -3.10
N PHE A 43 13.06 -23.79 -1.81
CA PHE A 43 13.62 -24.64 -0.77
C PHE A 43 13.18 -26.09 -0.96
N LEU A 44 11.90 -26.30 -1.24
CA LEU A 44 11.38 -27.66 -1.35
C LEU A 44 11.95 -28.35 -2.58
N VAL A 45 11.87 -27.71 -3.75
CA VAL A 45 12.40 -28.30 -4.97
C VAL A 45 13.89 -28.53 -4.89
N MET A 46 14.59 -27.77 -4.05
CA MET A 46 16.03 -28.01 -3.86
C MET A 46 16.27 -29.19 -2.94
N SER A 47 15.47 -29.33 -1.87
CA SER A 47 15.64 -30.45 -0.96
C SER A 47 15.19 -31.77 -1.58
N GLN A 48 14.43 -31.74 -2.67
CA GLN A 48 13.96 -32.96 -3.31
C GLN A 48 14.79 -33.38 -4.52
N MET A 49 16.09 -33.05 -4.52
CA MET A 49 16.93 -33.38 -5.66
C MET A 49 18.15 -34.19 -5.23
N PRO A 50 18.54 -35.20 -6.00
CA PRO A 50 19.67 -36.05 -5.60
C PRO A 50 21.01 -35.43 -5.96
N LEU A 51 22.02 -35.75 -5.15
CA LEU A 51 23.38 -35.33 -5.40
C LEU A 51 24.00 -36.17 -6.51
N TYR A 52 25.28 -35.95 -6.78
CA TYR A 52 25.96 -36.68 -7.85
C TYR A 52 26.90 -37.77 -7.35
N GLY A 53 27.71 -37.48 -6.34
CA GLY A 53 28.72 -38.43 -5.89
C GLY A 53 28.19 -39.66 -5.18
N ILE A 54 26.88 -39.84 -5.12
CA ILE A 54 26.30 -40.95 -4.37
C ILE A 54 26.63 -42.26 -5.07
N VAL A 55 27.29 -43.17 -4.35
CA VAL A 55 27.60 -44.50 -4.84
C VAL A 55 27.03 -45.59 -3.93
N SER A 56 27.16 -45.43 -2.62
CA SER A 56 26.67 -46.41 -1.65
C SER A 56 25.80 -45.67 -0.64
N SER A 57 24.48 -45.78 -0.79
CA SER A 57 23.53 -45.13 0.10
C SER A 57 22.83 -46.11 1.02
N ASP A 58 23.28 -47.37 1.06
CA ASP A 58 22.66 -48.40 1.89
C ASP A 58 23.51 -48.58 3.14
N THR A 59 23.25 -47.76 4.15
CA THR A 59 23.95 -47.84 5.42
C THR A 59 23.09 -47.21 6.49
N SER A 60 23.44 -47.48 7.75
CA SER A 60 22.73 -46.88 8.87
C SER A 60 22.97 -45.37 8.87
N ASP A 61 21.88 -44.62 8.85
CA ASP A 61 21.96 -43.17 8.72
C ASP A 61 22.45 -42.53 10.01
N PRO A 62 23.65 -41.95 10.04
CA PRO A 62 24.08 -41.24 11.24
C PRO A 62 23.23 -40.00 11.48
N LEU A 63 23.08 -39.63 12.75
CA LEU A 63 22.25 -38.52 13.19
C LEU A 63 20.87 -38.57 12.51
N TYR A 64 20.19 -39.69 12.71
CA TYR A 64 18.87 -39.91 12.12
C TYR A 64 17.75 -39.31 12.95
N TRP A 65 17.99 -38.99 14.22
CA TRP A 65 16.99 -38.35 15.07
C TRP A 65 17.03 -36.84 15.00
N LEU A 66 17.85 -36.26 14.11
CA LEU A 66 17.92 -34.82 13.95
C LEU A 66 17.32 -34.33 12.64
N ARG A 67 16.90 -35.23 11.76
CA ARG A 67 16.36 -34.81 10.47
C ARG A 67 15.12 -33.95 10.64
N MET A 68 14.13 -34.44 11.40
CA MET A 68 12.89 -33.69 11.58
C MET A 68 13.14 -32.38 12.32
N MET A 69 14.06 -32.39 13.29
CA MET A 69 14.32 -31.20 14.08
C MET A 69 15.08 -30.13 13.31
N LEU A 70 15.94 -30.54 12.37
CA LEU A 70 16.71 -29.62 11.56
C LEU A 70 16.17 -29.48 10.14
N ALA A 71 15.06 -30.14 9.82
CA ALA A 71 14.41 -30.00 8.52
C ALA A 71 15.39 -30.25 7.37
N SER A 72 16.09 -31.36 7.44
CA SER A 72 17.07 -31.75 6.43
C SER A 72 16.61 -33.03 5.74
N ASN A 73 17.45 -33.53 4.85
CA ASN A 73 17.17 -34.78 4.16
C ASN A 73 18.49 -35.42 3.79
N ARG A 74 18.51 -36.76 3.82
CA ARG A 74 19.74 -37.52 3.58
C ARG A 74 19.84 -37.90 2.12
N GLY A 75 21.02 -37.69 1.53
CA GLY A 75 21.23 -38.03 0.14
C GLY A 75 20.72 -37.04 -0.86
N THR A 76 20.49 -35.80 -0.45
CA THR A 76 19.99 -34.76 -1.35
C THR A 76 20.91 -33.54 -1.26
N LEU A 77 20.53 -32.48 -1.98
CA LEU A 77 21.30 -31.24 -1.93
C LEU A 77 21.18 -30.56 -0.58
N MET A 78 20.13 -30.88 0.18
CA MET A 78 19.86 -30.22 1.46
C MET A 78 20.32 -31.05 2.65
N GLU A 79 21.45 -31.75 2.51
CA GLU A 79 21.93 -32.59 3.60
C GLU A 79 22.25 -31.80 4.85
N LEU A 80 22.64 -30.52 4.72
CA LEU A 80 23.06 -29.72 5.86
C LEU A 80 22.39 -28.37 5.92
N GLY A 81 21.33 -28.15 5.14
CA GLY A 81 20.95 -26.80 4.75
C GLY A 81 20.87 -25.79 5.88
N ILE A 82 20.04 -26.08 6.89
CA ILE A 82 19.76 -25.04 7.87
C ILE A 82 20.78 -25.03 9.01
N THR A 83 21.63 -26.04 9.10
CA THR A 83 22.61 -26.09 10.18
C THR A 83 23.56 -24.89 10.22
N PRO A 84 24.11 -24.39 9.09
CA PRO A 84 24.97 -23.20 9.19
C PRO A 84 24.23 -21.97 9.68
N ILE A 85 22.94 -21.85 9.38
CA ILE A 85 22.17 -20.68 9.81
C ILE A 85 22.09 -20.63 11.33
N ILE A 86 21.68 -21.74 11.94
CA ILE A 86 21.47 -21.77 13.39
C ILE A 86 22.78 -21.51 14.14
N SER A 87 23.81 -22.31 13.82
CA SER A 87 25.03 -22.30 14.63
C SER A 87 25.66 -20.92 14.70
N SER A 88 25.57 -20.14 13.63
CA SER A 88 26.15 -18.81 13.62
C SER A 88 25.63 -17.97 14.77
N GLY A 89 24.31 -17.75 14.80
CA GLY A 89 23.72 -17.00 15.89
C GLY A 89 23.89 -17.70 17.23
N MET A 90 23.76 -19.02 17.25
CA MET A 90 23.83 -19.76 18.51
C MET A 90 25.20 -19.64 19.16
N VAL A 91 26.25 -19.36 18.40
CA VAL A 91 27.57 -19.19 19.00
C VAL A 91 27.86 -17.70 19.21
N PHE A 92 27.35 -16.85 18.32
CA PHE A 92 27.68 -15.43 18.42
C PHE A 92 26.92 -14.74 19.54
N GLN A 93 25.69 -15.16 19.83
CA GLN A 93 24.98 -14.61 20.98
C GLN A 93 25.71 -14.93 22.28
N LEU A 94 26.19 -16.17 22.42
CA LEU A 94 26.95 -16.54 23.61
C LEU A 94 28.28 -15.80 23.68
N LEU A 95 28.93 -15.60 22.53
CA LEU A 95 30.18 -14.86 22.52
C LEU A 95 29.97 -13.40 22.92
N ALA A 96 28.86 -12.79 22.47
CA ALA A 96 28.57 -11.42 22.85
C ALA A 96 28.19 -11.32 24.32
N GLY A 97 27.46 -12.33 24.83
CA GLY A 97 27.14 -12.33 26.25
C GLY A 97 28.34 -12.55 27.14
N THR A 98 29.34 -13.30 26.66
CA THR A 98 30.55 -13.51 27.44
C THR A 98 31.50 -12.32 27.35
N HIS A 99 31.54 -11.67 26.20
CA HIS A 99 32.41 -10.51 25.97
C HIS A 99 33.87 -10.84 26.26
N ASP A 106 25.26 -1.30 20.11
CA ASP A 106 26.51 -0.63 19.78
C ASP A 106 26.35 0.22 18.52
N LEU A 107 27.48 0.69 17.99
CA LEU A 107 27.45 1.52 16.80
C LEU A 107 27.29 0.66 15.54
N LYS A 108 26.78 1.29 14.49
CA LYS A 108 26.58 0.58 13.22
C LYS A 108 27.90 0.17 12.59
N THR A 109 28.95 0.99 12.77
CA THR A 109 30.26 0.63 12.22
C THR A 109 30.80 -0.65 12.84
N ASP A 110 30.38 -0.96 14.07
CA ASP A 110 30.75 -2.22 14.71
C ASP A 110 29.76 -3.34 14.39
N ARG A 111 28.48 -3.01 14.24
CA ARG A 111 27.49 -4.03 13.93
C ARG A 111 27.69 -4.60 12.53
N GLU A 112 28.16 -3.78 11.58
CA GLU A 112 28.47 -4.30 10.25
C GLU A 112 29.60 -5.33 10.32
N LEU A 113 30.66 -5.01 11.07
CA LEU A 113 31.75 -5.96 11.25
C LEU A 113 31.26 -7.22 11.98
N TYR A 114 30.37 -7.06 12.95
CA TYR A 114 29.80 -8.20 13.64
C TYR A 114 29.04 -9.11 12.67
N GLN A 115 28.23 -8.52 11.80
CA GLN A 115 27.47 -9.31 10.83
C GLN A 115 28.40 -10.00 9.84
N THR A 116 29.45 -9.31 9.40
CA THR A 116 30.38 -9.92 8.46
C THR A 116 31.11 -11.10 9.11
N ALA A 117 31.55 -10.93 10.36
CA ALA A 117 32.19 -12.03 11.08
C ALA A 117 31.23 -13.19 11.26
N GLN A 118 29.95 -12.89 11.53
CA GLN A 118 28.96 -13.94 11.69
C GLN A 118 28.79 -14.74 10.40
N LYS A 119 28.68 -14.05 9.27
CA LYS A 119 28.50 -14.74 7.99
C LYS A 119 29.75 -15.57 7.64
N LEU A 120 30.93 -15.02 7.91
CA LEU A 120 32.16 -15.76 7.60
C LEU A 120 32.27 -17.01 8.46
N PHE A 121 31.97 -16.88 9.76
CA PHE A 121 31.98 -18.06 10.62
C PHE A 121 30.94 -19.08 10.18
N ALA A 122 29.78 -18.60 9.73
CA ALA A 122 28.74 -19.52 9.27
C ALA A 122 29.21 -20.32 8.06
N ILE A 123 29.81 -19.65 7.08
CA ILE A 123 30.23 -20.38 5.89
C ILE A 123 31.42 -21.29 6.20
N ILE A 124 32.29 -20.89 7.12
CA ILE A 124 33.41 -21.75 7.49
C ILE A 124 32.91 -23.01 8.19
N LEU A 125 31.94 -22.86 9.10
CA LEU A 125 31.38 -24.03 9.77
C LEU A 125 30.62 -24.90 8.78
N SER A 126 29.98 -24.30 7.78
CA SER A 126 29.31 -25.08 6.75
C SER A 126 30.32 -25.94 5.99
N PHE A 127 31.45 -25.34 5.60
CA PHE A 127 32.48 -26.10 4.90
C PHE A 127 33.00 -27.24 5.76
N GLY A 128 33.29 -26.95 7.03
CA GLY A 128 33.82 -27.99 7.91
C GLY A 128 32.84 -29.11 8.15
N GLN A 129 31.57 -28.77 8.35
CA GLN A 129 30.55 -29.78 8.59
C GLN A 129 30.35 -30.66 7.36
N ALA A 130 30.32 -30.04 6.18
CA ALA A 130 30.24 -30.83 4.95
C ALA A 130 31.44 -31.74 4.79
N CYS A 131 32.63 -31.24 5.16
CA CYS A 131 33.84 -32.06 5.04
C CYS A 131 33.79 -33.26 5.98
N VAL A 132 33.37 -33.05 7.23
CA VAL A 132 33.32 -34.17 8.17
C VAL A 132 32.19 -35.12 7.83
N HIS A 133 31.18 -34.66 7.08
CA HIS A 133 30.16 -35.58 6.58
C HIS A 133 30.69 -36.45 5.44
N VAL A 134 31.33 -35.82 4.44
CA VAL A 134 31.73 -36.59 3.27
C VAL A 134 32.93 -37.46 3.58
N LEU A 135 33.76 -37.09 4.56
CA LEU A 135 34.98 -37.82 4.83
C LEU A 135 34.79 -39.00 5.76
N THR A 136 33.81 -38.94 6.66
CA THR A 136 33.64 -40.01 7.65
C THR A 136 33.21 -41.32 7.01
N GLY A 137 32.69 -41.29 5.80
CA GLY A 137 32.27 -42.48 5.11
C GLY A 137 30.78 -42.68 4.95
N LEU A 138 29.99 -41.60 4.98
CA LEU A 138 28.55 -41.74 4.79
C LEU A 138 28.21 -42.09 3.35
N TYR A 139 28.94 -41.51 2.40
CA TYR A 139 28.70 -41.75 0.97
C TYR A 139 29.62 -42.82 0.40
N GLY A 140 30.26 -43.62 1.25
CA GLY A 140 31.15 -44.67 0.82
C GLY A 140 32.60 -44.39 1.19
N GLN A 141 33.41 -45.43 1.06
CA GLN A 141 34.83 -45.31 1.35
C GLN A 141 35.50 -44.40 0.33
N PRO A 142 36.08 -43.28 0.75
CA PRO A 142 36.71 -42.37 -0.22
C PRO A 142 37.89 -42.98 -0.96
N SER A 143 38.43 -44.10 -0.49
CA SER A 143 39.53 -44.74 -1.22
C SER A 143 39.06 -45.35 -2.53
N ASP A 144 37.77 -45.69 -2.63
CA ASP A 144 37.19 -46.22 -3.85
C ASP A 144 36.18 -45.28 -4.49
N LEU A 145 35.99 -44.08 -3.92
CA LEU A 145 35.03 -43.14 -4.48
C LEU A 145 35.62 -42.38 -5.65
N GLY A 146 36.85 -41.90 -5.51
CA GLY A 146 37.51 -41.14 -6.54
C GLY A 146 38.22 -39.94 -5.92
N ALA A 147 39.31 -39.52 -6.56
CA ALA A 147 40.07 -38.39 -6.04
C ALA A 147 39.33 -37.08 -6.25
N GLY A 148 38.78 -36.88 -7.45
CA GLY A 148 38.13 -35.62 -7.78
C GLY A 148 36.66 -35.55 -7.44
N ILE A 149 35.99 -36.71 -7.41
CA ILE A 149 34.57 -36.70 -7.10
C ILE A 149 34.34 -36.25 -5.66
N CYS A 150 35.32 -36.47 -4.78
CA CYS A 150 35.18 -36.02 -3.40
C CYS A 150 35.09 -34.51 -3.33
N VAL A 151 36.02 -33.80 -3.97
CA VAL A 151 35.96 -32.34 -3.95
C VAL A 151 34.81 -31.82 -4.82
N LEU A 152 34.38 -32.59 -5.82
CA LEU A 152 33.16 -32.23 -6.54
C LEU A 152 31.96 -32.21 -5.59
N LEU A 153 31.82 -33.26 -4.78
CA LEU A 153 30.77 -33.29 -3.77
C LEU A 153 30.92 -32.16 -2.78
N ILE A 154 32.17 -31.87 -2.39
CA ILE A 154 32.44 -30.79 -1.43
C ILE A 154 31.90 -29.46 -1.96
N VAL A 155 32.26 -29.11 -3.20
CA VAL A 155 31.82 -27.82 -3.73
C VAL A 155 30.32 -27.83 -4.01
N GLN A 156 29.80 -28.97 -4.48
CA GLN A 156 28.36 -29.09 -4.73
C GLN A 156 27.56 -28.89 -3.46
N LEU A 157 28.14 -29.21 -2.31
CA LEU A 157 27.46 -29.03 -1.03
C LEU A 157 27.69 -27.64 -0.44
N VAL A 158 28.90 -27.09 -0.60
CA VAL A 158 29.21 -25.78 -0.03
C VAL A 158 28.44 -24.69 -0.77
N VAL A 159 28.32 -24.81 -2.09
CA VAL A 159 27.52 -23.82 -2.83
C VAL A 159 26.06 -23.90 -2.41
N ALA A 160 25.57 -25.10 -2.09
CA ALA A 160 24.21 -25.23 -1.58
C ALA A 160 24.05 -24.53 -0.23
N GLY A 161 25.03 -24.71 0.67
CA GLY A 161 24.99 -24.00 1.94
C GLY A 161 24.99 -22.50 1.76
N LEU A 162 25.82 -22.00 0.83
CA LEU A 162 25.85 -20.56 0.57
C LEU A 162 24.53 -20.08 0.01
N VAL A 163 23.91 -20.87 -0.88
CA VAL A 163 22.63 -20.49 -1.44
C VAL A 163 21.57 -20.40 -0.36
N VAL A 164 21.56 -21.37 0.57
CA VAL A 164 20.51 -21.37 1.59
C VAL A 164 20.73 -20.23 2.58
N ILE A 165 21.98 -19.92 2.92
CA ILE A 165 22.21 -18.81 3.85
C ILE A 165 21.87 -17.48 3.19
N LEU A 166 22.18 -17.33 1.90
CA LEU A 166 21.84 -16.09 1.21
C LEU A 166 20.34 -15.94 1.07
N LEU A 167 19.63 -17.04 0.82
CA LEU A 167 18.17 -16.97 0.70
C LEU A 167 17.53 -16.65 2.05
N ASP A 168 18.08 -17.20 3.13
CA ASP A 168 17.58 -16.83 4.45
C ASP A 168 17.82 -15.36 4.74
N GLU A 169 18.98 -14.85 4.32
CA GLU A 169 19.26 -13.42 4.49
C GLU A 169 18.27 -12.58 3.70
N LEU A 170 17.94 -13.01 2.48
CA LEU A 170 16.95 -12.30 1.67
C LEU A 170 15.59 -12.33 2.34
N LEU A 171 15.23 -13.46 2.95
CA LEU A 171 13.93 -13.57 3.60
C LEU A 171 13.88 -12.77 4.90
N GLN A 172 15.01 -12.56 5.55
CA GLN A 172 15.04 -11.89 6.84
C GLN A 172 15.27 -10.38 6.73
N LYS A 173 15.87 -9.91 5.63
CA LYS A 173 16.19 -8.49 5.50
C LYS A 173 14.95 -7.61 5.49
N GLY A 174 13.77 -8.17 5.21
CA GLY A 174 12.55 -7.39 5.20
C GLY A 174 11.60 -7.80 4.10
N TYR A 175 12.11 -8.54 3.12
CA TYR A 175 11.26 -9.01 2.03
C TYR A 175 10.34 -10.14 2.47
N GLY A 176 10.66 -10.82 3.57
CA GLY A 176 9.84 -11.89 4.09
C GLY A 176 9.11 -11.49 5.35
N LEU A 177 7.91 -12.05 5.54
CA LEU A 177 7.07 -11.65 6.65
C LEU A 177 7.61 -12.13 8.00
N GLY A 178 8.52 -13.08 8.01
CA GLY A 178 9.10 -13.60 9.24
C GLY A 178 10.49 -14.09 9.02
N SER A 179 10.87 -15.16 9.72
CA SER A 179 12.16 -15.79 9.56
C SER A 179 12.02 -17.04 8.70
N GLY A 180 13.15 -17.68 8.42
CA GLY A 180 13.14 -18.86 7.58
C GLY A 180 13.17 -20.17 8.36
N ILE A 181 13.68 -20.11 9.59
CA ILE A 181 13.86 -21.34 10.37
C ILE A 181 12.51 -22.00 10.64
N SER A 182 11.53 -21.20 11.10
CA SER A 182 10.23 -21.76 11.44
C SER A 182 9.54 -22.34 10.21
N LEU A 183 9.58 -21.62 9.09
CA LEU A 183 8.96 -22.13 7.88
C LEU A 183 9.62 -23.43 7.41
N PHE A 184 10.95 -23.48 7.44
CA PHE A 184 11.64 -24.67 7.00
C PHE A 184 11.34 -25.85 7.92
N ILE A 185 11.18 -25.59 9.22
CA ILE A 185 10.88 -26.68 10.15
C ILE A 185 9.44 -27.16 9.98
N ALA A 186 8.53 -26.24 9.64
CA ALA A 186 7.11 -26.62 9.58
C ALA A 186 6.73 -27.24 8.23
N THR A 187 7.40 -26.85 7.15
CA THR A 187 7.01 -27.36 5.84
C THR A 187 7.30 -28.85 5.71
N ASN A 188 8.42 -29.30 6.29
CA ASN A 188 8.74 -30.72 6.24
C ASN A 188 7.72 -31.54 7.03
N ILE A 189 7.27 -31.01 8.16
CA ILE A 189 6.25 -31.71 8.95
C ILE A 189 4.93 -31.78 8.19
N CYS A 190 4.52 -30.67 7.57
CA CYS A 190 3.30 -30.68 6.78
C CYS A 190 3.41 -31.67 5.62
N GLU A 191 4.58 -31.73 4.99
CA GLU A 191 4.79 -32.67 3.89
C GLU A 191 4.67 -34.11 4.37
N SER A 192 5.39 -34.46 5.44
CA SER A 192 5.36 -35.81 5.96
C SER A 192 4.04 -36.18 6.62
N ILE A 193 3.18 -35.20 6.91
CA ILE A 193 1.89 -35.49 7.51
C ILE A 193 0.77 -35.55 6.47
N VAL A 194 0.95 -34.94 5.31
CA VAL A 194 -0.04 -35.11 4.25
C VAL A 194 0.33 -36.25 3.31
N TRP A 195 1.62 -36.56 3.18
CA TRP A 195 2.04 -37.70 2.37
C TRP A 195 1.62 -39.01 3.02
N LYS A 196 1.49 -39.03 4.33
CA LYS A 196 1.11 -40.23 5.06
C LYS A 196 -0.35 -40.62 4.81
N ALA A 197 -1.10 -39.79 4.08
CA ALA A 197 -2.51 -40.02 3.83
C ALA A 197 -2.81 -40.54 2.43
N PHE A 198 -2.22 -39.92 1.40
CA PHE A 198 -2.40 -40.34 0.01
C PHE A 198 -1.12 -40.91 -0.58
N SER A 199 -0.40 -41.70 0.21
CA SER A 199 0.86 -42.25 -0.25
C SER A 199 0.63 -43.20 -1.43
N PRO A 200 1.35 -43.04 -2.52
CA PRO A 200 1.15 -43.95 -3.66
C PRO A 200 1.88 -45.27 -3.48
N THR A 201 2.96 -45.26 -2.71
CA THR A 201 3.79 -46.45 -2.53
C THR A 201 2.97 -47.59 -1.96
N THR A 202 3.05 -48.75 -2.60
CA THR A 202 2.40 -49.95 -2.10
C THR A 202 3.46 -50.89 -1.54
N ILE A 203 3.20 -51.44 -0.36
CA ILE A 203 4.15 -52.31 0.31
C ILE A 203 3.63 -53.74 0.32
N ASN A 204 4.01 -54.52 -0.68
CA ASN A 204 3.57 -55.91 -0.78
C ASN A 204 4.27 -56.74 0.29
N THR A 205 3.52 -57.17 1.30
CA THR A 205 4.03 -58.03 2.36
C THR A 205 3.57 -59.46 2.22
N GLY A 206 3.24 -59.89 1.01
CA GLY A 206 2.54 -61.14 0.83
C GLY A 206 1.04 -60.91 0.80
N ARG A 207 0.31 -61.95 0.39
CA ARG A 207 -1.15 -61.94 0.34
C ARG A 207 -1.67 -60.96 -0.72
N GLY A 208 -0.80 -60.20 -1.38
CA GLY A 208 -1.20 -59.18 -2.29
C GLY A 208 -0.92 -57.80 -1.74
N PRO A 209 -0.37 -56.92 -2.57
CA PRO A 209 0.09 -55.62 -2.08
C PRO A 209 -1.05 -54.74 -1.58
N GLU A 210 -0.71 -53.83 -0.68
CA GLU A 210 -1.65 -52.87 -0.11
C GLU A 210 -1.04 -51.48 -0.20
N PHE A 211 -1.89 -50.47 -0.13
CA PHE A 211 -1.43 -49.10 -0.28
C PHE A 211 -1.01 -48.53 1.07
N GLU A 212 0.04 -47.71 1.06
CA GLU A 212 0.54 -47.11 2.29
C GLU A 212 -0.38 -46.00 2.77
N GLY A 213 -0.78 -45.10 1.87
CA GLY A 213 -1.65 -44.01 2.25
C GLY A 213 -2.97 -44.50 2.80
N ALA A 214 -3.59 -43.67 3.63
CA ALA A 214 -4.81 -44.08 4.32
C ALA A 214 -5.98 -44.15 3.36
N ILE A 215 -6.28 -43.04 2.67
CA ILE A 215 -7.47 -42.98 1.82
C ILE A 215 -7.34 -43.97 0.66
N ILE A 216 -6.16 -44.04 0.05
CA ILE A 216 -5.96 -44.96 -1.07
C ILE A 216 -6.16 -46.40 -0.60
N ALA A 217 -5.63 -46.74 0.59
CA ALA A 217 -5.79 -48.09 1.11
C ALA A 217 -7.26 -48.40 1.38
N LEU A 218 -7.99 -47.44 1.97
CA LEU A 218 -9.40 -47.64 2.23
C LEU A 218 -10.16 -47.91 0.95
N PHE A 219 -9.90 -47.10 -0.09
CA PHE A 219 -10.60 -47.27 -1.36
C PHE A 219 -10.27 -48.62 -1.99
N HIS A 220 -8.98 -48.94 -2.07
CA HIS A 220 -8.55 -50.19 -2.68
C HIS A 220 -9.16 -51.39 -1.96
N LEU A 221 -9.13 -51.36 -0.62
CA LEU A 221 -9.68 -52.47 0.15
C LEU A 221 -11.19 -52.58 -0.05
N LEU A 222 -11.92 -51.47 0.00
CA LEU A 222 -13.35 -51.51 -0.19
C LEU A 222 -13.71 -52.03 -1.58
N LEU A 223 -12.89 -51.75 -2.58
CA LEU A 223 -13.26 -52.10 -3.94
C LEU A 223 -12.84 -53.50 -4.35
N THR A 224 -11.66 -53.97 -3.90
CA THR A 224 -11.12 -55.22 -4.44
C THR A 224 -11.47 -56.43 -3.59
N TRP A 225 -11.42 -56.32 -2.27
CA TRP A 225 -11.67 -57.48 -1.43
C TRP A 225 -13.13 -57.92 -1.58
N PRO A 226 -13.39 -59.23 -1.51
CA PRO A 226 -14.73 -59.73 -1.83
C PRO A 226 -15.79 -59.39 -0.80
N ASP A 227 -15.43 -58.85 0.36
CA ASP A 227 -16.38 -58.53 1.40
C ASP A 227 -16.15 -57.11 1.88
N LYS A 228 -17.22 -56.31 1.87
CA LYS A 228 -17.12 -54.94 2.37
C LYS A 228 -16.92 -54.91 3.88
N GLN A 229 -17.49 -55.88 4.60
CA GLN A 229 -17.31 -55.94 6.04
C GLN A 229 -15.83 -56.10 6.40
N ARG A 230 -15.17 -57.10 5.83
CA ARG A 230 -13.75 -57.28 6.09
C ARG A 230 -12.93 -56.11 5.54
N ALA A 231 -13.35 -55.54 4.42
CA ALA A 231 -12.64 -54.39 3.86
C ALA A 231 -12.62 -53.23 4.85
N LEU A 232 -13.77 -52.92 5.45
CA LEU A 232 -13.81 -51.81 6.40
C LEU A 232 -13.11 -52.18 7.71
N ARG A 233 -13.31 -53.41 8.18
CA ARG A 233 -12.61 -53.86 9.39
C ARG A 233 -11.11 -53.83 9.20
N GLU A 234 -10.62 -53.91 7.96
CA GLU A 234 -9.21 -53.77 7.68
C GLU A 234 -8.78 -52.31 7.53
N ALA A 235 -9.60 -51.49 6.87
CA ALA A 235 -9.27 -50.09 6.70
C ALA A 235 -9.21 -49.36 8.04
N PHE A 236 -10.04 -49.76 8.99
CA PHE A 236 -9.94 -49.28 10.36
C PHE A 236 -9.05 -50.21 11.16
N TYR A 237 -8.20 -49.65 12.01
CA TYR A 237 -7.37 -50.41 12.94
C TYR A 237 -6.44 -51.38 12.20
N ARG A 238 -5.53 -50.82 11.41
CA ARG A 238 -4.59 -51.66 10.66
C ARG A 238 -3.46 -52.19 11.55
N GLN A 239 -3.04 -51.41 12.54
CA GLN A 239 -2.02 -51.80 13.53
C GLN A 239 -0.66 -52.04 12.92
N SER A 240 -0.50 -51.84 11.61
CA SER A 240 0.79 -52.06 10.95
C SER A 240 1.20 -50.92 10.02
N LEU A 241 0.27 -50.21 9.43
CA LEU A 241 0.54 -49.10 8.52
C LEU A 241 -0.46 -48.00 8.81
N PRO A 242 -0.16 -46.75 8.42
CA PRO A 242 -1.08 -45.65 8.69
C PRO A 242 -2.46 -45.88 8.10
N ASN A 243 -3.49 -45.64 8.91
CA ASN A 243 -4.87 -45.81 8.48
C ASN A 243 -5.67 -44.54 8.68
N ILE A 244 -6.99 -44.61 8.47
CA ILE A 244 -7.83 -43.42 8.57
C ILE A 244 -8.18 -43.08 10.02
N MET A 245 -8.15 -44.07 10.92
CA MET A 245 -8.40 -43.77 12.32
C MET A 245 -7.33 -42.87 12.89
N ASN A 246 -6.07 -43.08 12.51
CA ASN A 246 -5.00 -42.18 12.91
C ASN A 246 -5.19 -40.80 12.31
N LEU A 247 -5.75 -40.72 11.10
CA LEU A 247 -6.04 -39.43 10.50
C LEU A 247 -7.07 -38.67 11.32
N LEU A 248 -8.14 -39.37 11.73
CA LEU A 248 -9.13 -38.73 12.60
C LEU A 248 -8.51 -38.32 13.94
N ALA A 249 -7.62 -39.14 14.48
CA ALA A 249 -6.97 -38.81 15.74
C ALA A 249 -6.14 -37.53 15.62
N THR A 250 -5.34 -37.43 14.56
CA THR A 250 -4.51 -36.24 14.41
C THR A 250 -5.36 -35.01 14.09
N LEU A 251 -6.47 -35.17 13.37
CA LEU A 251 -7.36 -34.04 13.16
C LEU A 251 -7.97 -33.57 14.48
N LEU A 252 -8.33 -34.51 15.35
CA LEU A 252 -8.89 -34.13 16.64
C LEU A 252 -7.86 -33.42 17.51
N VAL A 253 -6.61 -33.91 17.50
CA VAL A 253 -5.55 -33.23 18.24
C VAL A 253 -5.35 -31.81 17.70
N PHE A 254 -5.40 -31.66 16.37
CA PHE A 254 -5.26 -30.34 15.77
C PHE A 254 -6.37 -29.41 16.23
N ALA A 255 -7.62 -29.88 16.19
CA ALA A 255 -8.73 -29.05 16.63
C ALA A 255 -8.59 -28.67 18.10
N ALA A 256 -8.18 -29.62 18.94
CA ALA A 256 -8.03 -29.33 20.36
C ALA A 256 -6.95 -28.28 20.60
N VAL A 257 -5.82 -28.37 19.88
CA VAL A 257 -4.76 -27.41 20.08
C VAL A 257 -5.17 -26.03 19.57
N ILE A 258 -5.86 -25.98 18.43
CA ILE A 258 -6.31 -24.69 17.92
C ILE A 258 -7.30 -24.03 18.88
N TYR A 259 -8.16 -24.83 19.51
CA TYR A 259 -9.10 -24.25 20.47
C TYR A 259 -8.40 -23.80 21.75
N LEU A 260 -7.45 -24.62 22.23
CA LEU A 260 -6.79 -24.32 23.50
C LEU A 260 -5.80 -23.18 23.39
N GLN A 261 -5.29 -22.89 22.19
CA GLN A 261 -4.37 -21.77 22.03
C GLN A 261 -5.02 -20.44 22.38
N GLY A 262 -6.34 -20.34 22.29
CA GLY A 262 -7.02 -19.07 22.50
C GLY A 262 -7.48 -18.83 23.91
N PHE A 263 -6.77 -19.35 24.90
CA PHE A 263 -7.04 -19.06 26.31
C PHE A 263 -6.14 -17.91 26.73
N ARG A 264 -6.70 -16.71 26.81
CA ARG A 264 -5.94 -15.52 27.19
C ARG A 264 -6.68 -14.80 28.30
N VAL A 265 -5.94 -14.44 29.35
CA VAL A 265 -6.50 -13.66 30.45
C VAL A 265 -6.23 -12.20 30.17
N GLU A 266 -7.28 -11.44 29.92
CA GLU A 266 -7.17 -10.01 29.63
C GLU A 266 -7.23 -9.24 30.94
N ILE A 267 -6.14 -8.59 31.30
CA ILE A 267 -6.05 -7.79 32.52
C ILE A 267 -6.30 -6.34 32.16
N PRO A 268 -7.21 -5.64 32.86
CA PRO A 268 -7.57 -4.27 32.46
C PRO A 268 -6.45 -3.28 32.77
N VAL A 269 -6.09 -2.47 31.79
CA VAL A 269 -5.00 -1.51 31.92
C VAL A 269 -5.36 -0.23 31.19
N LYS A 270 -5.18 0.91 31.85
CA LYS A 270 -5.44 2.22 31.27
C LYS A 270 -4.21 3.09 31.45
N SER A 271 -3.89 3.88 30.43
CA SER A 271 -2.66 4.66 30.44
C SER A 271 -2.73 5.78 31.47
N ALA A 272 -1.57 6.37 31.74
CA ALA A 272 -1.47 7.50 32.64
C ALA A 272 -0.55 8.59 32.13
N ARG A 273 -0.02 8.47 30.92
CA ARG A 273 0.73 9.54 30.29
C ARG A 273 -0.17 10.39 29.38
N GLN A 274 -1.05 9.74 28.63
CA GLN A 274 -2.12 10.41 27.89
C GLN A 274 -3.43 9.85 28.41
N ARG A 275 -4.19 10.67 29.12
CA ARG A 275 -5.35 10.19 29.86
C ARG A 275 -6.38 9.56 28.94
N GLY A 276 -7.14 8.63 29.50
CA GLY A 276 -8.30 8.05 28.83
C GLY A 276 -8.13 6.78 28.04
N VAL A 277 -7.07 6.69 27.23
CA VAL A 277 -6.90 5.56 26.34
C VAL A 277 -6.80 4.27 27.14
N ARG A 278 -7.69 3.33 26.85
CA ARG A 278 -7.73 2.05 27.54
C ARG A 278 -6.76 1.07 26.87
N GLY A 279 -6.86 -0.20 27.21
CA GLY A 279 -6.00 -1.19 26.60
C GLY A 279 -6.20 -2.55 27.24
N SER A 280 -5.30 -3.46 26.89
CA SER A 280 -5.32 -4.81 27.44
C SER A 280 -3.93 -5.42 27.26
N TYR A 281 -3.57 -6.31 28.19
CA TYR A 281 -2.30 -7.03 28.13
C TYR A 281 -2.57 -8.51 28.32
N PRO A 282 -2.64 -9.29 27.25
CA PRO A 282 -3.00 -10.71 27.39
C PRO A 282 -1.83 -11.56 27.88
N VAL A 283 -2.18 -12.60 28.63
CA VAL A 283 -1.22 -13.60 29.10
C VAL A 283 -1.81 -14.97 28.79
N ARG A 284 -1.41 -15.55 27.65
CA ARG A 284 -2.06 -16.75 27.15
C ARG A 284 -1.76 -17.95 28.03
N LEU A 285 -2.64 -18.96 27.94
CA LEU A 285 -2.40 -20.22 28.63
C LEU A 285 -1.17 -20.93 28.07
N PHE A 286 -0.85 -20.69 26.81
CA PHE A 286 0.33 -21.29 26.17
C PHE A 286 1.50 -20.32 26.16
N TYR A 287 1.65 -19.55 27.24
CA TYR A 287 2.80 -18.67 27.41
C TYR A 287 4.08 -19.44 27.11
N THR A 288 5.00 -18.80 26.39
CA THR A 288 6.15 -19.46 25.79
C THR A 288 5.69 -20.59 24.88
N SER A 289 5.06 -20.17 23.77
CA SER A 289 4.25 -21.03 22.92
C SER A 289 4.86 -22.40 22.64
N ASN A 290 6.02 -22.43 21.99
CA ASN A 290 6.59 -23.70 21.53
C ASN A 290 8.02 -23.89 22.01
N MET A 291 8.41 -23.26 23.10
CA MET A 291 9.75 -23.48 23.65
C MET A 291 9.81 -24.76 24.49
N PRO A 292 8.88 -25.01 25.41
CA PRO A 292 8.96 -26.24 26.22
C PRO A 292 8.74 -27.52 25.44
N ILE A 293 8.35 -27.45 24.18
CA ILE A 293 8.34 -28.60 23.30
C ILE A 293 9.62 -28.66 22.46
N MET A 294 10.05 -27.51 21.95
CA MET A 294 11.26 -27.47 21.13
C MET A 294 12.48 -27.95 21.91
N LEU A 295 12.72 -27.35 23.08
CA LEU A 295 13.92 -27.72 23.82
C LEU A 295 13.82 -29.13 24.39
N GLN A 296 12.60 -29.58 24.72
CA GLN A 296 12.44 -30.94 25.21
C GLN A 296 12.74 -31.96 24.11
N SER A 297 12.24 -31.71 22.89
CA SER A 297 12.59 -32.57 21.77
C SER A 297 14.09 -32.52 21.49
N ALA A 298 14.70 -31.36 21.68
CA ALA A 298 16.15 -31.25 21.48
C ALA A 298 16.90 -32.13 22.47
N LEU A 299 16.52 -32.08 23.75
CA LEU A 299 17.17 -32.92 24.75
C LEU A 299 16.97 -34.39 24.46
N CYS A 300 15.74 -34.78 24.09
CA CYS A 300 15.47 -36.17 23.77
C CYS A 300 16.31 -36.65 22.59
N SER A 301 16.39 -35.83 21.53
CA SER A 301 17.17 -36.22 20.37
C SER A 301 18.65 -36.34 20.71
N ASN A 302 19.18 -35.41 21.53
CA ASN A 302 20.58 -35.48 21.88
C ASN A 302 20.89 -36.72 22.70
N VAL A 303 20.05 -37.03 23.70
CA VAL A 303 20.34 -38.21 24.51
C VAL A 303 20.18 -39.49 23.69
N PHE A 304 19.24 -39.52 22.75
CA PHE A 304 19.12 -40.70 21.90
C PHE A 304 20.33 -40.87 20.99
N LEU A 305 20.82 -39.78 20.41
CA LEU A 305 22.01 -39.86 19.57
C LEU A 305 23.21 -40.34 20.37
N ILE A 306 23.37 -39.82 21.59
CA ILE A 306 24.48 -40.27 22.43
C ILE A 306 24.34 -41.75 22.78
N SER A 307 23.10 -42.20 23.03
CA SER A 307 22.88 -43.61 23.31
C SER A 307 23.31 -44.48 22.14
N GLN A 308 22.89 -44.11 20.94
CA GLN A 308 23.26 -44.90 19.76
C GLN A 308 24.78 -44.91 19.56
N MET A 309 25.41 -43.74 19.68
CA MET A 309 26.84 -43.65 19.41
C MET A 309 27.67 -44.33 20.49
N LEU A 310 27.13 -44.48 21.69
CA LEU A 310 27.86 -45.19 22.74
C LEU A 310 27.54 -46.68 22.78
N TYR A 311 26.42 -47.11 22.23
CA TYR A 311 26.14 -48.54 22.13
C TYR A 311 26.74 -49.17 20.89
N SER A 312 27.02 -48.39 19.84
CA SER A 312 27.66 -48.95 18.67
C SER A 312 29.12 -49.33 18.95
N ARG A 313 29.90 -48.38 19.47
CA ARG A 313 31.30 -48.65 19.75
C ARG A 313 31.46 -49.60 20.93
N PHE A 314 31.00 -49.19 22.11
CA PHE A 314 31.13 -49.99 23.33
C PHE A 314 29.93 -50.94 23.42
N SER A 315 30.02 -52.01 22.63
CA SER A 315 28.88 -52.92 22.49
C SER A 315 28.52 -53.59 23.81
N ASP A 316 29.51 -53.94 24.61
CA ASP A 316 29.29 -54.65 25.87
C ASP A 316 29.90 -53.87 27.02
N ASN A 317 29.05 -53.40 27.93
CA ASN A 317 29.47 -52.71 29.14
C ASN A 317 28.26 -52.52 30.05
N LEU A 318 28.49 -52.51 31.36
CA LEU A 318 27.38 -52.40 32.30
C LEU A 318 26.71 -51.03 32.20
N LEU A 319 27.51 -49.96 32.20
CA LEU A 319 26.93 -48.62 32.16
C LEU A 319 26.31 -48.31 30.80
N VAL A 320 26.89 -48.81 29.71
CA VAL A 320 26.31 -48.58 28.40
C VAL A 320 25.01 -49.34 28.25
N ARG A 321 24.96 -50.58 28.74
CA ARG A 321 23.70 -51.34 28.74
C ARG A 321 22.67 -50.67 29.63
N LEU A 322 23.09 -50.04 30.71
CA LEU A 322 22.17 -49.32 31.59
C LEU A 322 21.62 -48.08 30.89
N LEU A 323 22.45 -47.38 30.14
CA LEU A 323 22.00 -46.14 29.50
C LEU A 323 21.03 -46.42 28.37
N GLY A 324 21.37 -47.36 27.48
CA GLY A 324 20.49 -47.67 26.37
C GLY A 324 20.88 -48.89 25.58
N VAL A 325 19.91 -49.77 25.31
CA VAL A 325 20.10 -50.93 24.46
C VAL A 325 19.16 -50.80 23.28
N TRP A 326 19.60 -51.27 22.11
CA TRP A 326 18.85 -51.11 20.88
C TRP A 326 18.68 -52.48 20.21
N GLU A 327 17.76 -52.52 19.25
CA GLU A 327 17.47 -53.74 18.50
C GLU A 327 16.63 -53.38 17.27
N PRO A 328 16.76 -54.12 16.17
CA PRO A 328 15.99 -53.82 14.95
C PRO A 328 14.51 -54.14 15.12
N LEU A 335 16.20 -48.68 14.02
CA LEU A 335 16.30 -49.37 15.29
C LEU A 335 15.18 -48.95 16.23
N HIS A 336 15.15 -49.55 17.42
CA HIS A 336 14.14 -49.22 18.42
C HIS A 336 14.71 -49.48 19.80
N ALA A 337 14.80 -48.43 20.62
CA ALA A 337 15.40 -48.55 21.94
C ALA A 337 14.55 -49.43 22.84
N ALA A 338 15.18 -50.40 23.48
CA ALA A 338 14.49 -51.28 24.40
C ALA A 338 15.42 -51.66 25.56
N SER A 339 14.83 -51.78 26.74
CA SER A 339 15.54 -52.23 27.95
C SER A 339 16.71 -51.29 28.28
N GLY A 340 16.37 -50.04 28.60
CA GLY A 340 17.39 -49.08 28.98
C GLY A 340 16.76 -47.77 29.40
N ILE A 341 17.62 -46.85 29.85
CA ILE A 341 17.14 -45.52 30.22
C ILE A 341 16.57 -44.80 29.00
N ALA A 342 17.21 -44.97 27.84
CA ALA A 342 16.67 -44.42 26.62
C ALA A 342 15.36 -45.07 26.21
N TYR A 343 15.07 -46.27 26.73
CA TYR A 343 13.81 -46.92 26.43
C TYR A 343 12.64 -46.28 27.16
N TYR A 344 12.86 -45.75 28.36
CA TYR A 344 11.79 -45.09 29.09
C TYR A 344 11.40 -43.78 28.42
N MET A 345 12.39 -42.99 27.98
CA MET A 345 12.09 -41.73 27.32
C MET A 345 11.51 -41.90 25.93
N SER A 346 11.58 -43.11 25.37
CA SER A 346 10.98 -43.32 24.05
C SER A 346 9.47 -43.43 24.18
N PRO A 347 8.71 -42.83 23.26
CA PRO A 347 7.26 -42.85 23.38
C PRO A 347 6.70 -44.22 22.99
N PRO A 348 5.66 -44.67 23.68
CA PRO A 348 5.00 -45.94 23.29
C PRO A 348 4.52 -45.89 21.86
N LEU A 349 4.74 -46.98 21.12
CA LEU A 349 4.48 -46.97 19.68
C LEU A 349 2.99 -46.80 19.38
N ASN A 350 2.15 -47.64 19.98
CA ASN A 350 0.72 -47.60 19.72
C ASN A 350 -0.01 -47.97 21.00
N PHE A 351 -1.31 -48.28 20.88
CA PHE A 351 -2.10 -48.62 22.05
C PHE A 351 -1.76 -50.00 22.58
N LYS A 352 -1.32 -50.92 21.71
CA LYS A 352 -0.99 -52.27 22.15
C LYS A 352 0.22 -52.27 23.07
N GLU A 353 1.32 -51.67 22.63
CA GLU A 353 2.52 -51.61 23.46
C GLU A 353 2.28 -50.77 24.72
N ALA A 354 1.39 -49.79 24.65
CA ALA A 354 1.04 -49.02 25.83
C ALA A 354 0.23 -49.84 26.82
N LEU A 355 -0.60 -50.75 26.32
CA LEU A 355 -1.39 -51.61 27.19
C LEU A 355 -0.56 -52.73 27.79
N LEU A 356 0.46 -53.20 27.06
CA LEU A 356 1.24 -54.33 27.54
C LEU A 356 2.14 -53.94 28.71
N ASP A 357 2.80 -52.79 28.61
CA ASP A 357 3.74 -52.35 29.65
C ASP A 357 3.19 -51.14 30.38
N PRO A 358 2.65 -51.29 31.59
CA PRO A 358 2.08 -50.13 32.29
C PRO A 358 3.13 -49.21 32.90
N VAL A 359 4.18 -49.79 33.49
CA VAL A 359 5.17 -48.99 34.19
C VAL A 359 5.90 -48.06 33.23
N HIS A 360 6.23 -48.55 32.03
CA HIS A 360 6.84 -47.70 31.02
C HIS A 360 5.94 -46.52 30.68
N THR A 361 4.65 -46.78 30.49
CA THR A 361 3.72 -45.71 30.15
C THR A 361 3.67 -44.66 31.25
N VAL A 362 3.51 -45.09 32.50
CA VAL A 362 3.35 -44.12 33.58
C VAL A 362 4.64 -43.34 33.81
N VAL A 363 5.80 -43.98 33.64
CA VAL A 363 7.05 -43.26 33.79
C VAL A 363 7.20 -42.24 32.67
N TYR A 364 6.78 -42.59 31.45
CA TYR A 364 6.82 -41.63 30.36
C TYR A 364 5.91 -40.45 30.63
N ILE A 365 4.70 -40.71 31.12
CA ILE A 365 3.77 -39.64 31.47
C ILE A 365 4.41 -38.67 32.45
N THR A 366 4.91 -39.22 33.57
CA THR A 366 5.47 -38.37 34.61
C THR A 366 6.66 -37.58 34.09
N PHE A 367 7.56 -38.23 33.35
CA PHE A 367 8.73 -37.54 32.84
C PHE A 367 8.33 -36.39 31.92
N MET A 368 7.44 -36.66 30.96
CA MET A 368 7.07 -35.61 30.02
C MET A 368 6.44 -34.43 30.74
N LEU A 369 5.46 -34.70 31.61
CA LEU A 369 4.79 -33.62 32.33
C LEU A 369 5.79 -32.78 33.11
N VAL A 370 6.58 -33.42 33.98
CA VAL A 370 7.47 -32.68 34.86
C VAL A 370 8.53 -31.95 34.05
N ALA A 371 9.11 -32.61 33.05
CA ALA A 371 10.15 -31.97 32.25
C ALA A 371 9.63 -30.75 31.53
N CYS A 372 8.47 -30.87 30.89
CA CYS A 372 7.92 -29.73 30.15
C CYS A 372 7.60 -28.57 31.09
N ALA A 373 6.93 -28.85 32.22
CA ALA A 373 6.56 -27.80 33.15
C ALA A 373 7.80 -27.09 33.70
N LEU A 374 8.75 -27.87 34.23
CA LEU A 374 9.93 -27.26 34.83
C LEU A 374 10.78 -26.53 33.80
N PHE A 375 10.82 -27.03 32.57
CA PHE A 375 11.63 -26.38 31.54
C PHE A 375 11.00 -25.06 31.13
N SER A 376 9.68 -24.99 31.03
CA SER A 376 9.04 -23.71 30.77
C SER A 376 9.28 -22.74 31.93
N LYS A 377 9.21 -23.25 33.17
CA LYS A 377 9.37 -22.36 34.31
C LYS A 377 10.79 -21.84 34.45
N THR A 378 11.79 -22.61 33.98
CA THR A 378 13.16 -22.09 34.00
C THR A 378 13.52 -21.30 32.74
N TRP A 379 12.74 -21.45 31.67
CA TRP A 379 12.97 -20.64 30.48
C TRP A 379 12.29 -19.28 30.57
N ILE A 380 11.23 -19.16 31.37
CA ILE A 380 10.56 -17.87 31.49
C ILE A 380 11.48 -16.84 32.14
N GLU A 381 12.43 -17.29 32.96
CA GLU A 381 13.36 -16.36 33.58
C GLU A 381 14.44 -15.90 32.61
N VAL A 382 14.87 -16.78 31.71
CA VAL A 382 15.94 -16.42 30.78
C VAL A 382 15.40 -15.62 29.60
N SER A 383 14.15 -15.88 29.20
CA SER A 383 13.59 -15.18 28.04
C SER A 383 13.47 -13.68 28.27
N GLY A 384 13.45 -13.24 29.52
CA GLY A 384 13.33 -11.82 29.83
C GLY A 384 11.93 -11.34 30.13
N SER A 385 10.92 -12.20 29.99
CA SER A 385 9.54 -11.83 30.28
C SER A 385 9.13 -12.15 31.71
N SER A 386 10.09 -12.16 32.64
CA SER A 386 9.77 -12.42 34.03
C SER A 386 8.93 -11.28 34.60
N PRO A 387 8.08 -11.56 35.60
CA PRO A 387 7.29 -10.48 36.21
C PRO A 387 8.12 -9.33 36.73
N ARG A 388 9.22 -9.62 37.43
CA ARG A 388 10.09 -8.58 37.97
C ARG A 388 10.65 -7.67 36.89
N ASP A 389 10.64 -8.11 35.62
CA ASP A 389 11.12 -7.28 34.53
C ASP A 389 10.01 -6.68 33.69
N VAL A 390 8.96 -7.45 33.40
CA VAL A 390 7.89 -6.90 32.56
C VAL A 390 7.06 -5.89 33.33
N ALA A 391 6.96 -6.04 34.66
CA ALA A 391 6.30 -5.02 35.46
C ALA A 391 7.03 -3.68 35.34
N LYS A 392 8.36 -3.71 35.50
CA LYS A 392 9.16 -2.49 35.33
C LYS A 392 9.04 -1.96 33.91
N GLN A 393 8.98 -2.86 32.93
CA GLN A 393 8.87 -2.43 31.53
C GLN A 393 7.58 -1.65 31.30
N LEU A 394 6.45 -2.19 31.75
CA LEU A 394 5.18 -1.48 31.59
C LEU A 394 5.12 -0.22 32.44
N LYS A 395 5.75 -0.22 33.62
CA LYS A 395 5.77 0.99 34.43
C LYS A 395 6.60 2.08 33.76
N ASP A 396 7.62 1.69 33.01
CA ASP A 396 8.40 2.68 32.26
C ASP A 396 7.70 3.12 30.99
N GLN A 397 6.90 2.24 30.38
CA GLN A 397 6.15 2.63 29.20
C GLN A 397 5.00 3.58 29.53
N GLY A 398 4.52 3.56 30.77
CA GLY A 398 3.53 4.52 31.24
C GLY A 398 2.22 3.91 31.71
N LEU A 399 1.94 2.65 31.42
CA LEU A 399 0.64 2.08 31.75
C LEU A 399 0.53 1.80 33.24
N VAL A 400 -0.71 1.84 33.74
CA VAL A 400 -1.04 1.57 35.13
C VAL A 400 -2.28 0.70 35.16
N MET A 401 -2.44 -0.07 36.24
CA MET A 401 -3.62 -0.90 36.40
C MET A 401 -4.89 -0.07 36.32
N ALA A 402 -5.92 -0.63 35.67
CA ALA A 402 -7.19 0.05 35.47
C ALA A 402 -8.27 -0.40 36.44
N GLY A 403 -7.89 -1.10 37.50
CA GLY A 403 -8.87 -1.60 38.45
C GLY A 403 -9.53 -0.50 39.25
N HIS A 404 -10.61 -0.88 39.92
CA HIS A 404 -11.35 0.03 40.79
C HIS A 404 -10.56 0.21 42.09
N ARG A 405 -9.78 1.28 42.16
CA ARG A 405 -8.94 1.63 43.31
C ARG A 405 -7.89 0.57 43.63
N GLU A 406 -7.70 -0.41 42.74
CA GLU A 406 -6.67 -1.43 42.92
C GLU A 406 -5.51 -1.10 42.00
N GLN A 407 -4.64 -0.20 42.47
CA GLN A 407 -3.48 0.24 41.71
C GLN A 407 -2.25 -0.53 42.20
N SER A 408 -2.11 -1.76 41.70
CA SER A 408 -0.95 -2.59 42.04
C SER A 408 -0.69 -3.50 40.84
N MET A 409 0.24 -3.08 39.97
CA MET A 409 0.55 -3.84 38.78
C MET A 409 1.40 -5.07 39.12
N TYR A 410 2.44 -4.88 39.92
CA TYR A 410 3.39 -5.96 40.18
C TYR A 410 2.73 -7.13 40.89
N LYS A 411 1.88 -6.85 41.88
CA LYS A 411 1.28 -7.93 42.65
C LYS A 411 0.41 -8.82 41.77
N GLU A 412 -0.51 -8.22 41.01
CA GLU A 412 -1.39 -9.02 40.17
C GLU A 412 -0.62 -9.72 39.05
N LEU A 413 0.37 -9.03 38.46
CA LEU A 413 1.11 -9.64 37.37
C LEU A 413 1.93 -10.83 37.85
N LYS A 414 2.55 -10.72 39.03
CA LYS A 414 3.32 -11.80 39.61
C LYS A 414 2.44 -12.87 40.24
N ARG A 415 1.16 -12.60 40.46
CA ARG A 415 0.25 -13.65 40.87
C ARG A 415 -0.40 -14.36 39.68
N VAL A 416 -0.36 -13.77 38.49
CA VAL A 416 -0.95 -14.37 37.31
C VAL A 416 0.08 -15.13 36.48
N ILE A 417 1.27 -14.57 36.26
CA ILE A 417 2.22 -15.15 35.30
C ILE A 417 2.76 -16.51 35.72
N PRO A 418 3.25 -16.71 36.96
CA PRO A 418 3.86 -18.01 37.28
C PRO A 418 2.92 -19.19 37.11
N THR A 419 1.69 -19.09 37.61
CA THR A 419 0.73 -20.17 37.41
C THR A 419 0.46 -20.39 35.93
N ALA A 420 0.35 -19.30 35.17
CA ALA A 420 0.09 -19.43 33.74
C ALA A 420 1.19 -20.22 33.05
N ALA A 421 2.45 -19.87 33.32
CA ALA A 421 3.56 -20.56 32.67
C ALA A 421 3.68 -22.00 33.12
N ALA A 422 3.70 -22.23 34.43
CA ALA A 422 3.86 -23.58 34.96
C ALA A 422 2.66 -24.47 34.69
N PHE A 423 1.53 -23.91 34.29
CA PHE A 423 0.40 -24.71 33.86
C PHE A 423 0.37 -24.92 32.36
N GLY A 424 0.80 -23.92 31.58
CA GLY A 424 0.89 -24.11 30.15
C GLY A 424 1.93 -25.15 29.77
N GLY A 425 3.03 -25.19 30.51
CA GLY A 425 4.02 -26.23 30.29
C GLY A 425 3.42 -27.61 30.43
N ALA A 426 2.80 -27.88 31.58
CA ALA A 426 2.20 -29.19 31.82
C ALA A 426 1.08 -29.48 30.84
N CYS A 427 0.31 -28.45 30.45
CA CYS A 427 -0.81 -28.69 29.55
C CYS A 427 -0.34 -29.07 28.15
N ILE A 428 0.65 -28.34 27.62
CA ILE A 428 1.15 -28.68 26.30
C ILE A 428 1.90 -30.02 26.33
N GLY A 429 2.53 -30.33 27.46
CA GLY A 429 3.12 -31.65 27.59
C GLY A 429 2.08 -32.75 27.55
N ALA A 430 0.98 -32.57 28.27
CA ALA A 430 -0.09 -33.55 28.25
C ALA A 430 -0.72 -33.66 26.86
N LEU A 431 -0.82 -32.54 26.14
CA LEU A 431 -1.35 -32.60 24.78
C LEU A 431 -0.44 -33.40 23.86
N SER A 432 0.88 -33.14 23.93
CA SER A 432 1.82 -33.92 23.13
C SER A 432 1.75 -35.39 23.49
N VAL A 433 1.59 -35.71 24.77
CA VAL A 433 1.49 -37.10 25.18
C VAL A 433 0.23 -37.74 24.61
N ALA A 434 -0.91 -37.04 24.72
CA ALA A 434 -2.14 -37.58 24.19
C ALA A 434 -2.05 -37.83 22.69
N SER A 435 -1.41 -36.91 21.97
CA SER A 435 -1.25 -37.10 20.53
C SER A 435 -0.33 -38.28 20.23
N ASP A 436 0.79 -38.39 20.93
CA ASP A 436 1.75 -39.45 20.63
C ASP A 436 1.28 -40.83 21.08
N LEU A 437 0.37 -40.89 22.05
CA LEU A 437 -0.11 -42.16 22.57
C LEU A 437 -1.42 -42.61 21.94
N LEU A 438 -2.29 -41.68 21.54
CA LEU A 438 -3.54 -42.07 20.89
C LEU A 438 -3.28 -42.76 19.55
N GLY A 439 -2.15 -42.45 18.91
CA GLY A 439 -1.80 -43.05 17.65
C GLY A 439 -1.89 -42.06 16.51
N ALA A 440 -1.67 -40.78 16.80
CA ALA A 440 -1.77 -39.76 15.77
C ALA A 440 -0.64 -39.92 14.75
N LEU A 441 -0.95 -39.54 13.50
CA LEU A 441 0.04 -39.61 12.44
C LEU A 441 1.21 -38.68 12.76
N GLY A 442 2.43 -39.18 12.56
CA GLY A 442 3.62 -38.41 12.88
C GLY A 442 3.81 -38.26 14.38
N SER A 443 5.03 -37.95 14.80
CA SER A 443 5.28 -37.70 16.20
C SER A 443 4.54 -36.45 16.66
N GLY A 444 3.97 -36.52 17.87
CA GLY A 444 3.22 -35.38 18.38
C GLY A 444 4.01 -34.10 18.40
N THR A 445 5.33 -34.20 18.60
CA THR A 445 6.19 -33.02 18.56
C THR A 445 6.07 -32.31 17.22
N GLY A 446 6.06 -33.08 16.13
CA GLY A 446 5.89 -32.47 14.82
C GLY A 446 4.55 -31.79 14.66
N ILE A 447 3.49 -32.43 15.15
CA ILE A 447 2.15 -31.84 15.06
C ILE A 447 2.12 -30.50 15.79
N LEU A 448 2.67 -30.46 17.01
CA LEU A 448 2.65 -29.22 17.76
C LEU A 448 3.51 -28.14 17.11
N LEU A 449 4.71 -28.51 16.63
CA LEU A 449 5.56 -27.54 15.97
C LEU A 449 4.95 -27.04 14.68
N ALA A 450 4.08 -27.81 14.05
CA ALA A 450 3.38 -27.32 12.86
C ALA A 450 2.24 -26.39 13.24
N VAL A 451 1.38 -26.83 14.17
CA VAL A 451 0.19 -26.06 14.51
C VAL A 451 0.57 -24.71 15.10
N THR A 452 1.48 -24.71 16.08
CA THR A 452 1.82 -23.47 16.75
C THR A 452 2.48 -22.48 15.80
N ILE A 453 3.38 -22.95 14.94
CA ILE A 453 4.05 -22.05 14.00
C ILE A 453 3.05 -21.49 12.99
N ILE A 454 2.17 -22.34 12.46
CA ILE A 454 1.17 -21.85 11.51
C ILE A 454 0.25 -20.83 12.16
N TYR A 455 -0.13 -21.06 13.42
CA TYR A 455 -1.01 -20.11 14.09
C TYR A 455 -0.30 -18.79 14.35
N GLY A 456 0.96 -18.84 14.79
CA GLY A 456 1.71 -17.61 14.98
C GLY A 456 1.84 -16.81 13.71
N TYR A 457 2.12 -17.48 12.60
CA TYR A 457 2.21 -16.76 11.33
C TYR A 457 0.85 -16.26 10.87
N PHE A 458 -0.23 -16.98 11.20
CA PHE A 458 -1.56 -16.49 10.86
C PHE A 458 -1.88 -15.20 11.57
N GLU A 459 -1.62 -15.14 12.88
CA GLU A 459 -1.89 -13.90 13.63
C GLU A 459 -0.97 -12.79 13.19
N MET A 460 0.29 -13.11 12.90
CA MET A 460 1.20 -12.09 12.37
C MET A 460 0.69 -11.53 11.04
N ALA A 461 0.13 -12.38 10.19
CA ALA A 461 -0.40 -11.92 8.90
C ALA A 461 -1.65 -11.08 9.09
N ALA A 462 -2.58 -11.56 9.94
CA ALA A 462 -3.81 -10.81 10.19
C ALA A 462 -3.56 -9.51 10.95
N ARG A 463 -2.37 -9.34 11.51
CA ARG A 463 -2.03 -8.09 12.19
C ARG A 463 -1.34 -7.09 11.27
N GLU A 464 -1.22 -7.41 9.97
CA GLU A 464 -0.44 -6.56 9.06
C GLU A 464 -1.31 -5.90 7.99
N GLY A 465 -2.06 -6.66 7.20
CA GLY A 465 -2.66 -6.07 6.01
C GLY A 465 -4.13 -6.32 5.76
N ASP A 466 -4.75 -7.21 6.53
CA ASP A 466 -6.16 -7.51 6.31
C ASP A 466 -6.82 -8.17 7.53
N PRO B 12 1.87 -31.92 44.66
CA PRO B 12 0.65 -32.59 45.15
C PRO B 12 -0.59 -32.13 44.39
N ARG B 13 -1.61 -31.67 45.13
CA ARG B 13 -2.86 -31.21 44.54
C ARG B 13 -3.04 -29.70 44.59
N ASP B 14 -2.22 -28.99 45.37
CA ASP B 14 -2.34 -27.53 45.44
C ASP B 14 -2.05 -26.89 44.09
N PHE B 15 -1.04 -27.38 43.38
CA PHE B 15 -0.74 -26.85 42.05
C PHE B 15 -1.88 -27.12 41.08
N LEU B 16 -2.49 -28.31 41.16
CA LEU B 16 -3.62 -28.61 40.29
C LEU B 16 -4.80 -27.70 40.57
N LYS B 17 -5.09 -27.44 41.85
CA LYS B 17 -6.17 -26.53 42.19
C LYS B 17 -5.87 -25.11 41.71
N ASP B 18 -4.62 -24.67 41.86
CA ASP B 18 -4.25 -23.35 41.38
C ASP B 18 -4.41 -23.25 39.87
N GLY B 19 -4.01 -24.30 39.14
CA GLY B 19 -4.18 -24.30 37.70
C GLY B 19 -5.63 -24.26 37.29
N MET B 20 -6.49 -25.02 37.98
CA MET B 20 -7.91 -25.00 37.67
C MET B 20 -8.52 -23.64 37.97
N GLN B 21 -8.06 -22.99 39.05
CA GLN B 21 -8.54 -21.64 39.35
C GLN B 21 -8.15 -20.67 38.25
N PHE B 22 -6.89 -20.72 37.80
CA PHE B 22 -6.47 -19.84 36.71
C PHE B 22 -7.25 -20.13 35.43
N ILE B 23 -7.56 -21.40 35.17
CA ILE B 23 -8.32 -21.76 33.98
C ILE B 23 -9.71 -21.17 34.04
N HIS B 24 -10.36 -21.30 35.21
CA HIS B 24 -11.70 -20.74 35.37
C HIS B 24 -11.70 -19.23 35.36
N LYS B 25 -10.58 -18.59 35.71
CA LYS B 25 -10.49 -17.14 35.64
C LYS B 25 -10.36 -16.65 34.20
N CYS B 26 -9.86 -17.47 33.30
CA CYS B 26 -9.66 -17.08 31.91
C CYS B 26 -10.99 -16.91 31.20
N GLN B 27 -10.94 -16.47 29.94
CA GLN B 27 -12.12 -16.32 29.10
C GLN B 27 -11.99 -17.24 27.89
N LYS B 28 -13.07 -17.97 27.61
CA LYS B 28 -13.12 -18.96 26.55
C LYS B 28 -13.51 -18.32 25.22
N PRO B 29 -13.00 -18.82 24.11
CA PRO B 29 -13.39 -18.27 22.81
C PRO B 29 -14.77 -18.75 22.38
N ASP B 30 -15.43 -17.92 21.58
CA ASP B 30 -16.78 -18.20 21.12
C ASP B 30 -16.73 -19.19 19.96
N ARG B 31 -17.86 -19.34 19.25
CA ARG B 31 -17.93 -20.26 18.13
C ARG B 31 -17.46 -19.63 16.82
N LYS B 32 -17.81 -18.38 16.57
CA LYS B 32 -17.49 -17.75 15.29
C LYS B 32 -15.99 -17.52 15.14
N GLU B 33 -15.35 -16.95 16.17
CA GLU B 33 -13.92 -16.72 16.11
C GLU B 33 -13.14 -18.02 16.01
N PHE B 34 -13.58 -19.04 16.76
CA PHE B 34 -12.93 -20.35 16.68
C PHE B 34 -13.06 -20.94 15.29
N LYS B 35 -14.25 -20.86 14.70
CA LYS B 35 -14.44 -21.37 13.34
C LYS B 35 -13.56 -20.64 12.35
N LYS B 36 -13.46 -19.31 12.48
CA LYS B 36 -12.66 -18.54 11.52
C LYS B 36 -11.18 -18.90 11.64
N VAL B 37 -10.65 -18.94 12.86
CA VAL B 37 -9.23 -19.23 13.02
C VAL B 37 -8.93 -20.66 12.60
N CYS B 38 -9.85 -21.60 12.88
CA CYS B 38 -9.64 -22.97 12.44
C CYS B 38 -9.62 -23.05 10.92
N GLN B 39 -10.52 -22.34 10.25
CA GLN B 39 -10.55 -22.37 8.79
C GLN B 39 -9.28 -21.77 8.21
N ALA B 40 -8.79 -20.67 8.78
CA ALA B 40 -7.57 -20.06 8.25
C ALA B 40 -6.36 -20.97 8.45
N VAL B 41 -6.22 -21.56 9.64
CA VAL B 41 -5.10 -22.45 9.89
C VAL B 41 -5.18 -23.67 9.00
N ALA B 42 -6.39 -24.19 8.77
CA ALA B 42 -6.55 -25.33 7.87
C ALA B 42 -6.20 -24.97 6.44
N ILE B 43 -6.54 -23.75 6.00
CA ILE B 43 -6.17 -23.31 4.66
C ILE B 43 -4.66 -23.30 4.51
N GLY B 44 -3.96 -22.68 5.46
CA GLY B 44 -2.51 -22.67 5.40
C GLY B 44 -1.90 -24.06 5.41
N PHE B 45 -2.42 -24.92 6.29
CA PHE B 45 -1.91 -26.28 6.42
C PHE B 45 -2.09 -27.07 5.14
N VAL B 46 -3.30 -27.00 4.55
CA VAL B 46 -3.57 -27.73 3.31
C VAL B 46 -2.73 -27.17 2.18
N ALA B 47 -2.49 -25.85 2.17
CA ALA B 47 -1.64 -25.27 1.14
C ALA B 47 -0.23 -25.85 1.19
N MET B 48 0.40 -25.78 2.37
CA MET B 48 1.75 -26.31 2.51
C MET B 48 1.79 -27.81 2.18
N GLY B 49 0.81 -28.56 2.67
CA GLY B 49 0.81 -30.00 2.44
C GLY B 49 0.64 -30.35 0.97
N ALA B 50 -0.28 -29.68 0.28
CA ALA B 50 -0.49 -29.97 -1.13
C ALA B 50 0.74 -29.61 -1.96
N ILE B 51 1.38 -28.47 -1.64
CA ILE B 51 2.60 -28.11 -2.36
C ILE B 51 3.67 -29.18 -2.17
N GLY B 52 3.89 -29.59 -0.91
CA GLY B 52 4.91 -30.60 -0.65
C GLY B 52 4.60 -31.92 -1.31
N TYR B 53 3.34 -32.35 -1.25
CA TYR B 53 2.97 -33.63 -1.85
C TYR B 53 3.15 -33.60 -3.37
N ILE B 54 2.74 -32.51 -4.01
CA ILE B 54 2.90 -32.40 -5.46
C ILE B 54 4.38 -32.43 -5.83
N VAL B 55 5.22 -31.71 -5.07
CA VAL B 55 6.64 -31.67 -5.41
C VAL B 55 7.27 -33.06 -5.24
N LYS B 56 6.95 -33.77 -4.17
CA LYS B 56 7.53 -35.09 -3.97
C LYS B 56 7.04 -36.07 -5.04
N LEU B 57 5.74 -36.02 -5.38
CA LEU B 57 5.21 -36.94 -6.37
C LEU B 57 5.75 -36.64 -7.76
N VAL B 58 6.08 -35.38 -8.06
CA VAL B 58 6.64 -35.06 -9.37
C VAL B 58 8.13 -35.32 -9.42
N HIS B 59 8.82 -35.35 -8.27
CA HIS B 59 10.24 -35.69 -8.27
C HIS B 59 10.53 -37.17 -8.10
N ILE B 60 9.55 -37.99 -7.71
CA ILE B 60 9.82 -39.43 -7.60
C ILE B 60 10.21 -40.01 -8.97
N PRO B 61 9.39 -39.87 -10.02
CA PRO B 61 9.81 -40.45 -11.30
C PRO B 61 10.97 -39.72 -11.94
N ILE B 62 11.05 -38.40 -11.78
CA ILE B 62 12.20 -37.65 -12.30
C ILE B 62 13.49 -38.18 -11.68
N ASN B 63 13.48 -38.39 -10.36
CA ASN B 63 14.66 -38.94 -9.69
C ASN B 63 14.96 -40.36 -10.16
N ASN B 64 13.93 -41.19 -10.28
CA ASN B 64 14.15 -42.57 -10.68
C ASN B 64 14.69 -42.66 -12.10
N ILE B 65 14.37 -41.68 -12.95
CA ILE B 65 14.94 -41.63 -14.29
C ILE B 65 16.35 -41.07 -14.26
N LEU B 66 16.59 -40.07 -13.42
CA LEU B 66 17.86 -39.35 -13.45
C LEU B 66 18.99 -40.20 -12.86
N VAL B 67 18.79 -40.72 -11.64
CA VAL B 67 19.89 -41.41 -10.97
C VAL B 67 20.10 -42.80 -11.53
N ALA B 68 19.07 -43.40 -12.14
CA ALA B 68 19.14 -44.74 -12.70
C ALA B 68 19.59 -45.77 -11.66
N LEU C 92 29.41 -4.61 -1.98
CA LEU C 92 28.88 -5.53 -2.98
C LEU C 92 27.47 -5.98 -2.61
N ARG C 93 26.48 -5.47 -3.34
CA ARG C 93 25.08 -5.81 -3.11
C ARG C 93 24.47 -6.35 -4.39
N VAL C 94 23.49 -7.24 -4.22
CA VAL C 94 22.83 -7.91 -5.34
C VAL C 94 21.32 -7.69 -5.23
N ASP C 95 20.65 -7.74 -6.37
CA ASP C 95 19.21 -7.61 -6.41
C ASP C 95 18.55 -8.90 -5.91
N PRO C 96 17.30 -8.82 -5.46
CA PRO C 96 16.63 -10.04 -4.97
C PRO C 96 16.45 -11.11 -6.04
N VAL C 97 16.17 -10.70 -7.28
CA VAL C 97 15.94 -11.69 -8.34
C VAL C 97 17.21 -12.47 -8.67
N VAL C 98 18.37 -11.85 -8.43
CA VAL C 98 19.64 -12.51 -8.75
C VAL C 98 19.82 -13.76 -7.89
N VAL C 99 19.37 -13.72 -6.63
CA VAL C 99 19.51 -14.87 -5.75
C VAL C 99 18.65 -16.03 -6.25
N LEU C 100 17.41 -15.73 -6.65
CA LEU C 100 16.53 -16.79 -7.15
C LEU C 100 17.05 -17.35 -8.47
N VAL C 101 17.60 -16.51 -9.33
CA VAL C 101 18.19 -17.01 -10.57
C VAL C 101 19.41 -17.87 -10.28
N LEU C 102 20.19 -17.50 -9.27
CA LEU C 102 21.32 -18.33 -8.85
C LEU C 102 20.84 -19.70 -8.39
N SER C 103 19.79 -19.72 -7.57
CA SER C 103 19.27 -21.00 -7.10
C SER C 103 18.74 -21.85 -8.25
N LEU C 104 18.05 -21.22 -9.20
CA LEU C 104 17.52 -21.96 -10.33
C LEU C 104 18.66 -22.52 -11.19
N CYS C 105 19.71 -21.72 -11.38
CA CYS C 105 20.87 -22.19 -12.14
C CYS C 105 21.55 -23.36 -11.42
N PHE C 106 21.60 -23.31 -10.09
CA PHE C 106 22.18 -24.42 -9.34
C PHE C 106 21.36 -25.70 -9.52
N ILE C 107 20.04 -25.59 -9.34
CA ILE C 107 19.16 -26.76 -9.45
C ILE C 107 19.24 -27.34 -10.86
N PHE C 108 19.38 -26.48 -11.87
CA PHE C 108 19.49 -26.99 -13.23
C PHE C 108 20.89 -27.55 -13.51
N SER C 109 21.92 -27.00 -12.90
CA SER C 109 23.27 -27.50 -13.13
C SER C 109 23.47 -28.88 -12.53
N VAL C 110 22.83 -29.17 -11.39
CA VAL C 110 22.93 -30.52 -10.83
C VAL C 110 22.30 -31.54 -11.79
N VAL C 111 21.13 -31.22 -12.34
CA VAL C 111 20.48 -32.11 -13.29
C VAL C 111 21.33 -32.24 -14.55
N GLY C 112 21.96 -31.15 -14.97
CA GLY C 112 22.84 -31.23 -16.13
C GLY C 112 24.04 -32.14 -15.87
N LEU C 113 24.60 -32.08 -14.67
CA LEU C 113 25.70 -32.97 -14.33
C LEU C 113 25.25 -34.42 -14.37
N HIS C 114 24.07 -34.71 -13.80
CA HIS C 114 23.54 -36.06 -13.85
C HIS C 114 23.34 -36.54 -15.28
N VAL C 115 22.78 -35.69 -16.14
CA VAL C 115 22.48 -36.14 -17.50
C VAL C 115 23.76 -36.28 -18.30
N ILE C 116 24.78 -35.46 -18.03
CA ILE C 116 26.07 -35.65 -18.68
C ILE C 116 26.70 -36.96 -18.26
N ALA C 117 26.60 -37.30 -16.96
CA ALA C 117 27.12 -38.57 -16.49
C ALA C 117 26.39 -39.74 -17.14
N LYS C 118 25.06 -39.65 -17.25
CA LYS C 118 24.29 -40.71 -17.89
C LYS C 118 24.66 -40.85 -19.36
N ILE C 119 24.89 -39.72 -20.04
CA ILE C 119 25.28 -39.77 -21.45
C ILE C 119 26.63 -40.45 -21.61
N THR C 120 27.62 -40.03 -20.81
CA THR C 120 28.96 -40.60 -20.95
C THR C 120 29.02 -42.04 -20.44
N ARG C 121 28.06 -42.48 -19.64
CA ARG C 121 28.04 -43.87 -19.22
C ARG C 121 27.35 -44.76 -20.24
N LYS C 122 26.22 -44.30 -20.79
CA LYS C 122 25.48 -45.11 -21.75
C LYS C 122 26.28 -45.36 -23.03
N PHE C 123 27.25 -44.52 -23.33
CA PHE C 123 28.10 -44.72 -24.51
C PHE C 123 29.56 -44.86 -24.10
N GLU D 20 14.80 -48.35 -6.03
CA GLU D 20 14.49 -49.56 -5.28
C GLU D 20 13.02 -49.93 -5.42
N TYR D 21 12.33 -49.27 -6.34
CA TYR D 21 10.91 -49.50 -6.59
C TYR D 21 10.71 -50.34 -7.85
N ASN D 22 9.60 -51.06 -7.88
CA ASN D 22 9.21 -51.87 -9.03
C ASN D 22 7.87 -51.35 -9.52
N TYR D 23 7.90 -50.51 -10.55
CA TYR D 23 6.68 -49.91 -11.08
C TYR D 23 5.72 -50.99 -11.55
N ASP D 24 4.44 -50.61 -11.63
CA ASP D 24 3.40 -51.53 -12.08
C ASP D 24 3.23 -51.39 -13.59
N GLU D 25 3.49 -52.48 -14.33
CA GLU D 25 3.42 -52.47 -15.78
C GLU D 25 2.18 -53.12 -16.34
N ASN D 26 1.54 -54.04 -15.60
CA ASN D 26 0.34 -54.71 -16.10
C ASN D 26 -0.91 -53.86 -15.92
N GLY D 27 -0.82 -52.72 -15.26
CA GLY D 27 -1.95 -51.82 -15.13
C GLY D 27 -3.07 -52.31 -14.24
N GLN D 28 -2.80 -52.42 -12.93
CA GLN D 28 -3.84 -52.75 -11.97
C GLN D 28 -3.83 -51.89 -10.72
N PHE D 29 -2.86 -51.01 -10.55
CA PHE D 29 -2.76 -50.22 -9.32
C PHE D 29 -2.72 -48.72 -9.55
N PHE D 30 -2.08 -48.25 -10.61
CA PHE D 30 -2.13 -46.82 -10.91
C PHE D 30 -3.53 -46.32 -11.21
N PRO D 31 -4.45 -47.08 -11.83
CA PRO D 31 -5.80 -46.54 -12.02
C PRO D 31 -6.50 -46.22 -10.72
N PHE D 32 -6.34 -47.06 -9.69
CA PHE D 32 -6.98 -46.79 -8.42
C PHE D 32 -6.47 -45.48 -7.81
N PHE D 33 -5.15 -45.27 -7.86
CA PHE D 33 -4.58 -44.05 -7.29
C PHE D 33 -5.06 -42.81 -8.04
N VAL D 34 -4.94 -42.82 -9.37
CA VAL D 34 -5.33 -41.65 -10.12
C VAL D 34 -6.83 -41.41 -10.00
N LEU D 35 -7.63 -42.48 -9.91
CA LEU D 35 -9.06 -42.33 -9.77
C LEU D 35 -9.42 -41.70 -8.42
N THR D 36 -8.81 -42.20 -7.34
CA THR D 36 -9.11 -41.62 -6.04
C THR D 36 -8.70 -40.15 -5.98
N LEU D 37 -7.51 -39.81 -6.49
CA LEU D 37 -7.07 -38.42 -6.42
C LEU D 37 -7.96 -37.51 -7.28
N THR D 38 -8.19 -37.89 -8.54
CA THR D 38 -8.99 -37.06 -9.42
C THR D 38 -10.44 -36.98 -8.93
N GLY D 39 -10.96 -38.02 -8.30
CA GLY D 39 -12.29 -37.94 -7.74
C GLY D 39 -12.35 -36.97 -6.57
N LEU D 40 -11.37 -37.09 -5.66
CA LEU D 40 -11.31 -36.16 -4.53
C LEU D 40 -11.23 -34.71 -4.99
N VAL D 41 -10.61 -34.46 -6.14
CA VAL D 41 -10.57 -33.10 -6.67
C VAL D 41 -11.88 -32.72 -7.34
N THR D 42 -12.34 -33.55 -8.29
CA THR D 42 -13.42 -33.16 -9.17
C THR D 42 -14.77 -33.15 -8.46
N LEU D 43 -14.99 -34.01 -7.48
CA LEU D 43 -16.25 -33.98 -6.75
C LEU D 43 -16.46 -32.62 -6.10
N PRO D 44 -15.43 -32.10 -5.42
CA PRO D 44 -15.52 -30.78 -4.82
C PRO D 44 -15.60 -29.69 -5.89
N LEU D 45 -14.77 -29.78 -6.92
CA LEU D 45 -14.76 -28.76 -7.96
C LEU D 45 -16.07 -28.68 -8.72
N THR D 46 -16.87 -29.76 -8.72
CA THR D 46 -18.16 -29.76 -9.38
C THR D 46 -19.30 -29.39 -8.44
N TYR D 47 -19.22 -29.83 -7.17
CA TYR D 47 -20.26 -29.45 -6.21
C TYR D 47 -20.19 -27.99 -5.82
N SER D 48 -19.01 -27.37 -5.94
CA SER D 48 -18.87 -25.96 -5.61
C SER D 48 -19.17 -25.04 -6.80
N LEU D 49 -19.23 -25.57 -8.01
CA LEU D 49 -19.50 -24.78 -9.21
C LEU D 49 -20.54 -25.47 -10.09
N LEU D 50 -21.63 -25.91 -9.47
CA LEU D 50 -22.71 -26.57 -10.19
C LEU D 50 -23.82 -25.57 -10.54
N ALA D 60 -29.79 0.32 1.06
CA ALA D 60 -30.48 -0.78 0.39
C ALA D 60 -31.78 -0.36 -0.31
N PRO D 61 -32.68 0.38 0.35
CA PRO D 61 -33.90 0.82 -0.32
C PRO D 61 -33.60 1.92 -1.34
N ARG D 62 -34.63 2.29 -2.08
CA ARG D 62 -34.52 3.32 -3.10
C ARG D 62 -35.60 4.37 -2.87
N ILE D 63 -35.26 5.62 -3.20
CA ILE D 63 -36.20 6.72 -3.03
C ILE D 63 -37.30 6.62 -4.07
N LYS D 64 -38.47 7.17 -3.75
CA LYS D 64 -39.65 7.05 -4.60
C LYS D 64 -39.64 8.15 -5.65
N SER D 65 -39.58 7.75 -6.92
CA SER D 65 -39.60 8.69 -8.02
C SER D 65 -40.32 8.04 -9.20
N ASP D 66 -41.28 8.77 -9.78
CA ASP D 66 -42.04 8.29 -10.92
C ASP D 66 -41.71 9.06 -12.19
N PHE D 67 -40.43 9.37 -12.39
CA PHE D 67 -39.97 10.19 -13.50
C PHE D 67 -38.77 9.54 -14.16
N LYS D 68 -38.82 9.42 -15.48
CA LYS D 68 -37.71 8.93 -16.29
C LYS D 68 -37.33 9.99 -17.32
N PRO D 69 -36.05 10.33 -17.42
CA PRO D 69 -35.64 11.45 -18.28
C PRO D 69 -35.51 11.02 -19.74
N GLN D 70 -35.05 11.94 -20.56
CA GLN D 70 -34.72 11.62 -21.95
C GLN D 70 -33.55 10.65 -22.00
N HIS D 71 -33.51 9.84 -23.06
CA HIS D 71 -32.48 8.82 -23.22
C HIS D 71 -32.45 7.87 -22.03
N ASP D 72 -33.57 7.18 -21.82
CA ASP D 72 -33.66 6.22 -20.74
C ASP D 72 -33.06 4.87 -21.12
N ASP D 73 -33.19 4.46 -22.37
CA ASP D 73 -32.65 3.19 -22.80
C ASP D 73 -31.14 3.15 -22.65
N ILE D 74 -30.45 4.23 -23.04
CA ILE D 74 -28.99 4.26 -22.99
C ILE D 74 -28.52 4.15 -21.54
N ILE D 75 -29.10 4.95 -20.64
CA ILE D 75 -28.64 4.96 -19.26
C ILE D 75 -28.97 3.64 -18.58
N GLN D 76 -30.13 3.06 -18.87
CA GLN D 76 -30.48 1.78 -18.25
C GLN D 76 -29.59 0.66 -18.77
N ASN D 77 -29.28 0.65 -20.07
CA ASN D 77 -28.38 -0.35 -20.60
C ASN D 77 -26.99 -0.20 -20.00
N GLN D 78 -26.54 1.03 -19.80
CA GLN D 78 -25.24 1.24 -19.16
C GLN D 78 -25.26 0.74 -17.72
N LYS D 79 -26.37 0.98 -17.02
CA LYS D 79 -26.49 0.50 -15.64
C LYS D 79 -26.43 -1.02 -15.56
N ARG D 80 -27.15 -1.70 -16.45
CA ARG D 80 -27.11 -3.16 -16.46
C ARG D 80 -25.75 -3.70 -16.91
N LYS D 81 -25.08 -2.98 -17.80
CA LYS D 81 -23.78 -3.42 -18.31
C LYS D 81 -22.66 -3.21 -17.30
N ARG D 82 -22.79 -2.24 -16.40
CA ARG D 82 -21.70 -1.89 -15.48
C ARG D 82 -21.23 -3.11 -14.69
N LEU D 83 -22.16 -3.94 -14.24
CA LEU D 83 -21.83 -5.14 -13.47
C LEU D 83 -22.04 -6.38 -14.33
N ARG D 84 -21.11 -7.32 -14.25
CA ARG D 84 -21.15 -8.54 -15.04
C ARG D 84 -20.14 -9.52 -14.48
N LYS D 85 -20.55 -10.78 -14.35
CA LYS D 85 -19.66 -11.83 -13.85
C LYS D 85 -20.25 -13.17 -14.23
N GLU D 86 -19.44 -14.03 -14.85
CA GLU D 86 -19.88 -15.35 -15.26
C GLU D 86 -19.42 -16.43 -14.28
N ARG D 87 -18.11 -16.53 -14.06
CA ARG D 87 -17.54 -17.51 -13.13
C ARG D 87 -17.98 -18.93 -13.47
N ARG D 88 -18.05 -19.22 -14.77
CA ARG D 88 -18.48 -20.54 -15.23
C ARG D 88 -17.46 -21.16 -16.16
N VAL D 89 -16.79 -20.33 -16.97
CA VAL D 89 -15.82 -20.85 -17.93
C VAL D 89 -14.58 -21.37 -17.23
N LYS D 90 -14.26 -20.83 -16.05
CA LYS D 90 -13.05 -21.22 -15.35
C LYS D 90 -13.15 -22.65 -14.81
N ARG D 91 -14.36 -23.12 -14.50
CA ARG D 91 -14.54 -24.41 -13.87
C ARG D 91 -15.22 -25.46 -14.74
N ALA D 92 -15.91 -25.04 -15.81
CA ALA D 92 -16.66 -26.00 -16.62
C ALA D 92 -15.73 -26.99 -17.30
N ILE D 93 -14.70 -26.48 -17.99
CA ILE D 93 -13.78 -27.37 -18.69
C ILE D 93 -13.01 -28.23 -17.69
N ALA D 94 -12.69 -27.69 -16.53
CA ALA D 94 -12.00 -28.47 -15.51
C ALA D 94 -12.86 -29.64 -15.05
N VAL D 95 -14.14 -29.37 -14.75
CA VAL D 95 -15.01 -30.44 -14.29
C VAL D 95 -15.23 -31.47 -15.38
N VAL D 96 -15.37 -31.03 -16.63
CA VAL D 96 -15.66 -31.99 -17.70
C VAL D 96 -14.44 -32.85 -17.99
N VAL D 97 -13.23 -32.29 -17.94
CA VAL D 97 -12.05 -33.11 -18.17
C VAL D 97 -11.82 -34.04 -16.99
N GLY D 98 -12.12 -33.59 -15.77
CA GLY D 98 -12.03 -34.47 -14.62
C GLY D 98 -12.94 -35.66 -14.74
N TRP D 99 -14.20 -35.41 -15.11
CA TRP D 99 -15.15 -36.52 -15.25
C TRP D 99 -14.80 -37.43 -16.42
N ALA D 100 -14.24 -36.87 -17.50
CA ALA D 100 -13.81 -37.71 -18.62
C ALA D 100 -12.68 -38.64 -18.20
N ILE D 101 -11.67 -38.11 -17.50
CA ILE D 101 -10.56 -38.96 -17.08
C ILE D 101 -11.04 -39.96 -16.02
N ILE D 102 -12.01 -39.59 -15.20
CA ILE D 102 -12.57 -40.53 -14.23
C ILE D 102 -13.27 -41.67 -14.94
N GLY D 103 -14.05 -41.36 -15.97
CA GLY D 103 -14.69 -42.42 -16.74
C GLY D 103 -13.68 -43.35 -17.40
N TYR D 104 -12.60 -42.77 -17.94
CA TYR D 104 -11.57 -43.61 -18.55
C TYR D 104 -10.94 -44.54 -17.51
N MET D 105 -10.67 -44.03 -16.31
CA MET D 105 -10.08 -44.87 -15.29
C MET D 105 -11.04 -45.96 -14.83
N VAL D 106 -12.33 -45.66 -14.74
CA VAL D 106 -13.30 -46.69 -14.39
C VAL D 106 -13.35 -47.76 -15.45
N TYR D 107 -13.25 -47.36 -16.73
CA TYR D 107 -13.20 -48.35 -17.80
C TYR D 107 -11.97 -49.24 -17.67
N LEU D 108 -10.81 -48.62 -17.41
CA LEU D 108 -9.57 -49.39 -17.27
C LEU D 108 -9.64 -50.35 -16.08
N ILE D 109 -10.33 -49.95 -15.01
CA ILE D 109 -10.48 -50.84 -13.87
C ILE D 109 -11.43 -51.98 -14.20
N ILE D 110 -12.55 -51.68 -14.87
CA ILE D 110 -13.52 -52.72 -15.21
C ILE D 110 -13.03 -53.64 -16.31
N VAL D 111 -11.95 -53.28 -17.00
CA VAL D 111 -11.32 -54.22 -17.92
C VAL D 111 -10.84 -55.46 -17.18
N THR D 112 -10.19 -55.25 -16.03
CA THR D 112 -9.72 -56.36 -15.21
C THR D 112 -10.41 -56.36 -13.86
N SER D 200 10.02 -62.35 1.55
CA SER D 200 8.69 -61.98 1.08
C SER D 200 8.32 -60.58 1.54
N TYR D 201 9.02 -59.58 0.99
CA TYR D 201 8.75 -58.19 1.33
C TYR D 201 9.28 -57.33 0.20
N SER D 202 8.38 -56.70 -0.56
CA SER D 202 8.75 -55.88 -1.69
C SER D 202 7.81 -54.70 -1.80
N ILE D 203 8.37 -53.54 -2.16
CA ILE D 203 7.60 -52.30 -2.28
C ILE D 203 7.43 -51.98 -3.76
N GLY D 204 6.27 -51.41 -4.10
CA GLY D 204 5.99 -51.00 -5.46
C GLY D 204 5.37 -49.62 -5.50
N ILE D 205 5.20 -49.10 -6.71
CA ILE D 205 4.60 -47.79 -6.93
C ILE D 205 3.48 -47.94 -7.94
N ALA D 206 2.37 -47.23 -7.70
CA ALA D 206 1.21 -47.29 -8.59
C ALA D 206 1.30 -46.18 -9.62
N LEU D 207 2.30 -46.30 -10.49
CA LEU D 207 2.49 -45.43 -11.63
C LEU D 207 2.85 -46.27 -12.85
N PRO D 208 2.32 -45.92 -14.03
CA PRO D 208 2.56 -46.75 -15.21
C PRO D 208 4.03 -46.90 -15.52
N LYS D 209 4.35 -47.97 -16.24
CA LYS D 209 5.74 -48.31 -16.51
C LYS D 209 6.36 -47.42 -17.59
N LEU D 210 5.57 -46.99 -18.58
CA LEU D 210 6.12 -46.21 -19.68
C LEU D 210 6.68 -44.87 -19.23
N ILE D 211 6.40 -44.43 -18.00
CA ILE D 211 6.94 -43.17 -17.52
C ILE D 211 8.42 -43.27 -17.21
N ILE D 212 8.97 -44.49 -17.10
CA ILE D 212 10.37 -44.69 -16.79
C ILE D 212 11.12 -45.40 -17.92
N GLU D 213 10.43 -45.82 -18.97
CA GLU D 213 11.09 -46.53 -20.06
C GLU D 213 12.12 -45.64 -20.74
N GLU D 214 13.05 -46.28 -21.46
CA GLU D 214 14.14 -45.55 -22.10
C GLU D 214 13.66 -44.65 -23.22
N GLY D 215 12.46 -44.88 -23.74
CA GLY D 215 11.94 -44.08 -24.83
C GLY D 215 11.45 -42.71 -24.40
N SER D 216 10.60 -42.67 -23.37
CA SER D 216 10.00 -41.42 -22.93
C SER D 216 10.78 -40.75 -21.79
N GLY D 217 11.91 -41.32 -21.39
CA GLY D 217 12.69 -40.76 -20.30
C GLY D 217 13.17 -39.34 -20.55
N LYS D 218 13.96 -39.16 -21.61
CA LYS D 218 14.45 -37.83 -21.95
C LYS D 218 13.30 -36.88 -22.25
N TYR D 219 12.22 -37.39 -22.83
CA TYR D 219 11.07 -36.54 -23.15
C TYR D 219 10.44 -35.97 -21.89
N VAL D 220 10.15 -36.82 -20.91
CA VAL D 220 9.53 -36.32 -19.68
C VAL D 220 10.51 -35.46 -18.89
N LEU D 221 11.80 -35.79 -18.95
CA LEU D 221 12.80 -34.96 -18.27
C LEU D 221 12.81 -33.55 -18.85
N MET D 222 12.87 -33.45 -20.18
CA MET D 222 12.85 -32.13 -20.81
C MET D 222 11.53 -31.42 -20.58
N LEU D 223 10.43 -32.17 -20.48
CA LEU D 223 9.13 -31.55 -20.20
C LEU D 223 9.15 -30.88 -18.84
N TYR D 224 9.57 -31.61 -17.80
CA TYR D 224 9.65 -31.02 -16.47
C TYR D 224 10.63 -29.85 -16.44
N ALA D 225 11.77 -29.99 -17.12
CA ALA D 225 12.76 -28.92 -17.13
C ALA D 225 12.18 -27.65 -17.73
N SER D 226 11.57 -27.77 -18.91
CA SER D 226 10.97 -26.60 -19.55
C SER D 226 9.86 -26.02 -18.70
N LEU D 227 9.05 -26.87 -18.05
CA LEU D 227 7.99 -26.37 -17.19
C LEU D 227 8.56 -25.50 -16.08
N LEU D 228 9.46 -26.06 -15.27
CA LEU D 228 10.00 -25.30 -14.15
C LEU D 228 10.80 -24.10 -14.62
N GLY D 229 11.41 -24.16 -15.80
CA GLY D 229 12.21 -23.04 -16.27
C GLY D 229 11.40 -21.90 -16.81
N ILE D 230 10.26 -22.20 -17.43
CA ILE D 230 9.49 -21.18 -18.14
C ILE D 230 8.24 -20.78 -17.36
N LEU D 231 7.37 -21.74 -17.07
CA LEU D 231 6.04 -21.41 -16.57
C LEU D 231 6.10 -20.65 -15.24
N LEU D 232 6.91 -21.14 -14.30
CA LEU D 232 6.96 -20.48 -12.99
C LEU D 232 7.48 -19.05 -13.07
N PRO D 233 8.63 -18.76 -13.70
CA PRO D 233 9.03 -17.35 -13.82
C PRO D 233 8.03 -16.53 -14.62
N TYR D 234 7.46 -17.10 -15.68
CA TYR D 234 6.50 -16.37 -16.50
C TYR D 234 5.25 -16.02 -15.70
N ILE D 235 4.68 -17.00 -15.00
CA ILE D 235 3.45 -16.73 -14.25
C ILE D 235 3.74 -15.80 -13.07
N VAL D 236 4.93 -15.90 -12.47
CA VAL D 236 5.26 -15.02 -11.36
C VAL D 236 5.40 -13.58 -11.84
N GLY D 237 6.12 -13.37 -12.95
CA GLY D 237 6.21 -12.03 -13.52
C GLY D 237 4.87 -11.50 -13.98
N ARG D 238 4.00 -12.39 -14.49
CA ARG D 238 2.67 -11.96 -14.90
C ARG D 238 1.87 -11.44 -13.71
N TRP D 239 1.85 -12.21 -12.62
CA TRP D 239 1.15 -11.75 -11.42
C TRP D 239 1.78 -10.48 -10.86
N TRP D 240 3.10 -10.36 -10.96
CA TRP D 240 3.79 -9.20 -10.41
C TRP D 240 3.42 -7.94 -11.17
N TYR D 241 3.58 -7.96 -12.50
CA TYR D 241 3.23 -6.81 -13.32
C TYR D 241 1.74 -6.68 -13.55
N GLY D 242 0.92 -7.57 -13.00
CA GLY D 242 -0.52 -7.46 -13.10
C GLY D 242 -1.16 -6.86 -11.88
N SER D 243 -0.56 -7.08 -10.71
CA SER D 243 -1.06 -6.55 -9.45
C SER D 243 -0.18 -5.42 -8.93
N GLN D 244 0.31 -4.59 -9.83
CA GLN D 244 1.16 -3.46 -9.46
C GLN D 244 0.60 -2.15 -9.97
N ARG D 245 -0.16 -2.19 -11.06
CA ARG D 245 -0.65 -0.98 -11.68
C ARG D 245 -1.85 -0.39 -10.95
N TYR D 246 -2.67 -1.23 -10.32
CA TYR D 246 -3.86 -0.74 -9.63
C TYR D 246 -3.48 -0.20 -8.25
N THR D 247 -3.87 1.04 -7.98
CA THR D 247 -3.59 1.67 -6.70
C THR D 247 -4.71 1.35 -5.72
N ARG D 248 -4.70 2.03 -4.57
CA ARG D 248 -5.69 1.73 -3.53
C ARG D 248 -7.09 2.19 -3.93
N GLU D 249 -7.21 3.30 -4.67
CA GLU D 249 -8.50 3.87 -5.02
C GLU D 249 -9.02 3.36 -6.36
N LYS D 250 -8.61 2.16 -6.78
CA LYS D 250 -9.13 1.51 -7.98
C LYS D 250 -8.92 2.36 -9.23
N VAL D 251 -7.73 2.94 -9.35
CA VAL D 251 -7.35 3.69 -10.53
C VAL D 251 -5.94 3.29 -10.92
N LEU D 252 -5.65 3.37 -12.23
CA LEU D 252 -4.33 2.99 -12.72
C LEU D 252 -3.27 3.94 -12.18
N ALA D 253 -2.07 3.40 -11.91
CA ALA D 253 -1.01 4.20 -11.35
C ALA D 253 -0.59 5.33 -12.28
N ALA D 254 -0.63 5.09 -13.59
CA ALA D 254 -0.29 6.15 -14.53
C ALA D 254 -1.27 7.31 -14.44
N SER D 255 -2.56 7.00 -14.20
CA SER D 255 -3.55 8.06 -14.09
C SER D 255 -3.30 8.95 -12.87
N ALA D 256 -3.05 8.32 -11.71
CA ALA D 256 -2.78 9.09 -10.52
C ALA D 256 -1.48 9.87 -10.65
N GLY D 257 -0.47 9.29 -11.30
CA GLY D 257 0.77 10.01 -11.51
C GLY D 257 0.60 11.21 -12.41
N ASN D 258 -0.21 11.07 -13.47
CA ASN D 258 -0.45 12.18 -14.37
C ASN D 258 -1.33 13.24 -13.72
N MET D 259 -2.18 12.84 -12.77
CA MET D 259 -3.06 13.80 -12.09
C MET D 259 -2.35 14.51 -10.95
N PHE D 260 -1.29 13.92 -10.39
CA PHE D 260 -0.58 14.56 -9.29
C PHE D 260 0.07 15.86 -9.74
N ARG D 261 0.78 15.83 -10.87
CA ARG D 261 1.55 16.99 -11.29
C ARG D 261 0.67 18.19 -11.59
N GLU D 262 -0.55 17.95 -12.04
CA GLU D 262 -1.46 19.04 -12.38
C GLU D 262 -2.04 19.73 -11.15
N TYR D 263 -1.71 19.27 -9.95
CA TYR D 263 -2.22 19.91 -8.74
C TYR D 263 -1.57 21.27 -8.53
N GLU D 264 -2.38 22.26 -8.22
CA GLU D 264 -1.93 23.64 -8.01
C GLU D 264 -2.19 24.03 -6.57
N GLY D 265 -1.85 25.28 -6.24
CA GLY D 265 -2.03 25.77 -4.89
C GLY D 265 -3.49 25.92 -4.49
N THR D 266 -4.20 26.83 -5.14
CA THR D 266 -5.61 27.12 -4.85
C THR D 266 -6.40 27.03 -6.15
N MET D 267 -6.92 25.84 -6.45
CA MET D 267 -7.79 25.63 -7.59
C MET D 267 -9.11 25.05 -7.11
N ILE D 268 -10.21 25.68 -7.49
CA ILE D 268 -11.54 25.27 -7.05
C ILE D 268 -12.52 25.50 -8.20
N GLY D 269 -13.40 24.53 -8.42
CA GLY D 269 -14.43 24.67 -9.43
C GLY D 269 -13.97 24.31 -10.83
N GLY D 270 -13.66 25.32 -11.63
CA GLY D 270 -13.31 25.14 -13.02
C GLY D 270 -12.11 24.24 -13.25
N PRO D 271 -10.92 24.69 -12.86
CA PRO D 271 -9.70 23.94 -13.18
C PRO D 271 -9.65 22.53 -12.63
N ILE D 272 -10.54 22.16 -11.70
CA ILE D 272 -10.54 20.81 -11.19
C ILE D 272 -10.96 19.82 -12.28
N VAL D 273 -11.92 20.21 -13.12
CA VAL D 273 -12.32 19.34 -14.22
C VAL D 273 -11.18 19.19 -15.22
N ASN D 274 -10.41 20.25 -15.44
CA ASN D 274 -9.25 20.15 -16.32
C ASN D 274 -8.21 19.21 -15.76
N ALA D 275 -7.87 19.36 -14.48
CA ALA D 275 -6.88 18.48 -13.86
C ALA D 275 -7.41 17.06 -13.68
N LEU D 276 -8.72 16.86 -13.79
CA LEU D 276 -9.32 15.55 -13.63
C LEU D 276 -9.58 14.84 -14.95
N SER D 277 -9.58 15.57 -16.06
CA SER D 277 -9.78 14.96 -17.38
C SER D 277 -8.47 14.50 -18.00
N THR D 278 -7.46 14.19 -17.19
CA THR D 278 -6.20 13.68 -17.69
C THR D 278 -5.92 12.29 -17.13
N GLY D 279 -6.94 11.45 -17.08
CA GLY D 279 -6.80 10.11 -16.58
C GLY D 279 -6.22 9.17 -17.62
N GLU D 280 -6.41 7.87 -17.39
CA GLU D 280 -5.93 6.85 -18.31
C GLU D 280 -7.02 5.94 -18.85
N GLU D 281 -8.19 5.87 -18.21
CA GLU D 281 -9.28 5.06 -18.74
C GLU D 281 -9.78 5.56 -20.08
N TYR D 282 -9.61 6.85 -20.37
CA TYR D 282 -10.03 7.38 -21.65
C TYR D 282 -9.19 6.84 -22.81
N LYS D 283 -7.98 6.34 -22.52
CA LYS D 283 -7.21 5.67 -23.56
C LYS D 283 -7.87 4.37 -23.99
N GLU D 284 -8.29 3.55 -23.02
CA GLU D 284 -8.91 2.27 -23.32
C GLU D 284 -10.37 2.39 -23.72
N MET D 285 -11.02 3.52 -23.41
CA MET D 285 -12.43 3.66 -23.74
C MET D 285 -12.63 3.91 -25.23
N LEU D 286 -11.96 4.92 -25.77
CA LEU D 286 -12.15 5.35 -27.16
C LEU D 286 -10.92 5.07 -28.03
N SER D 287 -10.21 3.99 -27.75
CA SER D 287 -9.04 3.63 -28.55
C SER D 287 -9.45 3.30 -29.97
N GLY D 288 -8.53 3.51 -30.90
CA GLY D 288 -8.78 3.27 -32.31
C GLY D 288 -9.28 4.51 -33.00
N PRO D 289 -10.08 4.33 -34.05
CA PRO D 289 -10.66 5.48 -34.77
C PRO D 289 -11.84 6.12 -34.07
N LYS D 290 -12.10 5.77 -32.81
CA LYS D 290 -13.22 6.34 -32.06
C LYS D 290 -12.95 7.75 -31.56
N ALA D 291 -11.71 8.24 -31.68
CA ALA D 291 -11.39 9.55 -31.15
C ALA D 291 -12.01 10.66 -32.00
N GLU D 292 -11.80 10.61 -33.32
CA GLU D 292 -12.23 11.67 -34.22
C GLU D 292 -13.58 11.38 -34.87
N GLU D 293 -14.45 10.66 -34.20
CA GLU D 293 -15.76 10.35 -34.78
C GLU D 293 -16.68 11.56 -34.72
N GLY D 294 -16.76 12.21 -33.56
CA GLY D 294 -17.62 13.37 -33.40
C GLY D 294 -16.95 14.49 -32.64
N LEU D 295 -15.63 14.62 -32.80
CA LEU D 295 -14.90 15.65 -32.07
C LEU D 295 -15.37 17.05 -32.45
N ALA D 296 -15.45 17.31 -33.76
CA ALA D 296 -15.92 18.62 -34.20
C ALA D 296 -17.32 18.91 -33.69
N LYS D 297 -18.22 17.92 -33.78
CA LYS D 297 -19.60 18.10 -33.33
C LYS D 297 -19.64 18.46 -31.85
N VAL D 298 -19.07 17.61 -31.00
CA VAL D 298 -19.14 17.83 -29.56
C VAL D 298 -18.44 19.13 -29.16
N GLU D 299 -17.28 19.40 -29.76
CA GLU D 299 -16.51 20.58 -29.39
C GLU D 299 -17.26 21.85 -29.76
N LYS D 300 -17.79 21.92 -30.99
CA LYS D 300 -18.58 23.08 -31.38
C LYS D 300 -19.79 23.25 -30.47
N LYS D 301 -20.51 22.15 -30.23
CA LYS D 301 -21.71 22.20 -29.38
C LYS D 301 -21.39 22.79 -28.02
N VAL D 302 -20.39 22.24 -27.33
CA VAL D 302 -20.08 22.66 -25.97
C VAL D 302 -19.53 24.09 -25.97
N LEU D 303 -18.58 24.38 -26.86
CA LEU D 303 -17.93 25.69 -26.85
C LEU D 303 -18.86 26.81 -27.28
N ALA D 304 -19.95 26.49 -27.99
CA ALA D 304 -20.86 27.53 -28.45
C ALA D 304 -22.07 27.69 -27.52
N LEU D 305 -22.80 26.62 -27.24
CA LEU D 305 -24.07 26.78 -26.55
C LEU D 305 -23.93 27.09 -25.06
N ASP D 306 -22.73 27.00 -24.49
CA ASP D 306 -22.51 27.39 -23.11
C ASP D 306 -22.06 28.84 -23.02
N GLU D 307 -22.66 29.58 -22.09
CA GLU D 307 -22.38 31.01 -21.93
C GLU D 307 -21.04 31.22 -21.24
N LYS D 308 -20.74 32.48 -20.94
CA LYS D 308 -19.46 32.83 -20.34
C LYS D 308 -19.44 32.68 -18.83
N ILE D 309 -20.61 32.52 -18.18
CA ILE D 309 -20.65 32.36 -16.74
C ILE D 309 -20.47 30.92 -16.30
N LEU D 310 -20.40 29.97 -17.24
CA LEU D 310 -20.11 28.59 -16.92
C LEU D 310 -18.71 28.16 -17.38
N SER D 311 -18.02 29.00 -18.16
CA SER D 311 -16.65 28.74 -18.57
C SER D 311 -16.06 30.05 -19.05
N ALA D 312 -14.97 30.49 -18.43
CA ALA D 312 -14.36 31.78 -18.74
C ALA D 312 -13.03 31.65 -19.47
N LYS D 313 -12.07 30.95 -18.87
CA LYS D 313 -10.81 30.63 -19.53
C LYS D 313 -10.68 29.13 -19.78
N ASP D 314 -11.66 28.33 -19.35
CA ASP D 314 -11.67 26.92 -19.70
C ASP D 314 -11.74 26.73 -21.21
N ARG D 315 -12.38 27.67 -21.92
CA ARG D 315 -12.34 27.64 -23.38
C ARG D 315 -10.90 27.73 -23.86
N GLU D 316 -10.09 28.58 -23.23
CA GLU D 316 -8.69 28.70 -23.63
C GLU D 316 -7.92 27.43 -23.33
N VAL D 317 -8.11 26.87 -22.13
CA VAL D 317 -7.35 25.67 -21.76
C VAL D 317 -7.83 24.46 -22.56
N LEU D 318 -9.03 24.52 -23.13
CA LEU D 318 -9.50 23.46 -24.02
C LEU D 318 -8.99 23.65 -25.45
N ARG D 319 -8.84 24.90 -25.89
CA ARG D 319 -8.28 25.17 -27.21
C ARG D 319 -6.76 25.01 -27.25
N LYS D 320 -6.10 25.02 -26.09
CA LYS D 320 -4.64 24.95 -26.06
C LYS D 320 -4.12 23.52 -26.16
N ILE D 321 -4.71 22.57 -25.44
CA ILE D 321 -4.20 21.21 -25.43
C ILE D 321 -4.39 20.60 -26.81
N ASP D 322 -3.44 19.76 -27.23
CA ASP D 322 -3.42 19.19 -28.57
C ASP D 322 -3.12 17.69 -28.50
N ASN D 323 -4.18 16.90 -28.34
CA ASN D 323 -4.15 15.46 -28.49
C ASN D 323 -5.59 14.95 -28.52
N PRO D 324 -5.93 14.06 -29.45
CA PRO D 324 -7.35 13.73 -29.66
C PRO D 324 -8.02 13.13 -28.44
N VAL D 325 -7.36 12.22 -27.73
CA VAL D 325 -8.01 11.50 -26.64
C VAL D 325 -8.37 12.45 -25.51
N ARG D 326 -7.44 13.30 -25.08
CA ARG D 326 -7.72 14.16 -23.93
C ARG D 326 -8.72 15.25 -24.28
N ARG D 327 -8.61 15.84 -25.46
CA ARG D 327 -9.56 16.89 -25.84
C ARG D 327 -10.96 16.31 -26.00
N LYS D 328 -11.07 15.13 -26.60
CA LYS D 328 -12.38 14.47 -26.68
C LYS D 328 -12.91 14.18 -25.28
N ALA D 329 -12.06 13.70 -24.37
CA ALA D 329 -12.52 13.42 -23.01
C ALA D 329 -13.03 14.67 -22.33
N LEU D 330 -12.33 15.79 -22.49
CA LEU D 330 -12.73 17.03 -21.82
C LEU D 330 -14.03 17.56 -22.41
N ALA D 331 -14.15 17.58 -23.74
CA ALA D 331 -15.39 18.03 -24.36
C ALA D 331 -16.56 17.16 -23.93
N LEU D 332 -16.35 15.85 -23.84
CA LEU D 332 -17.42 14.96 -23.43
C LEU D 332 -17.78 15.15 -21.96
N LEU D 333 -16.78 15.41 -21.11
CA LEU D 333 -17.06 15.65 -19.70
C LEU D 333 -17.89 16.91 -19.54
N TRP D 334 -17.57 17.97 -20.26
CA TRP D 334 -18.38 19.17 -20.17
C TRP D 334 -19.79 18.94 -20.73
N ALA D 335 -19.88 18.19 -21.84
CA ALA D 335 -21.20 17.88 -22.39
C ALA D 335 -22.06 17.11 -21.42
N TYR D 336 -21.45 16.23 -20.61
CA TYR D 336 -22.20 15.54 -19.57
C TYR D 336 -22.58 16.49 -18.44
N LEU D 337 -21.62 17.29 -17.97
CA LEU D 337 -21.87 18.19 -16.86
C LEU D 337 -22.72 19.39 -17.23
N ASN D 338 -23.21 19.49 -18.47
CA ASN D 338 -24.11 20.58 -18.82
C ASN D 338 -25.46 20.15 -19.36
N ARG D 339 -25.73 18.84 -19.48
CA ARG D 339 -27.00 18.34 -20.01
C ARG D 339 -27.26 18.89 -21.42
N ILE D 340 -26.32 18.64 -22.32
CA ILE D 340 -26.40 19.24 -23.64
C ILE D 340 -27.01 18.30 -24.69
N ASP D 341 -27.25 17.03 -24.32
CA ASP D 341 -27.91 16.00 -25.13
C ASP D 341 -27.64 16.15 -26.63
N LEU D 342 -26.37 16.03 -27.00
CA LEU D 342 -25.98 16.07 -28.41
C LEU D 342 -26.70 14.98 -29.20
N GLU D 343 -27.04 15.31 -30.46
CA GLU D 343 -27.97 14.49 -31.23
C GLU D 343 -27.42 13.10 -31.55
N ASP D 344 -26.11 12.95 -31.69
CA ASP D 344 -25.52 11.71 -32.15
C ASP D 344 -25.86 10.55 -31.23
N PRO D 345 -26.63 9.55 -31.68
CA PRO D 345 -27.03 8.45 -30.79
C PRO D 345 -25.89 7.52 -30.42
N VAL D 346 -24.70 7.68 -30.99
CA VAL D 346 -23.58 6.82 -30.63
C VAL D 346 -22.74 7.44 -29.51
N LEU D 347 -22.74 8.77 -29.39
CA LEU D 347 -21.87 9.44 -28.44
C LEU D 347 -22.45 9.49 -27.04
N ASN D 348 -23.77 9.34 -26.88
CA ASN D 348 -24.34 9.33 -25.54
C ASN D 348 -23.88 8.12 -24.75
N GLU D 349 -23.78 6.97 -25.41
CA GLU D 349 -23.36 5.74 -24.75
C GLU D 349 -21.94 5.84 -24.20
N GLU D 350 -21.14 6.78 -24.70
CA GLU D 350 -19.82 7.02 -24.15
C GLU D 350 -19.77 8.24 -23.25
N LYS D 351 -20.68 9.20 -23.41
CA LYS D 351 -20.75 10.33 -22.49
C LYS D 351 -21.16 9.88 -21.10
N TYR D 352 -22.25 9.12 -21.01
CA TYR D 352 -22.71 8.64 -19.72
C TYR D 352 -21.75 7.63 -19.10
N GLU D 353 -20.72 7.21 -19.82
CA GLU D 353 -19.64 6.39 -19.28
C GLU D 353 -18.44 7.22 -18.87
N ALA D 354 -18.14 8.28 -19.63
CA ALA D 354 -17.12 9.24 -19.21
C ALA D 354 -17.49 9.86 -17.86
N GLY D 355 -18.79 10.05 -17.61
CA GLY D 355 -19.20 10.51 -16.30
C GLY D 355 -18.83 9.54 -15.18
N SER D 356 -19.14 8.26 -15.39
CA SER D 356 -18.82 7.26 -14.37
C SER D 356 -17.31 7.16 -14.15
N ILE D 357 -16.54 7.30 -15.22
CA ILE D 357 -15.08 7.26 -15.07
C ILE D 357 -14.60 8.48 -14.30
N ALA D 358 -15.17 9.65 -14.59
CA ALA D 358 -14.80 10.86 -13.87
C ALA D 358 -15.11 10.74 -12.39
N LEU D 359 -16.12 9.95 -12.02
CA LEU D 359 -16.41 9.76 -10.60
C LEU D 359 -15.24 9.10 -9.87
N SER D 360 -14.73 8.00 -10.42
CA SER D 360 -13.60 7.33 -9.78
C SER D 360 -12.35 8.20 -9.81
N LEU D 361 -12.12 8.89 -10.93
CA LEU D 361 -11.02 9.84 -10.96
C LEU D 361 -11.18 10.92 -9.90
N THR D 362 -12.41 11.30 -9.58
CA THR D 362 -12.66 12.28 -8.53
C THR D 362 -12.31 11.72 -7.16
N GLU D 363 -12.66 10.45 -6.92
CA GLU D 363 -12.22 9.82 -5.67
C GLU D 363 -10.70 9.86 -5.53
N SER D 364 -9.99 9.52 -6.62
CA SER D 364 -8.53 9.53 -6.57
C SER D 364 -7.99 10.94 -6.33
N PHE D 365 -8.59 11.94 -6.99
CA PHE D 365 -8.11 13.30 -6.81
C PHE D 365 -8.41 13.83 -5.42
N THR D 366 -9.53 13.43 -4.83
CA THR D 366 -9.80 13.78 -3.43
C THR D 366 -8.75 13.17 -2.51
N ALA D 367 -8.38 11.92 -2.76
CA ALA D 367 -7.32 11.31 -1.97
C ALA D 367 -6.01 12.09 -2.11
N ILE D 368 -5.67 12.50 -3.33
CA ILE D 368 -4.43 13.23 -3.54
C ILE D 368 -4.46 14.57 -2.83
N ALA D 369 -5.54 15.33 -3.01
CA ALA D 369 -5.64 16.65 -2.38
C ALA D 369 -5.66 16.53 -0.86
N LEU D 370 -6.18 15.42 -0.33
CA LEU D 370 -6.12 15.21 1.11
C LEU D 370 -4.71 14.90 1.56
N ALA D 371 -3.96 14.15 0.75
CA ALA D 371 -2.55 13.94 1.03
C ALA D 371 -1.82 15.28 1.10
N PHE D 372 -2.12 16.18 0.16
CA PHE D 372 -1.61 17.54 0.28
C PHE D 372 -2.23 18.23 1.49
N GLY D 373 -1.43 19.08 2.13
CA GLY D 373 -1.92 19.81 3.29
C GLY D 373 -2.50 21.17 2.94
N ASN D 374 -3.65 21.18 2.27
CA ASN D 374 -4.32 22.43 1.92
C ASN D 374 -5.81 22.27 2.14
N LEU D 375 -6.50 23.41 2.16
CA LEU D 375 -7.93 23.45 2.49
C LEU D 375 -8.83 23.70 1.31
N ILE D 376 -8.47 24.59 0.40
CA ILE D 376 -9.32 24.95 -0.73
C ILE D 376 -9.49 23.77 -1.69
N PRO D 377 -8.43 23.05 -2.07
CA PRO D 377 -8.64 21.89 -2.94
C PRO D 377 -9.52 20.82 -2.33
N ILE D 378 -9.57 20.71 -1.00
CA ILE D 378 -10.46 19.72 -0.37
C ILE D 378 -11.92 20.06 -0.68
N ILE D 379 -12.34 21.29 -0.37
CA ILE D 379 -13.70 21.70 -0.65
C ILE D 379 -13.98 21.63 -2.14
N GLY D 380 -12.98 21.97 -2.96
CA GLY D 380 -13.17 21.89 -4.41
C GLY D 380 -13.42 20.48 -4.89
N ALA D 381 -12.64 19.52 -4.40
CA ALA D 381 -12.85 18.13 -4.78
C ALA D 381 -14.19 17.61 -4.30
N TYR D 382 -14.60 18.00 -3.09
CA TYR D 382 -15.91 17.57 -2.60
C TYR D 382 -17.03 18.17 -3.45
N ARG D 383 -16.90 19.43 -3.86
CA ARG D 383 -17.92 20.03 -4.70
C ARG D 383 -17.96 19.36 -6.09
N ILE D 384 -16.80 19.02 -6.65
CA ILE D 384 -16.83 18.39 -7.96
C ILE D 384 -17.35 16.96 -7.86
N SER D 385 -17.17 16.31 -6.71
CA SER D 385 -17.80 15.00 -6.53
C SER D 385 -19.30 15.13 -6.34
N GLN D 386 -19.75 16.23 -5.74
CA GLN D 386 -21.19 16.50 -5.68
C GLN D 386 -21.76 16.76 -7.06
N CYS D 387 -20.99 17.41 -7.93
CA CYS D 387 -21.53 17.80 -9.23
C CYS D 387 -21.49 16.65 -10.23
N ILE D 388 -20.44 15.82 -10.21
CA ILE D 388 -20.37 14.72 -11.17
C ILE D 388 -21.41 13.65 -10.85
N VAL D 389 -21.64 13.35 -9.57
CA VAL D 389 -22.66 12.39 -9.19
C VAL D 389 -24.06 12.92 -9.46
N GLN D 390 -24.16 14.16 -9.91
CA GLN D 390 -25.39 14.76 -10.41
C GLN D 390 -25.13 15.22 -11.84
N ALA D 391 -26.05 16.02 -12.37
CA ALA D 391 -25.88 16.57 -13.69
C ALA D 391 -25.61 18.07 -13.70
N ILE D 392 -25.66 18.73 -12.55
CA ILE D 392 -25.47 20.17 -12.51
C ILE D 392 -24.00 20.50 -12.75
N SER D 393 -23.74 21.75 -13.12
CA SER D 393 -22.39 22.20 -13.40
C SER D 393 -21.84 23.01 -12.24
N PRO D 394 -20.57 22.83 -11.89
CA PRO D 394 -19.99 23.58 -10.77
C PRO D 394 -20.02 25.07 -11.05
N GLY D 395 -20.84 25.80 -10.30
CA GLY D 395 -21.08 27.21 -10.52
C GLY D 395 -22.51 27.54 -10.90
N SER D 396 -23.37 26.55 -11.08
CA SER D 396 -24.76 26.78 -11.41
C SER D 396 -25.64 26.56 -10.18
N SER D 397 -26.89 26.99 -10.30
CA SER D 397 -27.80 26.95 -9.16
C SER D 397 -28.02 25.50 -8.73
N PRO D 398 -28.03 25.22 -7.43
CA PRO D 398 -28.31 23.86 -6.95
C PRO D 398 -29.77 23.46 -7.03
N LEU D 399 -30.62 24.29 -7.64
CA LEU D 399 -32.04 24.01 -7.73
C LEU D 399 -32.37 22.96 -8.78
N LEU D 400 -31.39 22.47 -9.53
CA LEU D 400 -31.61 21.49 -10.58
C LEU D 400 -31.61 20.06 -10.06
N GLN D 401 -31.52 19.86 -8.74
CA GLN D 401 -31.60 18.52 -8.20
C GLN D 401 -33.03 17.98 -8.25
N LEU D 402 -34.02 18.87 -8.30
CA LEU D 402 -35.41 18.46 -8.41
C LEU D 402 -35.61 17.77 -9.76
N PRO D 403 -36.67 16.99 -9.95
CA PRO D 403 -36.71 16.11 -11.12
C PRO D 403 -37.01 16.81 -12.44
N TYR D 404 -37.91 17.79 -12.45
CA TYR D 404 -38.47 18.31 -13.70
C TYR D 404 -37.91 19.67 -14.05
N PHE D 405 -36.76 20.04 -13.52
CA PHE D 405 -36.27 21.40 -13.66
C PHE D 405 -35.29 21.53 -14.81
N THR D 406 -35.43 22.62 -15.56
CA THR D 406 -34.59 22.97 -16.70
C THR D 406 -34.03 24.36 -16.47
N PRO D 407 -33.05 24.80 -17.26
CA PRO D 407 -32.54 26.18 -17.09
C PRO D 407 -33.62 27.25 -17.17
N LYS D 408 -34.70 27.02 -17.91
CA LYS D 408 -35.74 28.04 -18.05
C LYS D 408 -36.39 28.35 -16.71
N VAL D 409 -36.86 27.33 -16.00
CA VAL D 409 -37.57 27.60 -14.75
C VAL D 409 -36.62 28.05 -13.65
N VAL D 410 -35.37 27.55 -13.65
CA VAL D 410 -34.43 28.00 -12.64
C VAL D 410 -33.97 29.42 -12.91
N GLU D 411 -34.09 29.89 -14.15
CA GLU D 411 -33.88 31.31 -14.42
C GLU D 411 -35.13 32.14 -14.15
N SER D 412 -36.30 31.51 -14.16
CA SER D 412 -37.54 32.21 -13.87
C SER D 412 -37.85 32.35 -12.38
N VAL D 413 -37.29 31.49 -11.53
CA VAL D 413 -37.62 31.53 -10.11
C VAL D 413 -36.61 32.34 -9.31
N GLU D 414 -35.32 32.20 -9.58
CA GLU D 414 -34.31 32.90 -8.78
C GLU D 414 -34.05 34.32 -9.28
N GLY D 415 -34.85 34.81 -10.21
CA GLY D 415 -34.70 36.16 -10.73
C GLY D 415 -34.00 36.17 -12.07
N ALA D 416 -34.08 37.33 -12.73
CA ALA D 416 -33.49 37.48 -14.05
C ALA D 416 -31.97 37.35 -14.00
N ASP D 417 -31.32 38.20 -13.20
CA ASP D 417 -29.87 38.21 -13.10
C ASP D 417 -29.48 38.43 -11.64
N VAL D 418 -28.97 37.36 -11.01
CA VAL D 418 -28.50 37.43 -9.63
C VAL D 418 -27.20 36.64 -9.52
N LYS D 419 -26.39 37.02 -8.53
CA LYS D 419 -25.11 36.35 -8.30
C LYS D 419 -25.19 35.25 -7.27
N THR D 420 -26.22 35.24 -6.43
CA THR D 420 -26.47 34.12 -5.52
C THR D 420 -27.40 33.12 -6.18
N HIS D 421 -27.58 31.97 -5.54
CA HIS D 421 -28.43 30.91 -6.05
C HIS D 421 -29.37 30.44 -4.96
N LEU D 422 -30.67 30.61 -5.18
CA LEU D 422 -31.67 30.09 -4.24
C LEU D 422 -31.47 28.60 -4.07
N SER D 423 -31.13 28.18 -2.86
CA SER D 423 -30.91 26.78 -2.59
C SER D 423 -32.26 26.08 -2.34
N VAL D 424 -32.20 24.77 -2.10
CA VAL D 424 -33.44 24.01 -1.96
C VAL D 424 -34.20 24.42 -0.71
N GLN D 425 -33.47 24.71 0.37
CA GLN D 425 -34.13 25.08 1.63
C GLN D 425 -34.90 26.39 1.49
N LYS D 426 -34.21 27.45 1.05
CA LYS D 426 -34.87 28.75 0.96
C LYS D 426 -35.97 28.75 -0.10
N TYR D 427 -35.89 27.86 -1.09
CA TYR D 427 -36.95 27.76 -2.07
C TYR D 427 -38.16 27.05 -1.50
N LEU D 428 -37.96 25.91 -0.83
CA LEU D 428 -39.08 25.17 -0.28
C LEU D 428 -39.74 25.90 0.88
N ASP D 429 -38.98 26.69 1.63
CA ASP D 429 -39.52 27.38 2.80
C ASP D 429 -40.37 28.60 2.46
N MET D 430 -40.62 28.85 1.17
CA MET D 430 -41.47 29.96 0.79
C MET D 430 -42.94 29.59 0.95
N PRO D 431 -43.83 30.57 1.05
CA PRO D 431 -45.26 30.26 1.09
C PRO D 431 -45.79 29.87 -0.28
N GLU D 432 -47.11 29.73 -0.42
CA GLU D 432 -47.69 29.31 -1.69
C GLU D 432 -47.72 30.49 -2.67
N GLU D 433 -46.53 30.99 -2.96
CA GLU D 433 -46.30 31.89 -4.08
C GLU D 433 -45.50 31.24 -5.19
N ARG D 434 -44.71 30.22 -4.88
CA ARG D 434 -44.08 29.40 -5.91
C ARG D 434 -45.13 28.80 -6.84
N ARG D 435 -46.34 28.56 -6.33
CA ARG D 435 -47.42 28.05 -7.18
C ARG D 435 -47.70 29.00 -8.34
N ARG D 436 -47.66 30.30 -8.09
CA ARG D 436 -47.93 31.27 -9.14
C ARG D 436 -46.67 31.68 -9.89
N SER D 437 -45.50 31.55 -9.27
CA SER D 437 -44.26 32.03 -9.87
C SER D 437 -43.51 30.94 -10.64
N LEU D 438 -43.86 29.68 -10.47
CA LEU D 438 -43.12 28.59 -11.12
C LEU D 438 -43.97 27.82 -12.10
N THR D 439 -45.10 27.27 -11.65
CA THR D 439 -45.98 26.48 -12.51
C THR D 439 -47.13 27.33 -13.07
N VAL D 440 -46.77 28.41 -13.77
CA VAL D 440 -47.78 29.29 -14.34
C VAL D 440 -48.60 28.54 -15.38
N GLY D 441 -47.94 27.76 -16.24
CA GLY D 441 -48.62 27.00 -17.25
C GLY D 441 -48.07 27.14 -18.66
N PRO D 442 -47.72 28.35 -19.09
CA PRO D 442 -47.16 28.48 -20.46
C PRO D 442 -45.70 28.05 -20.56
N GLY D 443 -45.51 26.73 -20.65
CA GLY D 443 -44.20 26.16 -20.90
C GLY D 443 -43.26 26.12 -19.70
N LEU D 444 -43.68 26.64 -18.56
CA LEU D 444 -42.81 26.60 -17.38
C LEU D 444 -42.88 25.23 -16.71
N LEU D 445 -44.06 24.84 -16.23
CA LEU D 445 -44.26 23.52 -15.64
C LEU D 445 -45.74 23.17 -15.79
N THR D 446 -46.10 22.00 -15.27
CA THR D 446 -47.48 21.55 -15.24
C THR D 446 -47.81 21.03 -13.84
N GLU D 447 -49.10 21.09 -13.50
CA GLU D 447 -49.54 20.66 -12.19
C GLU D 447 -49.14 19.22 -11.91
N ASP D 448 -49.40 18.33 -12.87
CA ASP D 448 -49.03 16.93 -12.70
C ASP D 448 -47.53 16.72 -12.61
N GLN D 449 -46.74 17.73 -12.99
CA GLN D 449 -45.29 17.69 -12.85
C GLN D 449 -44.81 18.40 -11.59
N TYR D 450 -45.37 19.57 -11.29
CA TYR D 450 -44.98 20.28 -10.08
C TYR D 450 -45.31 19.47 -8.84
N ASN D 451 -46.44 18.75 -8.86
CA ASN D 451 -46.79 17.92 -7.72
C ASN D 451 -45.75 16.83 -7.48
N SER D 452 -45.29 16.18 -8.54
CA SER D 452 -44.27 15.15 -8.38
C SER D 452 -42.94 15.75 -7.94
N ALA D 453 -42.59 16.92 -8.47
CA ALA D 453 -41.36 17.58 -8.05
C ALA D 453 -41.37 17.86 -6.55
N ILE D 454 -42.46 18.46 -6.06
CA ILE D 454 -42.55 18.75 -4.64
C ILE D 454 -42.56 17.45 -3.82
N ALA D 455 -43.33 16.45 -4.27
CA ALA D 455 -43.46 15.21 -3.52
C ALA D 455 -42.17 14.41 -3.47
N VAL D 456 -41.23 14.66 -4.38
CA VAL D 456 -39.91 14.05 -4.27
C VAL D 456 -38.88 15.00 -3.67
N ALA D 457 -39.25 16.26 -3.46
CA ALA D 457 -38.35 17.16 -2.74
C ALA D 457 -38.29 16.84 -1.25
N LYS D 458 -39.41 16.45 -0.66
CA LYS D 458 -39.51 16.26 0.79
C LYS D 458 -38.79 15.02 1.31
N GLN D 459 -37.99 14.32 0.50
CA GLN D 459 -37.36 13.08 0.93
C GLN D 459 -35.84 13.11 0.78
N LEU D 460 -35.26 14.28 0.60
CA LEU D 460 -33.80 14.29 0.51
C LEU D 460 -33.19 14.41 1.89
N PRO D 461 -32.08 13.72 2.15
CA PRO D 461 -31.46 13.76 3.50
C PRO D 461 -30.75 15.08 3.74
N LEU D 462 -31.12 15.75 4.83
CA LEU D 462 -30.46 16.96 5.30
C LEU D 462 -30.09 16.76 6.76
N PHE D 463 -28.86 17.15 7.11
CA PHE D 463 -28.35 16.97 8.46
C PHE D 463 -28.12 18.34 9.09
N ALA D 464 -28.88 18.64 10.14
CA ALA D 464 -28.77 19.89 10.88
C ALA D 464 -28.37 19.56 12.31
N ILE D 465 -27.10 19.78 12.65
CA ILE D 465 -26.58 19.42 13.95
C ILE D 465 -27.05 20.43 14.99
N SER D 466 -27.21 19.96 16.23
CA SER D 466 -27.69 20.79 17.31
C SER D 466 -26.68 20.98 18.44
N LYS D 467 -25.85 19.98 18.72
CA LYS D 467 -24.82 20.09 19.76
C LYS D 467 -23.58 19.37 19.30
N ALA D 468 -22.42 20.02 19.45
CA ALA D 468 -21.13 19.43 19.10
C ALA D 468 -20.12 19.89 20.15
N PHE D 469 -19.84 19.01 21.12
CA PHE D 469 -18.95 19.34 22.23
C PHE D 469 -17.89 18.27 22.38
N PHE D 470 -16.70 18.69 22.80
CA PHE D 470 -15.59 17.77 23.00
C PHE D 470 -15.63 17.14 24.38
N LYS D 471 -15.06 15.95 24.49
CA LYS D 471 -15.13 15.19 25.73
C LYS D 471 -14.07 14.10 25.71
N VAL D 472 -13.36 13.94 26.82
CA VAL D 472 -12.33 12.91 26.97
C VAL D 472 -12.94 11.73 27.74
N ALA D 473 -12.62 10.52 27.29
CA ALA D 473 -13.24 9.32 27.83
C ALA D 473 -12.80 9.10 29.28
N GLY D 474 -13.68 9.39 30.22
CA GLY D 474 -13.41 9.12 31.62
C GLY D 474 -12.58 10.17 32.33
N GLU D 475 -12.93 11.44 32.16
CA GLU D 475 -12.26 12.53 32.85
C GLU D 475 -13.10 13.79 32.68
N ARG D 476 -12.89 14.74 33.60
CA ARG D 476 -13.70 15.96 33.62
C ARG D 476 -13.18 16.99 32.62
N VAL D 477 -11.95 17.47 32.82
CA VAL D 477 -11.36 18.50 31.98
C VAL D 477 -10.35 17.87 31.04
N VAL D 478 -10.35 18.31 29.79
CA VAL D 478 -9.44 17.76 28.80
C VAL D 478 -8.01 18.05 29.20
N THR D 479 -7.20 17.00 29.28
CA THR D 479 -5.78 16.97 29.60
C THR D 479 -4.96 17.05 28.31
N PRO D 480 -3.87 17.82 28.28
CA PRO D 480 -3.11 17.95 27.04
C PRO D 480 -2.52 16.62 26.59
N SER D 481 -2.38 16.49 25.27
CA SER D 481 -1.82 15.30 24.63
C SER D 481 -2.64 14.04 24.92
N SER D 482 -3.92 14.21 25.27
CA SER D 482 -4.79 13.10 25.57
C SER D 482 -5.71 12.81 24.40
N LEU D 483 -6.14 11.56 24.28
CA LEU D 483 -7.02 11.14 23.20
C LEU D 483 -8.42 11.67 23.45
N VAL D 484 -8.84 12.64 22.63
CA VAL D 484 -10.13 13.29 22.76
C VAL D 484 -11.05 12.79 21.66
N GLN D 485 -12.28 12.45 22.01
CA GLN D 485 -13.30 12.09 21.04
C GLN D 485 -14.35 13.20 21.00
N LEU D 486 -14.81 13.52 19.80
CA LEU D 486 -15.81 14.56 19.61
C LEU D 486 -17.15 13.92 19.28
N VAL D 487 -18.17 14.30 20.03
CA VAL D 487 -19.52 13.80 19.83
C VAL D 487 -20.32 14.87 19.11
N ILE D 488 -21.07 14.46 18.09
CA ILE D 488 -21.86 15.38 17.26
C ILE D 488 -23.22 14.73 17.04
N LYS D 489 -24.26 15.31 17.63
CA LYS D 489 -25.60 14.72 17.61
C LYS D 489 -26.56 15.64 16.87
N GLY D 490 -26.93 15.23 15.65
CA GLY D 490 -27.87 15.99 14.84
C GLY D 490 -29.19 15.27 14.66
N ARG D 491 -29.87 15.55 13.56
CA ARG D 491 -31.17 14.93 13.28
C ARG D 491 -31.46 15.06 11.80
N ILE D 492 -31.69 13.94 11.13
CA ILE D 492 -31.98 13.94 9.70
C ILE D 492 -33.40 14.43 9.48
N ILE D 493 -33.55 15.69 9.09
CA ILE D 493 -34.85 16.32 8.88
C ILE D 493 -34.89 16.83 7.44
N PRO D 494 -35.86 16.41 6.62
CA PRO D 494 -35.87 16.80 5.22
C PRO D 494 -36.60 18.12 5.03
N PRO D 495 -36.17 18.94 4.06
CA PRO D 495 -36.76 20.25 3.78
C PRO D 495 -38.21 20.18 3.34
N ARG D 542 -26.22 1.01 12.06
CA ARG D 542 -26.08 0.07 10.96
C ARG D 542 -27.23 0.23 9.95
N VAL D 543 -27.97 1.33 10.08
CA VAL D 543 -29.08 1.61 9.19
C VAL D 543 -28.55 2.22 7.90
N GLN D 544 -29.16 1.84 6.77
CA GLN D 544 -28.74 2.31 5.45
C GLN D 544 -29.66 3.42 4.97
N PRO D 545 -29.12 4.55 4.54
CA PRO D 545 -29.98 5.62 4.01
C PRO D 545 -30.30 5.37 2.56
N PRO D 546 -31.35 6.01 2.02
CA PRO D 546 -31.70 5.79 0.61
C PRO D 546 -30.60 6.27 -0.32
N LEU D 547 -30.44 5.56 -1.43
CA LEU D 547 -29.35 5.82 -2.36
C LEU D 547 -29.50 7.18 -3.04
N ALA D 548 -28.49 7.53 -3.84
CA ALA D 548 -28.49 8.79 -4.58
C ALA D 548 -29.73 8.92 -5.44
N HIS D 549 -30.18 10.16 -5.62
CA HIS D 549 -31.37 10.46 -6.40
C HIS D 549 -31.09 10.70 -7.87
N ALA D 550 -29.84 10.83 -8.28
CA ALA D 550 -29.53 11.23 -9.64
C ALA D 550 -29.72 10.08 -10.60
N PRO D 551 -30.62 10.19 -11.58
CA PRO D 551 -30.72 9.15 -12.61
C PRO D 551 -29.82 9.42 -13.80
N TYR D 552 -28.87 10.35 -13.66
CA TYR D 552 -28.01 10.75 -14.77
C TYR D 552 -26.60 10.17 -14.63
N LEU D 553 -26.48 8.98 -14.05
CA LEU D 553 -25.23 8.24 -14.04
C LEU D 553 -25.56 6.76 -13.99
N PRO D 554 -24.72 5.92 -14.61
CA PRO D 554 -25.04 4.48 -14.65
C PRO D 554 -25.18 3.83 -13.28
N ARG D 555 -24.19 4.00 -12.40
CA ARG D 555 -24.21 3.31 -11.13
C ARG D 555 -25.10 4.02 -10.11
N ASP D 556 -25.31 3.36 -8.98
CA ASP D 556 -26.06 3.91 -7.86
C ASP D 556 -25.11 4.18 -6.70
N HIS D 557 -25.13 5.40 -6.19
CA HIS D 557 -24.13 5.85 -5.23
C HIS D 557 -24.73 5.87 -3.83
N PRO D 558 -24.18 5.13 -2.87
CA PRO D 558 -24.63 5.24 -1.48
C PRO D 558 -24.13 6.55 -0.88
N PRO D 559 -25.04 7.42 -0.45
CA PRO D 559 -24.62 8.76 -0.01
C PRO D 559 -23.76 8.69 1.25
N ARG D 560 -22.51 9.10 1.12
CA ARG D 560 -21.59 9.16 2.25
C ARG D 560 -21.56 10.56 2.82
N TRP D 561 -20.93 10.69 3.98
CA TRP D 561 -20.79 11.99 4.65
C TRP D 561 -19.36 12.11 5.16
N HIS D 562 -18.77 13.28 4.98
CA HIS D 562 -17.39 13.53 5.38
C HIS D 562 -17.39 14.59 6.47
N ILE D 563 -16.81 14.24 7.62
CA ILE D 563 -16.67 15.16 8.74
C ILE D 563 -15.20 15.41 8.96
N PHE D 564 -14.79 16.67 8.90
CA PHE D 564 -13.43 17.07 9.23
C PHE D 564 -13.49 18.44 9.88
N LEU D 565 -12.32 18.95 10.24
CA LEU D 565 -12.26 20.28 10.86
C LEU D 565 -10.88 20.87 10.66
N ALA D 566 -10.85 22.18 10.41
CA ALA D 566 -9.61 22.91 10.18
C ALA D 566 -9.70 24.26 10.87
N ASP D 567 -8.57 24.97 10.91
CA ASP D 567 -8.49 26.27 11.54
C ASP D 567 -8.53 27.37 10.49
N ALA D 568 -8.47 28.62 10.95
CA ALA D 568 -8.56 29.77 10.08
C ALA D 568 -7.29 30.61 10.01
N LYS D 569 -6.45 30.60 11.06
CA LYS D 569 -5.22 31.38 11.03
C LYS D 569 -4.31 30.91 9.91
N GLN D 570 -4.18 29.60 9.72
CA GLN D 570 -3.44 29.02 8.62
C GLN D 570 -4.39 28.16 7.80
N GLY D 571 -4.41 28.37 6.49
CA GLY D 571 -5.33 27.65 5.64
C GLY D 571 -4.93 26.20 5.44
N LYS D 572 -4.94 25.42 6.52
CA LYS D 572 -4.54 24.02 6.47
C LYS D 572 -5.49 23.19 7.31
N ILE D 573 -5.62 21.92 6.95
CA ILE D 573 -6.52 21.01 7.67
C ILE D 573 -5.86 20.56 8.95
N ALA D 574 -6.68 20.30 9.98
CA ALA D 574 -6.17 19.92 11.28
C ALA D 574 -6.14 18.41 11.47
N VAL D 575 -7.25 17.73 11.20
CA VAL D 575 -7.33 16.28 11.36
C VAL D 575 -7.90 15.67 10.08
N PRO D 576 -7.55 14.43 9.75
CA PRO D 576 -8.12 13.82 8.55
C PRO D 576 -9.60 13.53 8.76
N PRO D 577 -10.40 13.51 7.69
CA PRO D 577 -11.84 13.30 7.85
C PRO D 577 -12.17 11.86 8.19
N PHE D 578 -13.41 11.66 8.61
CA PHE D 578 -13.92 10.36 9.03
C PHE D 578 -15.14 10.03 8.17
N THR D 579 -14.94 9.19 7.17
CA THR D 579 -15.98 8.87 6.20
C THR D 579 -16.85 7.73 6.73
N PHE D 580 -18.15 7.97 6.83
CA PHE D 580 -19.10 6.96 7.24
C PHE D 580 -20.31 7.01 6.30
N THR D 581 -21.16 5.98 6.40
CA THR D 581 -22.29 5.87 5.49
C THR D 581 -23.58 5.40 6.16
N THR D 582 -23.65 5.37 7.49
CA THR D 582 -24.81 4.83 8.18
C THR D 582 -25.25 5.78 9.29
N PHE D 583 -26.32 5.38 9.98
CA PHE D 583 -26.86 6.13 11.11
C PHE D 583 -27.40 5.13 12.11
N ASP D 584 -28.15 5.62 13.10
CA ASP D 584 -28.77 4.79 14.14
C ASP D 584 -30.24 5.18 14.26
N LYS D 585 -31.08 4.55 13.45
CA LYS D 585 -32.51 4.89 13.40
C LYS D 585 -33.20 4.66 14.74
N THR D 595 -40.76 11.92 9.85
CA THR D 595 -39.93 10.82 9.40
C THR D 595 -38.54 10.88 10.06
N PHE D 596 -38.42 11.71 11.07
CA PHE D 596 -37.13 12.03 11.68
C PHE D 596 -37.04 11.51 13.12
N ASN D 597 -35.81 11.29 13.56
CA ASN D 597 -35.50 10.92 14.94
C ASN D 597 -34.08 11.37 15.24
N MET D 598 -33.70 11.31 16.52
CA MET D 598 -32.37 11.76 16.89
C MET D 598 -31.31 10.78 16.42
N GLN D 599 -30.08 11.29 16.29
CA GLN D 599 -28.95 10.49 15.84
C GLN D 599 -27.75 10.72 16.75
N THR D 600 -26.61 10.14 16.38
CA THR D 600 -25.37 10.36 17.10
C THR D 600 -24.22 9.93 16.22
N LEU D 601 -23.11 10.68 16.28
CA LEU D 601 -21.94 10.41 15.47
C LEU D 601 -20.70 10.74 16.28
N ARG D 602 -19.69 9.86 16.21
CA ARG D 602 -18.51 9.98 17.04
C ARG D 602 -17.25 9.88 16.20
N MET D 603 -16.16 10.43 16.74
CA MET D 603 -14.86 10.45 16.09
C MET D 603 -13.82 10.86 17.13
N GLN D 604 -12.66 10.21 17.09
CA GLN D 604 -11.62 10.45 18.07
C GLN D 604 -10.32 10.82 17.38
N PHE D 605 -9.50 11.60 18.07
CA PHE D 605 -8.19 12.02 17.59
C PHE D 605 -7.34 12.40 18.80
N GLN D 606 -6.20 13.05 18.54
CA GLN D 606 -5.26 13.40 19.59
C GLN D 606 -5.25 14.91 19.79
N ALA D 607 -5.37 15.34 21.05
CA ALA D 607 -5.40 16.76 21.36
C ALA D 607 -4.01 17.38 21.16
N PRO D 608 -3.95 18.70 20.99
CA PRO D 608 -2.65 19.35 20.81
C PRO D 608 -1.82 19.21 22.07
N PRO D 609 -0.49 19.22 21.93
CA PRO D 609 0.35 18.93 23.10
C PRO D 609 0.42 20.06 24.12
N GLN D 610 0.57 21.29 23.67
CA GLN D 610 0.83 22.40 24.59
C GLN D 610 -0.46 22.86 25.25
N VAL D 611 -0.41 24.01 25.92
CA VAL D 611 -1.55 24.56 26.65
C VAL D 611 -1.99 25.84 25.97
N GLY D 612 -3.29 26.12 26.05
CA GLY D 612 -3.87 27.28 25.41
C GLY D 612 -5.00 26.91 24.47
N ASN D 613 -6.20 27.43 24.74
CA ASN D 613 -7.38 27.02 24.00
C ASN D 613 -7.29 27.42 22.54
N PHE D 614 -7.84 26.59 21.67
CA PHE D 614 -7.83 26.80 20.24
C PHE D 614 -9.25 26.97 19.72
N SER D 615 -9.36 27.46 18.48
CA SER D 615 -10.65 27.68 17.83
C SER D 615 -10.68 26.89 16.53
N PHE D 616 -11.69 26.06 16.36
CA PHE D 616 -11.85 25.21 15.20
C PHE D 616 -13.19 25.47 14.53
N VAL D 617 -13.32 24.96 13.31
CA VAL D 617 -14.59 24.91 12.60
C VAL D 617 -14.70 23.54 11.94
N LEU D 618 -15.77 22.81 12.23
CA LEU D 618 -16.01 21.53 11.58
C LEU D 618 -16.79 21.76 10.29
N HIS D 619 -16.59 20.88 9.32
CA HIS D 619 -17.32 20.89 8.08
C HIS D 619 -18.15 19.62 7.97
N MET D 620 -19.44 19.77 7.71
CA MET D 620 -20.32 18.65 7.40
C MET D 620 -20.47 18.46 5.90
N ILE D 621 -19.42 18.79 5.13
CA ILE D 621 -19.50 18.71 3.68
C ILE D 621 -19.76 17.27 3.27
N SER D 622 -20.76 17.08 2.41
CA SER D 622 -21.20 15.76 2.01
C SER D 622 -21.32 15.70 0.49
N ASP D 623 -20.88 14.58 -0.08
CA ASP D 623 -21.09 14.35 -1.49
C ASP D 623 -22.51 13.83 -1.73
N SER D 624 -22.82 13.55 -3.00
CA SER D 624 -24.10 13.07 -3.49
C SER D 624 -25.20 14.12 -3.43
N TYR D 625 -24.93 15.31 -2.91
CA TYR D 625 -25.90 16.40 -2.90
C TYR D 625 -25.13 17.72 -2.86
N MET D 626 -25.72 18.75 -3.48
CA MET D 626 -25.13 20.08 -3.49
C MET D 626 -26.12 21.06 -2.88
N GLY D 627 -25.66 21.79 -1.86
CA GLY D 627 -26.50 22.71 -1.12
C GLY D 627 -26.80 22.28 0.30
N PHE D 628 -26.22 21.16 0.74
CA PHE D 628 -26.44 20.61 2.09
C PHE D 628 -25.08 20.61 2.80
N ASP D 629 -24.75 21.73 3.44
CA ASP D 629 -23.49 21.87 4.13
C ASP D 629 -23.71 22.56 5.46
N VAL D 630 -22.89 22.22 6.44
CA VAL D 630 -22.93 22.84 7.77
C VAL D 630 -21.52 23.30 8.12
N LYS D 631 -21.41 24.55 8.60
CA LYS D 631 -20.12 25.13 8.96
C LYS D 631 -20.30 25.81 10.33
N GLN D 632 -19.97 25.08 11.38
CA GLN D 632 -20.12 25.57 12.75
C GLN D 632 -18.75 25.75 13.40
N GLU D 633 -18.66 26.75 14.27
CA GLU D 633 -17.42 27.08 14.96
C GLU D 633 -17.42 26.47 16.35
N ILE D 634 -16.47 25.57 16.61
CA ILE D 634 -16.30 24.98 17.94
C ILE D 634 -15.09 25.63 18.60
N THR D 635 -15.18 25.78 19.92
CA THR D 635 -14.06 26.25 20.74
C THR D 635 -13.54 25.07 21.54
N LEU D 636 -12.24 24.82 21.44
CA LEU D 636 -11.58 23.71 22.12
C LEU D 636 -11.00 24.18 23.46
N GLN D 637 -10.80 23.22 24.35
CA GLN D 637 -10.28 23.52 25.69
C GLN D 637 -9.14 22.57 26.02
N VAL D 638 -8.06 23.13 26.57
CA VAL D 638 -6.94 22.36 27.07
C VAL D 638 -6.41 23.08 28.32
N GLU D 639 -6.11 22.30 29.35
CA GLU D 639 -5.59 22.85 30.61
C GLU D 639 -5.06 21.69 31.45
N ASP D 640 -4.43 22.04 32.56
CA ASP D 640 -3.92 21.04 33.50
C ASP D 640 -3.79 21.63 34.89
N TRP E 3 45.51 -34.57 -15.31
CA TRP E 3 44.88 -34.42 -14.01
C TRP E 3 43.42 -33.99 -14.15
N LEU E 4 42.62 -34.84 -14.78
CA LEU E 4 41.22 -34.51 -14.99
C LEU E 4 40.44 -34.49 -13.67
N THR E 5 40.82 -35.34 -12.72
CA THR E 5 40.12 -35.39 -11.44
C THR E 5 40.26 -34.06 -10.68
N LEU E 6 41.39 -33.38 -10.83
CA LEU E 6 41.57 -32.09 -10.17
C LEU E 6 40.87 -30.96 -10.94
N VAL E 7 40.77 -31.08 -12.25
CA VAL E 7 40.25 -29.97 -13.06
C VAL E 7 38.73 -29.99 -13.20
N VAL E 8 38.09 -31.17 -13.08
CA VAL E 8 36.63 -31.23 -13.25
C VAL E 8 35.89 -30.36 -12.24
N PRO E 9 36.14 -30.47 -10.93
CA PRO E 9 35.35 -29.63 -10.01
C PRO E 9 35.65 -28.15 -10.13
N PHE E 10 36.91 -27.80 -10.36
CA PHE E 10 37.25 -26.38 -10.55
C PHE E 10 36.63 -25.83 -11.83
N ALA E 11 36.60 -26.64 -12.89
CA ALA E 11 35.92 -26.21 -14.11
C ALA E 11 34.43 -26.03 -13.88
N TYR E 12 33.81 -26.93 -13.11
CA TYR E 12 32.40 -26.79 -12.76
C TYR E 12 32.16 -25.48 -12.02
N LEU E 13 32.95 -25.22 -10.98
CA LEU E 13 32.78 -24.01 -10.20
C LEU E 13 33.00 -22.76 -11.05
N GLY E 14 34.00 -22.79 -11.92
CA GLY E 14 34.26 -21.66 -12.79
C GLY E 14 33.12 -21.40 -13.76
N VAL E 15 32.56 -22.47 -14.32
CA VAL E 15 31.40 -22.34 -15.20
C VAL E 15 30.25 -21.66 -14.46
N LEU E 16 29.94 -22.15 -13.26
CA LEU E 16 28.82 -21.58 -12.52
C LEU E 16 29.08 -20.12 -12.16
N ILE E 17 30.30 -19.81 -11.71
CA ILE E 17 30.62 -18.43 -11.31
C ILE E 17 30.54 -17.50 -12.51
N GLY E 18 31.06 -17.93 -13.66
CA GLY E 18 30.99 -17.11 -14.86
C GLY E 18 29.57 -16.87 -15.31
N CYS E 19 28.73 -17.91 -15.25
CA CYS E 19 27.33 -17.74 -15.63
C CYS E 19 26.63 -16.74 -14.72
N LEU E 20 26.83 -16.87 -13.40
CA LEU E 20 26.20 -15.94 -12.48
C LEU E 20 26.70 -14.51 -12.69
N ALA E 21 28.01 -14.35 -12.91
CA ALA E 21 28.57 -13.02 -13.11
C ALA E 21 28.01 -12.36 -14.37
N THR E 22 27.95 -13.11 -15.48
CA THR E 22 27.45 -12.52 -16.71
C THR E 22 25.96 -12.21 -16.61
N PHE E 23 25.19 -13.05 -15.90
CA PHE E 23 23.78 -12.73 -15.74
C PHE E 23 23.60 -11.48 -14.88
N SER E 24 24.36 -11.36 -13.80
CA SER E 24 24.27 -10.16 -12.96
C SER E 24 24.63 -8.92 -13.76
N SER E 25 25.68 -8.99 -14.58
CA SER E 25 26.07 -7.83 -15.36
C SER E 25 24.99 -7.44 -16.35
N LEU E 26 24.43 -8.43 -17.09
CA LEU E 26 23.42 -8.11 -18.07
C LEU E 26 22.15 -7.56 -17.40
N TYR E 27 21.77 -8.13 -16.26
CA TYR E 27 20.58 -7.63 -15.56
C TYR E 27 20.78 -6.21 -15.07
N ARG E 28 21.95 -5.90 -14.51
CA ARG E 28 22.21 -4.54 -14.06
C ARG E 28 22.20 -3.57 -15.23
N ARG E 29 22.78 -3.96 -16.36
CA ARG E 29 22.78 -3.09 -17.53
C ARG E 29 21.35 -2.83 -18.02
N ARG E 30 20.53 -3.88 -18.08
CA ARG E 30 19.15 -3.70 -18.52
C ARG E 30 18.38 -2.81 -17.56
N LYS E 31 18.56 -3.00 -16.25
CA LYS E 31 17.85 -2.19 -15.27
C LYS E 31 18.26 -0.73 -15.39
N ALA E 32 19.55 -0.46 -15.58
CA ALA E 32 20.00 0.92 -15.75
C ALA E 32 19.43 1.53 -17.02
N ALA E 33 19.44 0.78 -18.13
CA ALA E 33 18.93 1.30 -19.38
C ALA E 33 17.42 1.55 -19.32
N LYS E 34 16.70 0.78 -18.49
CA LYS E 34 15.26 1.00 -18.36
C LYS E 34 14.95 2.12 -17.38
N ALA E 35 15.80 2.33 -16.37
CA ALA E 35 15.56 3.38 -15.40
C ALA E 35 16.10 4.74 -15.85
N ALA E 36 16.94 4.78 -16.88
CA ALA E 36 17.45 6.04 -17.41
C ALA E 36 16.67 6.48 -18.65
N SER E 37 15.50 5.92 -18.89
CA SER E 37 14.67 6.27 -20.03
C SER E 37 13.23 6.52 -19.61
N LEU E 38 13.06 7.18 -18.47
CA LEU E 38 11.74 7.54 -17.95
C LEU E 38 11.42 8.97 -18.37
N GLU E 39 10.16 9.19 -18.78
CA GLU E 39 9.69 10.49 -19.22
C GLU E 39 10.07 11.59 -18.23
N PRO E 40 10.53 12.75 -18.71
CA PRO E 40 10.98 13.80 -17.79
C PRO E 40 9.83 14.30 -16.92
N TRP E 41 10.19 14.80 -15.74
CA TRP E 41 9.19 15.26 -14.79
C TRP E 41 8.57 16.59 -15.22
N PHE E 42 9.38 17.61 -15.33
CA PHE E 42 8.80 18.89 -15.71
C PHE E 42 9.10 19.21 -17.16
N PRO E 43 8.26 20.03 -17.81
CA PRO E 43 8.44 20.35 -19.23
C PRO E 43 9.83 20.92 -19.51
N PRO E 44 10.28 20.88 -20.77
CA PRO E 44 11.66 21.30 -21.06
C PRO E 44 11.90 22.76 -20.73
N HIS E 45 13.11 23.03 -20.26
CA HIS E 45 13.51 24.39 -19.89
C HIS E 45 13.61 25.25 -21.15
N LEU E 46 12.89 26.37 -21.17
CA LEU E 46 12.91 27.24 -22.33
C LEU E 46 13.95 28.36 -22.20
N GLN E 47 14.03 28.98 -21.02
CA GLN E 47 14.98 30.07 -20.84
C GLN E 47 16.41 29.58 -20.97
N ARG E 48 16.70 28.38 -20.46
CA ARG E 48 18.03 27.81 -20.63
C ARG E 48 18.36 27.60 -22.09
N ASP E 49 17.38 27.11 -22.87
CA ASP E 49 17.60 26.93 -24.29
C ASP E 49 17.88 28.26 -24.98
N ILE E 50 17.12 29.30 -24.64
CA ILE E 50 17.34 30.60 -25.25
C ILE E 50 18.70 31.15 -24.89
N TYR E 51 19.13 30.97 -23.63
CA TYR E 51 20.43 31.47 -23.23
C TYR E 51 21.55 30.72 -23.95
N HIS E 52 21.43 29.40 -24.07
CA HIS E 52 22.46 28.64 -24.77
C HIS E 52 22.49 29.02 -26.25
N SER E 53 21.34 29.26 -26.86
CA SER E 53 21.34 29.70 -28.25
C SER E 53 21.93 31.09 -28.40
N LEU E 54 21.76 31.95 -27.38
CA LEU E 54 22.40 33.25 -27.40
C LEU E 54 23.91 33.12 -27.34
N LEU E 55 24.41 32.19 -26.52
CA LEU E 55 25.85 31.92 -26.51
C LEU E 55 26.32 31.38 -27.86
N HIS E 56 25.51 30.52 -28.48
CA HIS E 56 25.84 29.99 -29.79
C HIS E 56 25.97 31.12 -30.81
N LEU E 57 25.03 32.06 -30.80
CA LEU E 57 25.10 33.20 -31.71
C LEU E 57 26.30 34.08 -31.39
N ASP E 58 26.65 34.20 -30.11
CA ASP E 58 27.86 34.94 -29.73
C ASP E 58 29.08 34.29 -30.37
N GLN E 59 29.14 32.97 -30.36
CA GLN E 59 30.32 32.28 -30.88
C GLN E 59 30.37 32.35 -32.41
N GLN E 60 29.28 32.01 -33.08
CA GLN E 60 29.26 31.94 -34.54
C GLN E 60 29.04 33.34 -35.12
N GLN E 61 29.87 34.27 -34.69
CA GLN E 61 29.80 35.65 -35.14
C GLN E 61 31.03 36.43 -34.68
N ARG E 68 27.99 41.63 -33.68
CA ARG E 68 28.44 41.59 -32.30
C ARG E 68 27.27 41.63 -31.34
N VAL E 69 27.36 40.86 -30.26
CA VAL E 69 26.34 40.83 -29.21
C VAL E 69 26.91 41.53 -27.98
N PRO E 70 26.15 42.39 -27.31
CA PRO E 70 26.63 42.97 -26.05
C PRO E 70 26.70 41.93 -24.95
N GLU E 71 27.13 42.35 -23.76
CA GLU E 71 27.26 41.43 -22.63
C GLU E 71 26.15 41.57 -21.61
N THR E 72 25.43 42.70 -21.61
CA THR E 72 24.38 42.90 -20.62
C THR E 72 23.18 42.00 -20.89
N VAL E 73 22.84 41.79 -22.17
CA VAL E 73 21.71 40.94 -22.51
C VAL E 73 21.93 39.51 -22.05
N LEU E 74 23.20 39.06 -22.07
CA LEU E 74 23.52 37.77 -21.49
C LEU E 74 23.15 37.73 -20.02
N LYS E 75 23.49 38.78 -19.28
CA LYS E 75 23.19 38.82 -17.85
C LYS E 75 21.69 38.85 -17.61
N ALA E 76 20.94 39.55 -18.45
CA ALA E 76 19.49 39.57 -18.30
C ALA E 76 18.90 38.18 -18.54
N ALA E 77 19.35 37.50 -19.59
CA ALA E 77 18.89 36.15 -19.84
C ALA E 77 19.23 35.22 -18.69
N LEU E 78 20.41 35.42 -18.10
CA LEU E 78 20.81 34.60 -16.96
C LEU E 78 19.91 34.84 -15.76
N LEU E 79 19.59 36.11 -15.48
CA LEU E 79 18.66 36.42 -14.40
C LEU E 79 17.31 35.76 -14.62
N ARG E 80 16.80 35.83 -15.86
CA ARG E 80 15.51 35.21 -16.15
C ARG E 80 15.57 33.70 -15.98
N ARG E 81 16.66 33.09 -16.43
CA ARG E 81 16.84 31.65 -16.25
C ARG E 81 16.85 31.30 -14.77
N ALA E 82 17.51 32.12 -13.95
CA ALA E 82 17.54 31.87 -12.51
C ALA E 82 16.16 32.03 -11.91
N ALA E 83 15.36 32.96 -12.43
CA ALA E 83 13.99 33.12 -11.94
C ALA E 83 13.16 31.87 -12.22
N GLU E 84 13.21 31.39 -13.47
CA GLU E 84 12.52 30.15 -13.80
C GLU E 84 12.98 29.00 -12.92
N ASP E 85 14.29 28.91 -12.69
CA ASP E 85 14.83 27.81 -11.90
C ASP E 85 14.38 27.91 -10.45
N ILE E 86 14.28 29.13 -9.90
CA ILE E 86 13.89 29.25 -8.51
C ILE E 86 12.41 28.96 -8.35
N LYS E 87 11.58 29.30 -9.34
CA LYS E 87 10.19 28.87 -9.30
C LYS E 87 10.08 27.35 -9.35
N ARG E 88 10.86 26.72 -10.22
CA ARG E 88 10.84 25.27 -10.32
C ARG E 88 11.25 24.61 -9.02
N VAL E 89 12.30 25.10 -8.38
CA VAL E 89 12.78 24.46 -7.15
C VAL E 89 11.81 24.73 -6.00
N MET E 90 11.16 25.90 -5.98
CA MET E 90 10.12 26.13 -4.99
C MET E 90 8.98 25.11 -5.15
N ALA E 91 8.58 24.85 -6.39
CA ALA E 91 7.54 23.86 -6.63
C ALA E 91 7.97 22.47 -6.16
N ILE E 92 9.20 22.08 -6.48
CA ILE E 92 9.65 20.74 -6.10
C ILE E 92 9.75 20.61 -4.58
N ARG E 93 10.15 21.70 -3.90
CA ARG E 93 10.24 21.66 -2.44
C ARG E 93 8.86 21.61 -1.80
N GLU E 94 7.86 22.25 -2.43
CA GLU E 94 6.50 22.13 -1.92
C GLU E 94 5.96 20.71 -2.13
N GLN E 95 6.32 20.07 -3.24
CA GLN E 95 5.77 18.76 -3.55
C GLN E 95 6.47 17.62 -2.81
N LYS E 96 7.69 17.83 -2.33
CA LYS E 96 8.45 16.75 -1.71
C LYS E 96 7.70 16.15 -0.52
N GLN E 97 7.27 16.99 0.41
CA GLN E 97 6.62 16.49 1.62
C GLN E 97 5.34 15.74 1.30
N ALA E 98 4.54 16.28 0.39
CA ALA E 98 3.28 15.63 0.03
C ALA E 98 3.54 14.28 -0.62
N LEU E 99 4.51 14.20 -1.54
CA LEU E 99 4.79 12.93 -2.19
C LEU E 99 5.30 11.91 -1.19
N ALA E 100 6.17 12.33 -0.27
CA ALA E 100 6.71 11.40 0.71
C ALA E 100 5.61 10.90 1.64
N LEU E 101 4.67 11.78 2.02
CA LEU E 101 3.58 11.35 2.88
C LEU E 101 2.59 10.46 2.15
N LEU E 102 2.41 10.67 0.85
CA LEU E 102 1.43 9.93 0.09
C LEU E 102 1.94 8.57 -0.38
N LEU E 103 3.25 8.40 -0.50
CA LEU E 103 3.77 7.14 -1.04
C LEU E 103 3.38 5.94 -0.18
N GLN E 104 3.28 6.11 1.13
CA GLN E 104 2.99 4.98 2.01
C GLN E 104 1.55 4.48 1.85
N ARG E 105 0.61 5.38 1.57
CA ARG E 105 -0.79 4.97 1.43
C ARG E 105 -0.99 4.03 0.24
N GLY E 106 -0.08 4.05 -0.73
CA GLY E 106 -0.16 3.15 -1.87
C GLY E 106 -1.03 3.63 -3.01
N SER E 107 -1.62 4.82 -2.91
CA SER E 107 -2.44 5.34 -3.99
C SER E 107 -1.61 5.87 -5.15
N VAL E 108 -0.29 5.85 -5.04
CA VAL E 108 0.62 6.31 -6.10
C VAL E 108 1.54 5.16 -6.45
N GLY E 109 1.84 5.03 -7.74
CA GLY E 109 2.76 4.01 -8.20
C GLY E 109 4.17 4.21 -7.66
N ASP E 110 5.08 3.37 -8.13
CA ASP E 110 6.45 3.41 -7.66
C ASP E 110 7.38 4.21 -8.56
N GLU E 111 7.10 4.28 -9.86
CA GLU E 111 7.97 5.01 -10.78
C GLU E 111 7.99 6.51 -10.48
N LEU E 112 6.94 7.03 -9.84
CA LEU E 112 6.90 8.47 -9.57
C LEU E 112 7.99 8.88 -8.60
N TRP E 113 8.30 8.03 -7.62
CA TRP E 113 9.37 8.36 -6.67
C TRP E 113 10.72 8.39 -7.37
N GLN E 114 10.95 7.47 -8.31
CA GLN E 114 12.20 7.49 -9.07
C GLN E 114 12.28 8.74 -9.95
N ARG E 115 11.17 9.09 -10.60
CA ARG E 115 11.15 10.32 -11.38
C ARG E 115 11.45 11.54 -10.51
N PHE E 116 10.90 11.56 -9.30
CA PHE E 116 11.13 12.68 -8.40
C PHE E 116 12.58 12.77 -7.97
N LEU E 117 13.19 11.63 -7.63
CA LEU E 117 14.59 11.63 -7.25
C LEU E 117 15.48 12.09 -8.39
N ARG E 118 15.21 11.59 -9.61
CA ARG E 118 15.99 12.01 -10.76
C ARG E 118 15.83 13.50 -11.02
N ALA E 119 14.60 14.02 -10.88
CA ALA E 119 14.38 15.44 -11.07
C ALA E 119 15.11 16.26 -10.03
N GLU E 120 15.14 15.79 -8.78
CA GLU E 120 15.85 16.51 -7.73
C GLU E 120 17.35 16.54 -8.00
N LYS E 121 17.91 15.41 -8.43
CA LYS E 121 19.34 15.38 -8.75
C LYS E 121 19.66 16.31 -9.92
N GLU E 122 18.83 16.26 -10.97
CA GLU E 122 19.06 17.14 -12.11
C GLU E 122 18.94 18.61 -11.70
N MET E 123 18.01 18.92 -10.80
CA MET E 123 17.85 20.29 -10.32
C MET E 123 19.07 20.75 -9.53
N GLU E 124 19.61 19.86 -8.69
CA GLU E 124 20.82 20.21 -7.95
C GLU E 124 21.97 20.49 -8.91
N ASP E 125 22.16 19.62 -9.91
CA ASP E 125 23.23 19.84 -10.88
C ASP E 125 23.03 21.14 -11.63
N GLU E 126 21.80 21.45 -12.02
CA GLU E 126 21.52 22.66 -12.79
C GLU E 126 21.74 23.91 -11.95
N VAL E 127 21.32 23.89 -10.68
CA VAL E 127 21.52 25.06 -9.83
C VAL E 127 23.00 25.29 -9.56
N ARG E 128 23.76 24.20 -9.38
CA ARG E 128 25.20 24.37 -9.23
C ARG E 128 25.83 24.94 -10.49
N ASP E 129 25.42 24.45 -11.66
CA ASP E 129 25.95 24.96 -12.92
C ASP E 129 25.65 26.45 -13.08
N VAL E 130 24.43 26.88 -12.73
CA VAL E 130 24.07 28.28 -12.97
C VAL E 130 24.77 29.19 -11.97
N VAL E 131 24.92 28.73 -10.72
CA VAL E 131 25.62 29.60 -9.77
C VAL E 131 27.09 29.71 -10.16
N ALA E 132 27.69 28.64 -10.70
CA ALA E 132 29.07 28.74 -11.18
C ALA E 132 29.17 29.68 -12.37
N GLU E 133 28.28 29.52 -13.35
CA GLU E 133 28.30 30.39 -14.52
C GLU E 133 28.15 31.85 -14.12
N ALA E 134 27.32 32.13 -13.13
CA ALA E 134 27.20 33.49 -12.62
C ALA E 134 28.50 33.93 -11.98
N ASN E 135 29.12 33.06 -11.18
CA ASN E 135 30.42 33.37 -10.60
C ASN E 135 31.45 33.74 -11.67
N SER E 136 31.26 33.22 -12.89
CA SER E 136 32.17 33.60 -13.97
C SER E 136 32.03 35.07 -14.34
N TYR E 137 30.78 35.55 -14.53
CA TYR E 137 30.54 36.87 -15.10
C TYR E 137 31.04 38.01 -14.22
N ALA E 138 30.45 38.17 -13.04
CA ALA E 138 30.68 39.36 -12.23
C ALA E 138 31.33 38.99 -10.90
N PRO E 139 32.09 39.91 -10.30
CA PRO E 139 32.82 39.59 -9.07
C PRO E 139 31.87 39.25 -7.93
N ASN E 140 32.00 38.02 -7.42
CA ASN E 140 31.19 37.50 -6.33
C ASN E 140 29.70 37.71 -6.61
N TRP E 141 29.24 37.02 -7.65
CA TRP E 141 27.90 37.23 -8.18
C TRP E 141 27.08 35.96 -8.06
N GLY E 142 27.28 35.22 -6.97
CA GLY E 142 26.60 33.94 -6.77
C GLY E 142 25.26 34.01 -6.08
N GLN E 143 25.22 34.56 -4.87
CA GLN E 143 23.99 34.53 -4.07
C GLN E 143 23.04 35.66 -4.45
N VAL E 144 23.57 36.82 -4.86
CA VAL E 144 22.71 37.91 -5.28
C VAL E 144 21.86 37.50 -6.48
N ILE E 145 22.38 36.61 -7.33
CA ILE E 145 21.57 36.05 -8.42
C ILE E 145 20.27 35.47 -7.87
N PHE E 146 20.38 34.59 -6.87
CA PHE E 146 19.18 33.88 -6.45
C PHE E 146 18.29 34.74 -5.56
N GLN E 147 18.86 35.65 -4.79
CA GLN E 147 18.02 36.60 -4.06
C GLN E 147 17.21 37.43 -5.05
N SER E 148 17.86 38.00 -6.07
CA SER E 148 17.14 38.70 -7.12
C SER E 148 16.13 37.80 -7.82
N ALA E 149 16.46 36.52 -7.98
CA ALA E 149 15.56 35.61 -8.67
C ALA E 149 14.26 35.44 -7.89
N ARG E 150 14.35 35.11 -6.61
CA ARG E 150 13.14 34.90 -5.82
C ARG E 150 12.35 36.19 -5.70
N GLU E 151 13.02 37.34 -5.50
CA GLU E 151 12.29 38.60 -5.40
C GLU E 151 11.56 38.91 -6.70
N MET E 152 12.24 38.75 -7.84
CA MET E 152 11.63 39.02 -9.13
C MET E 152 10.43 38.11 -9.36
N ASP E 153 10.56 36.82 -9.06
CA ASP E 153 9.47 35.89 -9.31
C ASP E 153 8.26 36.22 -8.44
N ALA E 154 8.47 36.46 -7.15
CA ALA E 154 7.36 36.78 -6.27
C ALA E 154 6.67 38.07 -6.70
N ASN E 155 7.46 39.11 -7.01
CA ASN E 155 6.85 40.38 -7.42
C ASN E 155 6.08 40.21 -8.71
N ALA E 156 6.58 39.39 -9.64
CA ALA E 156 5.91 39.21 -10.92
C ALA E 156 4.58 38.48 -10.73
N THR E 157 4.57 37.40 -9.95
CA THR E 157 3.31 36.69 -9.75
C THR E 157 2.30 37.55 -8.99
N TYR E 158 2.77 38.37 -8.04
CA TYR E 158 1.86 39.26 -7.34
C TYR E 158 1.28 40.31 -8.30
N ARG E 159 2.10 40.86 -9.18
CA ARG E 159 1.61 41.85 -10.13
C ARG E 159 0.60 41.22 -11.09
N ALA E 160 0.84 39.97 -11.50
CA ALA E 160 -0.12 39.28 -12.36
C ALA E 160 -1.45 39.08 -11.67
N ARG E 161 -1.41 38.61 -10.42
CA ARG E 161 -2.65 38.46 -9.65
C ARG E 161 -3.38 39.80 -9.51
N MET E 162 -2.62 40.88 -9.30
CA MET E 162 -3.24 42.19 -9.14
C MET E 162 -3.93 42.65 -10.42
N GLU E 163 -3.26 42.48 -11.56
CA GLU E 163 -3.89 42.84 -12.83
C GLU E 163 -5.13 41.99 -13.09
N GLU E 164 -5.07 40.71 -12.73
CA GLU E 164 -6.21 39.83 -12.93
C GLU E 164 -7.41 40.30 -12.10
N TYR E 165 -7.18 40.64 -10.84
CA TYR E 165 -8.27 41.14 -10.00
C TYR E 165 -8.75 42.52 -10.42
N GLN E 166 -7.89 43.33 -11.04
CA GLN E 166 -8.29 44.66 -11.46
C GLN E 166 -9.00 44.68 -12.80
N ALA E 167 -8.87 43.64 -13.61
CA ALA E 167 -9.52 43.59 -14.92
C ALA E 167 -10.97 43.15 -14.87
N THR E 168 -11.66 43.36 -13.74
CA THR E 168 -13.05 42.95 -13.57
C THR E 168 -13.99 44.15 -13.36
N VAL E 169 -13.43 45.34 -13.17
CA VAL E 169 -14.22 46.51 -12.82
C VAL E 169 -15.24 46.83 -13.91
N ALA E 170 -14.90 46.57 -15.17
CA ALA E 170 -15.82 46.86 -16.26
C ALA E 170 -17.08 46.02 -16.15
N GLU E 171 -16.93 44.70 -15.99
CA GLU E 171 -18.08 43.82 -15.85
C GLU E 171 -18.85 44.14 -14.57
N GLU E 172 -18.15 44.51 -13.50
CA GLU E 172 -18.84 44.85 -12.26
C GLU E 172 -19.71 46.09 -12.45
N ARG E 173 -19.17 47.13 -13.09
CA ARG E 173 -19.94 48.33 -13.34
C ARG E 173 -21.12 48.05 -14.26
N ALA E 174 -20.91 47.20 -15.27
CA ALA E 174 -22.01 46.85 -16.17
C ALA E 174 -23.12 46.14 -15.42
N TRP E 175 -22.77 45.20 -14.54
CA TRP E 175 -23.77 44.48 -13.76
C TRP E 175 -24.53 45.43 -12.84
N TRP E 176 -23.82 46.35 -12.16
CA TRP E 176 -24.49 47.26 -11.26
C TRP E 176 -25.41 48.21 -12.02
N ASP E 177 -24.98 48.70 -13.18
CA ASP E 177 -25.83 49.56 -14.00
C ASP E 177 -27.03 48.79 -14.53
N LYS E 178 -26.87 47.49 -14.76
CA LYS E 178 -28.00 46.68 -15.20
C LYS E 178 -29.03 46.50 -14.09
N LYS E 179 -28.57 46.20 -12.87
CA LYS E 179 -29.52 45.99 -11.78
C LYS E 179 -30.16 47.29 -11.32
N ARG E 180 -29.53 48.43 -11.56
CA ARG E 180 -30.08 49.71 -11.13
C ARG E 180 -31.35 50.06 -11.89
N THR F 7 21.85 18.32 -25.60
CA THR F 7 21.53 19.07 -24.39
C THR F 7 20.48 20.14 -24.68
N TYR F 8 20.94 21.28 -25.19
CA TYR F 8 20.05 22.40 -25.48
C TYR F 8 19.59 22.36 -26.92
N THR F 9 18.42 22.94 -27.17
CA THR F 9 17.85 23.02 -28.51
C THR F 9 18.24 24.36 -29.13
N HIS F 10 18.88 24.32 -30.29
CA HIS F 10 19.38 25.53 -30.94
C HIS F 10 18.20 26.27 -31.57
N TYR F 11 17.85 27.42 -30.99
CA TYR F 11 16.84 28.29 -31.55
C TYR F 11 17.52 29.37 -32.38
N PRO F 12 17.30 29.44 -33.69
CA PRO F 12 18.02 30.42 -34.50
C PRO F 12 17.58 31.84 -34.21
N LEU F 13 18.43 32.61 -33.56
CA LEU F 13 18.13 33.98 -33.20
C LEU F 13 18.87 34.94 -34.14
N HIS F 14 18.61 36.23 -33.97
CA HIS F 14 19.24 37.25 -34.80
C HIS F 14 19.16 38.58 -34.07
N LEU F 15 20.31 39.14 -33.72
CA LEU F 15 20.34 40.44 -33.05
C LEU F 15 20.26 41.57 -34.07
N ASP F 16 19.67 42.69 -33.65
CA ASP F 16 19.50 43.85 -34.50
C ASP F 16 20.32 45.00 -33.95
N PRO F 17 21.20 45.60 -34.76
CA PRO F 17 22.00 46.73 -34.27
C PRO F 17 21.12 47.93 -33.95
N SER F 18 21.57 48.72 -32.97
CA SER F 18 20.96 49.97 -32.48
C SER F 18 19.67 49.71 -31.71
N SER F 19 19.23 48.46 -31.58
CA SER F 19 18.03 48.13 -30.83
C SER F 19 18.32 47.34 -29.57
N LYS F 20 19.35 46.49 -29.58
CA LYS F 20 19.73 45.66 -28.45
C LYS F 20 18.54 44.86 -27.93
N ALA F 21 17.69 44.40 -28.84
CA ALA F 21 16.53 43.57 -28.51
C ALA F 21 16.52 42.40 -29.47
N VAL F 22 16.84 41.21 -28.96
CA VAL F 22 16.96 40.03 -29.81
C VAL F 22 15.63 39.72 -30.47
N SER F 23 15.68 39.26 -31.72
CA SER F 23 14.49 38.96 -32.50
C SER F 23 14.67 37.61 -33.17
N LEU F 24 13.80 36.66 -32.84
CA LEU F 24 13.91 35.32 -33.38
C LEU F 24 13.57 35.29 -34.87
N ALA F 25 14.50 34.81 -35.68
CA ALA F 25 14.25 34.61 -37.10
C ALA F 25 13.41 33.35 -37.29
N THR F 26 12.66 33.33 -38.38
CA THR F 26 11.62 32.33 -38.55
C THR F 26 12.22 30.92 -38.62
N THR F 27 11.37 29.93 -38.33
CA THR F 27 11.79 28.54 -38.30
C THR F 27 11.21 27.75 -39.48
N GLY F 29 9.33 26.99 -33.30
CA GLY F 29 9.99 25.75 -33.69
C GLY F 29 9.07 24.81 -34.44
N GLN F 30 8.78 25.16 -35.70
CA GLN F 30 7.91 24.39 -36.56
C GLN F 30 6.52 24.17 -35.96
N THR F 31 6.10 25.06 -35.07
CA THR F 31 4.80 24.97 -34.41
C THR F 31 4.42 26.36 -33.90
N PRO F 32 3.19 26.81 -34.14
CA PRO F 32 2.81 28.16 -33.69
C PRO F 32 2.87 28.34 -32.18
N ALA F 33 2.60 27.29 -31.41
CA ALA F 33 2.65 27.41 -29.95
C ALA F 33 4.05 27.77 -29.49
N GLN F 34 5.06 27.03 -29.98
CA GLN F 34 6.44 27.34 -29.60
C GLN F 34 6.84 28.73 -30.09
N THR F 35 6.37 29.13 -31.26
CA THR F 35 6.71 30.45 -31.79
C THR F 35 6.17 31.56 -30.91
N GLU F 36 4.89 31.48 -30.52
CA GLU F 36 4.33 32.51 -29.66
C GLU F 36 4.96 32.47 -28.27
N ALA F 37 5.28 31.28 -27.77
CA ALA F 37 5.92 31.18 -26.45
C ALA F 37 7.28 31.87 -26.46
N VAL F 38 8.11 31.56 -27.46
CA VAL F 38 9.43 32.16 -27.51
C VAL F 38 9.34 33.65 -27.85
N GLU F 39 8.28 34.07 -28.55
CA GLU F 39 8.11 35.50 -28.80
C GLU F 39 7.80 36.25 -27.52
N ALA F 40 6.90 35.71 -26.69
CA ALA F 40 6.62 36.34 -25.41
C ALA F 40 7.85 36.34 -24.51
N GLU F 41 8.57 35.22 -24.45
CA GLU F 41 9.78 35.17 -23.65
C GLU F 41 10.82 36.16 -24.16
N LEU F 42 10.89 36.34 -25.48
CA LEU F 42 11.85 37.27 -26.05
C LEU F 42 11.50 38.71 -25.73
N GLN F 43 10.20 39.05 -25.75
CA GLN F 43 9.78 40.39 -25.35
C GLN F 43 10.10 40.65 -23.88
N GLN F 44 9.85 39.66 -23.02
CA GLN F 44 10.20 39.83 -21.62
C GLN F 44 11.71 39.97 -21.42
N LEU F 45 12.51 39.27 -22.22
CA LEU F 45 13.96 39.42 -22.15
C LEU F 45 14.38 40.82 -22.60
N ASN F 46 13.72 41.35 -23.63
CA ASN F 46 13.99 42.73 -24.04
C ASN F 46 13.68 43.70 -22.92
N ALA F 47 12.55 43.51 -22.23
CA ALA F 47 12.21 44.37 -21.10
C ALA F 47 13.24 44.27 -19.99
N LEU F 48 13.71 43.05 -19.70
CA LEU F 48 14.73 42.87 -18.69
C LEU F 48 16.02 43.59 -19.08
N HIS F 49 16.40 43.52 -20.35
CA HIS F 49 17.61 44.22 -20.79
C HIS F 49 17.45 45.73 -20.66
N ARG F 50 16.26 46.25 -20.99
CA ARG F 50 16.02 47.67 -20.83
C ARG F 50 16.14 48.09 -19.37
N SER F 51 15.57 47.29 -18.46
CA SER F 51 15.67 47.60 -17.04
C SER F 51 17.13 47.56 -16.58
N LEU F 52 17.89 46.57 -17.03
CA LEU F 52 19.27 46.45 -16.60
C LEU F 52 20.12 47.60 -17.12
N ILE F 53 19.88 48.05 -18.36
CA ILE F 53 20.67 49.17 -18.86
C ILE F 53 20.22 50.48 -18.23
N SER F 54 18.97 50.56 -17.78
CA SER F 54 18.52 51.72 -17.04
C SER F 54 18.97 51.72 -15.59
N LEU F 55 19.44 50.58 -15.08
CA LEU F 55 19.86 50.49 -13.69
C LEU F 55 21.03 51.43 -13.40
N ASP F 56 22.18 51.18 -14.03
CA ASP F 56 23.40 51.91 -13.70
C ASP F 56 24.40 51.82 -14.84
N PRO F 57 25.55 52.48 -14.76
CA PRO F 57 26.62 52.26 -15.75
C PRO F 57 27.10 50.82 -15.74
N PRO F 58 27.18 50.14 -14.57
CA PRO F 58 27.34 48.68 -14.61
C PRO F 58 26.04 48.01 -15.00
N ASN F 59 25.98 46.68 -14.96
CA ASN F 59 24.80 45.97 -15.41
C ASN F 59 24.17 45.07 -14.36
N VAL F 60 24.91 44.62 -13.37
CA VAL F 60 24.39 43.64 -12.42
C VAL F 60 23.45 44.33 -11.44
N PRO F 61 22.40 43.67 -10.99
CA PRO F 61 21.50 44.29 -10.00
C PRO F 61 22.09 44.23 -8.61
N PRO F 62 22.01 45.32 -7.86
CA PRO F 62 22.51 45.32 -6.47
C PRO F 62 21.65 44.42 -5.60
N PRO F 63 22.19 43.93 -4.49
CA PRO F 63 21.41 43.05 -3.61
C PRO F 63 20.20 43.77 -3.06
N PRO F 64 19.15 43.04 -2.69
CA PRO F 64 17.91 43.67 -2.22
C PRO F 64 17.87 44.05 -0.75
N LEU F 65 19.00 44.03 -0.05
CA LEU F 65 18.95 44.40 1.37
C LEU F 65 18.86 45.90 1.56
N PRO F 66 19.71 46.72 0.94
CA PRO F 66 19.51 48.17 1.02
C PRO F 66 18.36 48.61 0.13
N ILE F 67 17.74 49.73 0.52
CA ILE F 67 16.55 50.24 -0.15
C ILE F 67 16.78 51.71 -0.49
N ASN F 68 16.52 52.07 -1.74
CA ASN F 68 16.60 53.47 -2.14
C ASN F 68 15.45 54.25 -1.51
N PRO F 69 15.73 55.35 -0.81
CA PRO F 69 14.65 56.07 -0.12
C PRO F 69 13.90 57.07 -1.00
N LYS F 70 14.41 57.39 -2.19
CA LYS F 70 13.77 58.41 -3.02
C LYS F 70 12.40 57.95 -3.49
N ARG F 71 12.27 56.67 -3.87
CA ARG F 71 10.98 56.16 -4.33
C ARG F 71 9.93 56.27 -3.23
N SER F 72 10.25 55.75 -2.04
CA SER F 72 9.29 55.80 -0.94
C SER F 72 8.99 57.24 -0.54
N ALA F 73 9.99 58.12 -0.62
CA ALA F 73 9.76 59.52 -0.29
C ALA F 73 8.76 60.16 -1.25
N GLN F 74 8.98 59.98 -2.56
CA GLN F 74 8.04 60.52 -3.53
C GLN F 74 6.65 59.92 -3.35
N ILE F 75 6.58 58.62 -3.07
CA ILE F 75 5.29 57.96 -2.92
C ILE F 75 4.54 58.52 -1.72
N THR F 76 5.23 58.70 -0.58
CA THR F 76 4.54 59.17 0.61
C THR F 76 4.17 60.65 0.45
N LYS F 77 4.98 61.44 -0.26
CA LYS F 77 4.59 62.82 -0.53
C LYS F 77 3.33 62.88 -1.41
N LEU F 78 3.28 62.05 -2.45
CA LEU F 78 2.09 62.03 -3.30
C LEU F 78 0.86 61.58 -2.52
N LYS F 79 1.01 60.56 -1.67
CA LYS F 79 -0.11 60.10 -0.86
C LYS F 79 -0.56 61.19 0.10
N GLU F 80 0.38 61.93 0.69
CA GLU F 80 0.03 62.98 1.64
C GLU F 80 -0.72 64.11 0.94
N THR F 81 -0.22 64.56 -0.21
CA THR F 81 -0.92 65.65 -0.90
C THR F 81 -2.27 65.20 -1.41
N ALA F 82 -2.39 63.94 -1.86
CA ALA F 82 -3.68 63.43 -2.30
C ALA F 82 -4.66 63.36 -1.14
N ASN F 83 -4.22 62.91 0.03
CA ASN F 83 -5.12 62.83 1.18
C ASN F 83 -5.53 64.22 1.65
N THR F 84 -4.60 65.17 1.65
CA THR F 84 -4.94 66.53 2.07
C THR F 84 -5.88 67.20 1.08
N ALA F 85 -5.77 66.85 -0.22
CA ALA F 85 -6.73 67.38 -1.19
C ALA F 85 -8.09 66.70 -1.02
N TYR F 86 -8.10 65.42 -0.68
CA TYR F 86 -9.36 64.72 -0.46
C TYR F 86 -10.09 65.25 0.76
N LYS F 87 -9.34 65.63 1.80
CA LYS F 87 -9.97 66.17 3.01
C LYS F 87 -10.70 67.47 2.75
N ARG F 88 -10.43 68.13 1.62
CA ARG F 88 -11.13 69.38 1.30
C ARG F 88 -12.59 69.12 0.93
N GLY F 89 -12.89 67.94 0.39
CA GLY F 89 -14.25 67.61 0.02
C GLY F 89 -14.39 67.04 -1.38
N ASN F 90 -13.59 67.54 -2.31
CA ASN F 90 -13.62 67.03 -3.68
C ASN F 90 -13.00 65.64 -3.73
N HIS F 91 -13.45 64.84 -4.70
CA HIS F 91 -13.00 63.46 -4.83
C HIS F 91 -12.46 63.09 -6.20
N GLY F 92 -12.77 63.83 -7.25
CA GLY F 92 -12.27 63.52 -8.57
C GLY F 92 -10.75 63.60 -8.67
N GLU F 93 -10.21 64.79 -8.35
CA GLU F 93 -8.76 64.93 -8.31
C GLU F 93 -8.14 64.02 -7.25
N ALA F 94 -8.88 63.72 -6.18
CA ALA F 94 -8.38 62.83 -5.15
C ALA F 94 -8.16 61.42 -5.72
N VAL F 95 -9.17 60.86 -6.38
CA VAL F 95 -9.03 59.52 -6.93
C VAL F 95 -8.04 59.53 -8.10
N ARG F 96 -7.93 60.64 -8.82
CA ARG F 96 -6.93 60.73 -9.88
C ARG F 96 -5.52 60.65 -9.32
N LEU F 97 -5.24 61.44 -8.27
CA LEU F 97 -3.93 61.38 -7.63
C LEU F 97 -3.68 60.01 -7.02
N TYR F 98 -4.72 59.39 -6.48
CA TYR F 98 -4.57 58.04 -5.94
C TYR F 98 -4.13 57.06 -7.03
N SER F 99 -4.82 57.07 -8.17
CA SER F 99 -4.47 56.17 -9.26
C SER F 99 -3.07 56.46 -9.78
N TYR F 100 -2.69 57.74 -9.83
CA TYR F 100 -1.35 58.09 -10.30
C TYR F 100 -0.28 57.54 -9.34
N ALA F 101 -0.51 57.68 -8.03
CA ALA F 101 0.42 57.12 -7.07
C ALA F 101 0.47 55.59 -7.17
N ILE F 102 -0.67 54.97 -7.43
CA ILE F 102 -0.71 53.52 -7.62
C ILE F 102 0.17 53.11 -8.79
N GLU F 103 0.04 53.81 -9.90
CA GLU F 103 0.86 53.51 -11.07
C GLU F 103 2.34 53.73 -10.79
N MET F 104 2.66 54.83 -10.12
CA MET F 104 4.06 55.12 -9.80
C MET F 104 4.66 54.04 -8.91
N ALA F 105 3.89 53.54 -7.93
CA ALA F 105 4.40 52.51 -7.04
C ALA F 105 4.54 51.18 -7.76
N ALA F 106 3.57 50.83 -8.60
CA ALA F 106 3.59 49.53 -9.25
C ALA F 106 4.58 49.46 -10.41
N GLY F 107 4.95 50.59 -10.99
CA GLY F 107 5.85 50.57 -12.14
C GLY F 107 7.29 50.27 -11.82
N ARG F 108 7.65 50.22 -10.54
CA ARG F 108 9.04 50.08 -10.15
C ARG F 108 9.53 48.65 -10.31
N PRO F 109 10.85 48.45 -10.39
CA PRO F 109 11.38 47.10 -10.66
C PRO F 109 10.98 46.09 -9.60
N GLY F 110 11.21 44.82 -9.92
CA GLY F 110 10.75 43.72 -9.10
C GLY F 110 11.83 43.05 -8.27
N TRP F 111 13.10 43.35 -8.53
CA TRP F 111 14.15 42.76 -7.72
C TRP F 111 14.23 43.40 -6.33
N GLU F 112 13.63 44.56 -6.15
CA GLU F 112 13.55 45.17 -4.83
C GLU F 112 12.62 44.36 -3.94
N PRO F 113 12.75 44.49 -2.62
CA PRO F 113 11.95 43.66 -1.71
C PRO F 113 10.45 43.77 -2.01
N VAL F 114 9.78 42.62 -1.96
CA VAL F 114 8.36 42.57 -2.33
C VAL F 114 7.49 43.21 -1.26
N ASN F 115 7.91 43.14 0.01
CA ASN F 115 7.06 43.61 1.10
C ASN F 115 6.82 45.11 1.02
N LEU F 116 7.81 45.88 0.56
CA LEU F 116 7.65 47.33 0.49
C LEU F 116 6.53 47.69 -0.48
N ALA F 117 6.64 47.21 -1.72
CA ALA F 117 5.60 47.48 -2.71
C ALA F 117 4.26 46.89 -2.29
N ARG F 118 4.27 45.75 -1.61
CA ARG F 118 3.03 45.14 -1.14
C ARG F 118 2.31 46.06 -0.15
N GLU F 119 3.03 46.54 0.85
CA GLU F 119 2.42 47.42 1.84
C GLU F 119 1.97 48.75 1.21
N GLU F 120 2.78 49.29 0.30
CA GLU F 120 2.40 50.55 -0.33
C GLU F 120 1.13 50.39 -1.17
N LEU F 121 1.04 49.31 -1.94
CA LEU F 121 -0.17 49.06 -2.71
C LEU F 121 -1.37 48.81 -1.80
N SER F 122 -1.15 48.14 -0.67
CA SER F 122 -2.22 47.97 0.31
C SER F 122 -2.78 49.31 0.74
N GLY F 123 -1.90 50.20 1.20
CA GLY F 123 -2.36 51.51 1.66
C GLY F 123 -3.05 52.31 0.56
N LEU F 124 -2.46 52.32 -0.64
CA LEU F 124 -3.04 53.12 -1.72
C LEU F 124 -4.39 52.56 -2.15
N TYR F 125 -4.52 51.23 -2.23
CA TYR F 125 -5.80 50.64 -2.58
C TYR F 125 -6.85 50.91 -1.53
N ALA F 126 -6.47 50.87 -0.25
CA ALA F 126 -7.42 51.19 0.80
C ALA F 126 -7.91 52.64 0.68
N ASN F 127 -6.97 53.57 0.46
CA ASN F 127 -7.37 54.97 0.34
C ASN F 127 -8.25 55.19 -0.90
N ARG F 128 -7.92 54.55 -2.02
CA ARG F 128 -8.75 54.72 -3.20
C ARG F 128 -10.12 54.07 -3.02
N ALA F 129 -10.20 52.97 -2.28
CA ALA F 129 -11.49 52.36 -2.00
C ALA F 129 -12.35 53.28 -1.15
N GLN F 130 -11.74 53.93 -0.16
CA GLN F 130 -12.50 54.89 0.65
C GLN F 130 -12.95 56.07 -0.20
N ALA F 131 -12.07 56.57 -1.08
CA ALA F 131 -12.44 57.68 -1.96
C ALA F 131 -13.60 57.30 -2.87
N HIS F 132 -13.59 56.06 -3.37
CA HIS F 132 -14.72 55.60 -4.19
C HIS F 132 -15.98 55.48 -3.37
N MET F 133 -15.87 54.98 -2.14
CA MET F 133 -17.04 54.90 -1.25
C MET F 133 -17.62 56.29 -1.00
N ALA F 134 -16.77 57.32 -1.00
CA ALA F 134 -17.28 58.69 -0.87
C ALA F 134 -18.00 59.18 -2.12
N GLN F 135 -17.85 58.49 -3.24
CA GLN F 135 -18.48 58.89 -4.50
C GLN F 135 -19.69 58.04 -4.85
N GLN F 136 -20.17 57.22 -3.92
CA GLN F 136 -21.32 56.33 -4.11
C GLN F 136 -21.08 55.27 -5.18
N MET F 137 -19.85 55.17 -5.70
CA MET F 137 -19.52 54.16 -6.70
C MET F 137 -19.16 52.87 -5.97
N TRP F 138 -20.09 51.92 -5.95
CA TRP F 138 -19.95 50.71 -5.17
C TRP F 138 -19.05 49.66 -5.83
N PRO F 139 -19.21 49.35 -7.12
CA PRO F 139 -18.40 48.25 -7.68
C PRO F 139 -16.91 48.53 -7.71
N GLU F 140 -16.52 49.73 -8.15
CA GLU F 140 -15.10 50.06 -8.20
C GLU F 140 -14.50 50.11 -6.80
N GLY F 141 -15.24 50.68 -5.84
CA GLY F 141 -14.77 50.65 -4.47
C GLY F 141 -14.61 49.24 -3.92
N TRP F 142 -15.55 48.36 -4.25
CA TRP F 142 -15.46 47.00 -3.76
C TRP F 142 -14.28 46.27 -4.39
N VAL F 143 -14.04 46.48 -5.69
CA VAL F 143 -12.93 45.77 -6.32
C VAL F 143 -11.60 46.33 -5.83
N ASP F 144 -11.53 47.62 -5.53
CA ASP F 144 -10.31 48.18 -4.93
C ASP F 144 -10.09 47.64 -3.53
N ALA F 145 -11.17 47.50 -2.74
CA ALA F 145 -11.04 46.92 -1.41
C ALA F 145 -10.60 45.46 -1.50
N LYS F 146 -11.08 44.73 -2.50
CA LYS F 146 -10.67 43.35 -2.70
C LYS F 146 -9.19 43.27 -3.06
N CYS F 147 -8.73 44.14 -3.94
CA CYS F 147 -7.31 44.20 -4.26
C CYS F 147 -6.49 44.51 -3.02
N SER F 148 -6.94 45.46 -2.21
CA SER F 148 -6.22 45.83 -0.99
C SER F 148 -6.12 44.65 -0.03
N VAL F 149 -7.25 43.97 0.21
CA VAL F 149 -7.25 42.88 1.19
C VAL F 149 -6.46 41.69 0.66
N GLU F 150 -6.40 41.51 -0.66
CA GLU F 150 -5.57 40.44 -1.20
C GLU F 150 -4.09 40.79 -1.12
N SER F 151 -3.76 42.08 -1.18
CA SER F 151 -2.37 42.49 -1.04
C SER F 151 -1.81 42.10 0.32
N LYS F 152 -2.41 42.60 1.40
CA LYS F 152 -1.97 42.29 2.76
C LYS F 152 -3.19 41.96 3.62
N PRO F 153 -3.42 40.68 3.90
CA PRO F 153 -4.61 40.30 4.69
C PRO F 153 -4.48 40.60 6.17
N VAL F 154 -3.34 40.29 6.77
CA VAL F 154 -3.19 40.39 8.21
C VAL F 154 -2.86 41.83 8.60
N GLY F 155 -3.21 42.19 9.83
CA GLY F 155 -2.95 43.52 10.32
C GLY F 155 -3.74 44.63 9.64
N ASN F 156 -4.75 44.28 8.85
CA ASN F 156 -5.56 45.26 8.15
C ASN F 156 -7.03 44.93 8.38
N ALA F 157 -7.80 45.94 8.77
CA ALA F 157 -9.21 45.79 9.04
C ALA F 157 -10.09 46.75 8.25
N LYS F 158 -9.60 47.96 7.98
CA LYS F 158 -10.37 48.91 7.17
C LYS F 158 -10.72 48.33 5.82
N GLY F 159 -9.85 47.51 5.24
CA GLY F 159 -10.15 46.89 3.95
C GLY F 159 -11.36 45.98 4.02
N TRP F 160 -11.34 45.03 4.98
CA TRP F 160 -12.48 44.14 5.14
C TRP F 160 -13.74 44.93 5.44
N TRP F 161 -13.63 45.97 6.27
CA TRP F 161 -14.81 46.75 6.65
C TRP F 161 -15.41 47.45 5.43
N ARG F 162 -14.56 48.07 4.60
CA ARG F 162 -15.06 48.75 3.42
C ARG F 162 -15.63 47.77 2.41
N GLY F 163 -15.01 46.60 2.27
CA GLY F 163 -15.57 45.59 1.39
C GLY F 163 -16.95 45.13 1.84
N GLY F 164 -17.09 44.84 3.13
CA GLY F 164 -18.38 44.43 3.65
C GLY F 164 -19.43 45.52 3.51
N LYS F 165 -19.04 46.77 3.74
CA LYS F 165 -20.00 47.87 3.58
C LYS F 165 -20.43 48.01 2.14
N CYS F 166 -19.49 47.95 1.19
CA CYS F 166 -19.85 48.00 -0.23
C CYS F 166 -20.82 46.89 -0.59
N LEU F 167 -20.53 45.66 -0.16
CA LEU F 167 -21.41 44.54 -0.45
C LEU F 167 -22.80 44.78 0.11
N VAL F 168 -22.90 44.99 1.43
CA VAL F 168 -24.20 45.15 2.08
C VAL F 168 -24.97 46.32 1.46
N GLU F 169 -24.27 47.35 0.99
CA GLU F 169 -24.97 48.47 0.37
C GLU F 169 -25.46 48.12 -1.02
N MET F 170 -24.75 47.26 -1.76
CA MET F 170 -25.14 46.94 -3.12
C MET F 170 -25.99 45.68 -3.22
N GLY F 171 -26.13 44.91 -2.15
CA GLY F 171 -26.88 43.68 -2.17
C GLY F 171 -25.99 42.47 -2.02
N ARG F 172 -26.49 41.32 -2.49
CA ARG F 172 -25.73 40.07 -2.52
C ARG F 172 -25.28 39.69 -1.11
N TYR F 173 -26.26 39.43 -0.25
CA TYR F 173 -26.00 39.23 1.17
C TYR F 173 -25.16 38.00 1.45
N ASP F 174 -25.16 37.01 0.55
CA ASP F 174 -24.38 35.80 0.78
C ASP F 174 -22.89 36.09 0.71
N GLU F 175 -22.46 36.84 -0.30
CA GLU F 175 -21.04 37.19 -0.40
C GLU F 175 -20.61 38.06 0.76
N ALA F 176 -21.49 38.94 1.24
CA ALA F 176 -21.16 39.76 2.40
C ALA F 176 -21.03 38.90 3.65
N ARG F 177 -21.91 37.90 3.81
CA ARG F 177 -21.80 37.00 4.94
C ARG F 177 -20.48 36.25 4.90
N ALA F 178 -20.09 35.74 3.73
CA ALA F 178 -18.83 35.02 3.62
C ALA F 178 -17.64 35.95 3.87
N TRP F 179 -17.73 37.19 3.38
CA TRP F 179 -16.68 38.17 3.61
C TRP F 179 -16.48 38.43 5.09
N ILE F 180 -17.56 38.75 5.79
CA ILE F 180 -17.46 39.04 7.23
C ILE F 180 -17.05 37.79 7.99
N GLU F 181 -17.47 36.61 7.54
CA GLU F 181 -17.06 35.37 8.20
C GLU F 181 -15.55 35.20 8.13
N GLN F 182 -14.97 35.34 6.93
CA GLN F 182 -13.53 35.20 6.79
C GLN F 182 -12.79 36.30 7.56
N ALA F 183 -13.34 37.51 7.55
CA ALA F 183 -12.71 38.62 8.28
C ALA F 183 -12.65 38.32 9.77
N LEU F 184 -13.77 37.87 10.34
CA LEU F 184 -13.80 37.52 11.75
C LEU F 184 -12.93 36.30 12.05
N GLY F 185 -12.78 35.40 11.08
CA GLY F 185 -11.89 34.27 11.27
C GLY F 185 -10.44 34.68 11.35
N ILE F 186 -10.03 35.64 10.52
CA ILE F 186 -8.66 36.11 10.54
C ILE F 186 -8.46 37.23 11.55
N GLU F 187 -9.35 38.22 11.55
CA GLU F 187 -9.29 39.36 12.46
C GLU F 187 -7.95 40.09 12.38
N SER F 191 -9.33 46.22 20.29
CA SER F 191 -9.47 45.71 18.92
C SER F 191 -10.66 46.35 18.22
N ASP F 192 -10.41 47.50 17.59
CA ASP F 192 -11.48 48.19 16.86
C ASP F 192 -11.96 47.37 15.68
N GLY F 193 -11.09 46.57 15.08
CA GLY F 193 -11.49 45.76 13.95
C GLY F 193 -12.55 44.73 14.31
N GLY F 194 -12.39 44.07 15.46
CA GLY F 194 -13.37 43.10 15.88
C GLY F 194 -14.73 43.72 16.16
N LYS F 195 -14.74 44.87 16.83
CA LYS F 195 -16.00 45.55 17.10
C LYS F 195 -16.66 46.01 15.80
N GLU F 196 -15.87 46.53 14.87
CA GLU F 196 -16.42 46.95 13.59
C GLU F 196 -17.01 45.77 12.82
N LEU F 197 -16.30 44.63 12.82
CA LEU F 197 -16.81 43.45 12.14
C LEU F 197 -18.09 42.94 12.78
N ALA F 198 -18.16 42.94 14.11
CA ALA F 198 -19.38 42.52 14.79
C ALA F 198 -20.53 43.45 14.47
N ALA F 199 -20.28 44.76 14.46
CA ALA F 199 -21.33 45.72 14.16
C ALA F 199 -21.81 45.58 12.71
N LEU F 200 -20.89 45.29 11.79
CA LEU F 200 -21.29 45.13 10.40
C LEU F 200 -22.03 43.81 10.18
N LEU F 201 -21.67 42.77 10.92
CA LEU F 201 -22.40 41.50 10.81
C LEU F 201 -23.79 41.60 11.43
N GLU F 202 -23.93 42.38 12.50
CA GLU F 202 -25.25 42.57 13.10
C GLU F 202 -26.18 43.39 12.22
N GLU F 203 -25.64 44.09 11.23
CA GLU F 203 -26.43 44.87 10.29
C GLU F 203 -27.05 44.03 9.18
N ILE F 204 -27.04 42.72 9.32
CA ILE F 204 -27.62 41.82 8.32
C ILE F 204 -29.14 41.91 8.36
#